data_6ZI8
# 
_entry.id   6ZI8 
# 
_audit_conform.dict_name       mmcif_pdbx.dic 
_audit_conform.dict_version    5.397 
_audit_conform.dict_location   http://mmcif.pdb.org/dictionaries/ascii/mmcif_pdbx.dic 
# 
loop_
_database_2.database_id 
_database_2.database_code 
_database_2.pdbx_database_accession 
_database_2.pdbx_DOI 
PDB   6ZI8         pdb_00006zi8 10.2210/pdb6zi8/pdb 
WWPDB D_1292109569 ?            ?                   
# 
loop_
_pdbx_audit_revision_history.ordinal 
_pdbx_audit_revision_history.data_content_type 
_pdbx_audit_revision_history.major_revision 
_pdbx_audit_revision_history.minor_revision 
_pdbx_audit_revision_history.revision_date 
1 'Structure model' 1 0 2021-01-20 
2 'Structure model' 1 1 2024-01-31 
3 'Structure model' 1 2 2024-10-16 
# 
_pdbx_audit_revision_details.ordinal             1 
_pdbx_audit_revision_details.revision_ordinal    1 
_pdbx_audit_revision_details.data_content_type   'Structure model' 
_pdbx_audit_revision_details.provider            repository 
_pdbx_audit_revision_details.type                'Initial release' 
_pdbx_audit_revision_details.description         ? 
_pdbx_audit_revision_details.details             ? 
# 
loop_
_pdbx_audit_revision_group.ordinal 
_pdbx_audit_revision_group.revision_ordinal 
_pdbx_audit_revision_group.data_content_type 
_pdbx_audit_revision_group.group 
1 2 'Structure model' 'Data collection'        
2 2 'Structure model' 'Database references'    
3 2 'Structure model' 'Refinement description' 
4 3 'Structure model' 'Structure summary'      
# 
loop_
_pdbx_audit_revision_category.ordinal 
_pdbx_audit_revision_category.revision_ordinal 
_pdbx_audit_revision_category.data_content_type 
_pdbx_audit_revision_category.category 
1 2 'Structure model' chem_comp_atom                
2 2 'Structure model' chem_comp_bond                
3 2 'Structure model' database_2                    
4 2 'Structure model' pdbx_initial_refinement_model 
5 3 'Structure model' pdbx_entry_details            
6 3 'Structure model' pdbx_modification_feature     
# 
loop_
_pdbx_audit_revision_item.ordinal 
_pdbx_audit_revision_item.revision_ordinal 
_pdbx_audit_revision_item.data_content_type 
_pdbx_audit_revision_item.item 
1 2 'Structure model' '_database_2.pdbx_DOI'                         
2 2 'Structure model' '_database_2.pdbx_database_accession'          
3 3 'Structure model' '_pdbx_entry_details.has_protein_modification' 
# 
_pdbx_database_status.status_code                     REL 
_pdbx_database_status.status_code_sf                  REL 
_pdbx_database_status.status_code_mr                  ? 
_pdbx_database_status.entry_id                        6ZI8 
_pdbx_database_status.recvd_initial_deposition_date   2020-06-25 
_pdbx_database_status.SG_entry                        N 
_pdbx_database_status.deposit_site                    PDBE 
_pdbx_database_status.process_site                    PDBE 
_pdbx_database_status.status_code_cs                  ? 
_pdbx_database_status.status_code_nmr_data            ? 
_pdbx_database_status.methods_development_category    ? 
_pdbx_database_status.pdb_format_compatible           Y 
# 
loop_
_audit_author.name 
_audit_author.pdbx_ordinal 
_audit_author.identifier_ORCID 
'Housset, D.'       1 ? 
'Ling, W.L.'        2 ? 
'Bacia-Verloop, M.' 3 ? 
'Zander, U.'        4 ? 
'McCarthy, A.A.'    5 ? 
'Schoehn, G.'       6 ? 
# 
_citation.abstract                  ? 
_citation.abstract_id_CAS           ? 
_citation.book_id_ISBN              ? 
_citation.book_publisher            ? 
_citation.book_publisher_city       ? 
_citation.book_title                ? 
_citation.coordinate_linkage        ? 
_citation.country                   ? 
_citation.database_id_Medline       ? 
_citation.details                   ? 
_citation.id                        primary 
_citation.journal_abbrev            'Acta Crystallogr D Struct Biol' 
_citation.journal_id_ASTM           ? 
_citation.journal_id_CSD            ? 
_citation.journal_id_ISSN           2059-7983 
_citation.journal_full              ? 
_citation.journal_issue             ? 
_citation.journal_volume            77 
_citation.language                  ? 
_citation.page_first                75 
_citation.page_last                 85 
_citation.title                     
;Statistically correcting dynamical electron scattering improves the refinement of protein nanocrystals, including charge refinement of coordinated metals.
;
_citation.year                      2021 
_citation.database_id_CSD           ? 
_citation.pdbx_database_id_DOI      10.1107/S2059798320014540 
_citation.pdbx_database_id_PubMed   33404527 
_citation.unpublished_flag          ? 
# 
loop_
_citation_author.citation_id 
_citation_author.name 
_citation_author.ordinal 
_citation_author.identifier_ORCID 
primary 'Blum, T.B.'        1  ?                   
primary 'Housset, D.'       2  0000-0003-1732-0193 
primary 'Clabbers, M.T.B.'  3  ?                   
primary 'van Genderen, E.'  4  0000-0001-5043-6126 
primary 'Bacia-Verloop, M.' 5  ?                   
primary 'Zander, U.'        6  ?                   
primary 'McCarthy, A.A.'    7  0000-0003-4478-0136 
primary 'Schoehn, G.'       8  0000-0002-1459-3201 
primary 'Ling, W.L.'        9  0000-0002-4264-5750 
primary 'Abrahams, J.P.'    10 0000-0001-8216-1868 
# 
loop_
_entity.id 
_entity.type 
_entity.src_method 
_entity.pdbx_description 
_entity.formula_weight 
_entity.pdbx_number_of_molecules 
_entity.pdbx_ec 
_entity.pdbx_mutation 
_entity.pdbx_fragment 
_entity.details 
1 polymer     nat Insulin        11404.241 4  ? ? ? ? 
2 non-polymer syn 'ZINC ION'     65.409    2  ? ? ? ? 
3 non-polymer syn 'CHLORIDE ION' 35.453    2  ? ? ? ? 
4 water       nat water          18.015    23 ? ? ? ? 
# 
_entity_poly.entity_id                      1 
_entity_poly.type                           'polypeptide(L)' 
_entity_poly.nstd_linkage                   no 
_entity_poly.nstd_monomer                   no 
_entity_poly.pdbx_seq_one_letter_code       
;MALWTRLRPLLALLALWPPPPARAFVNQHLCGSHLVEALYLVCGERGFFYTPKARREVEGPQVGALELAGGPGAGGLEGP
PQKRGIVEQCCASVCSLYQLENYCN
;
_entity_poly.pdbx_seq_one_letter_code_can   
;MALWTRLRPLLALLALWPPPPARAFVNQHLCGSHLVEALYLVCGERGFFYTPKARREVEGPQVGALELAGGPGAGGLEGP
PQKRGIVEQCCASVCSLYQLENYCN
;
_entity_poly.pdbx_strand_id                 A,B,C,D 
_entity_poly.pdbx_target_identifier         ? 
# 
loop_
_pdbx_entity_nonpoly.entity_id 
_pdbx_entity_nonpoly.name 
_pdbx_entity_nonpoly.comp_id 
2 'ZINC ION'     ZN  
3 'CHLORIDE ION' CL  
4 water          HOH 
# 
loop_
_entity_poly_seq.entity_id 
_entity_poly_seq.num 
_entity_poly_seq.mon_id 
_entity_poly_seq.hetero 
1 1   MET n 
1 2   ALA n 
1 3   LEU n 
1 4   TRP n 
1 5   THR n 
1 6   ARG n 
1 7   LEU n 
1 8   ARG n 
1 9   PRO n 
1 10  LEU n 
1 11  LEU n 
1 12  ALA n 
1 13  LEU n 
1 14  LEU n 
1 15  ALA n 
1 16  LEU n 
1 17  TRP n 
1 18  PRO n 
1 19  PRO n 
1 20  PRO n 
1 21  PRO n 
1 22  ALA n 
1 23  ARG n 
1 24  ALA n 
1 25  PHE n 
1 26  VAL n 
1 27  ASN n 
1 28  GLN n 
1 29  HIS n 
1 30  LEU n 
1 31  CYS n 
1 32  GLY n 
1 33  SER n 
1 34  HIS n 
1 35  LEU n 
1 36  VAL n 
1 37  GLU n 
1 38  ALA n 
1 39  LEU n 
1 40  TYR n 
1 41  LEU n 
1 42  VAL n 
1 43  CYS n 
1 44  GLY n 
1 45  GLU n 
1 46  ARG n 
1 47  GLY n 
1 48  PHE n 
1 49  PHE n 
1 50  TYR n 
1 51  THR n 
1 52  PRO n 
1 53  LYS n 
1 54  ALA n 
1 55  ARG n 
1 56  ARG n 
1 57  GLU n 
1 58  VAL n 
1 59  GLU n 
1 60  GLY n 
1 61  PRO n 
1 62  GLN n 
1 63  VAL n 
1 64  GLY n 
1 65  ALA n 
1 66  LEU n 
1 67  GLU n 
1 68  LEU n 
1 69  ALA n 
1 70  GLY n 
1 71  GLY n 
1 72  PRO n 
1 73  GLY n 
1 74  ALA n 
1 75  GLY n 
1 76  GLY n 
1 77  LEU n 
1 78  GLU n 
1 79  GLY n 
1 80  PRO n 
1 81  PRO n 
1 82  GLN n 
1 83  LYS n 
1 84  ARG n 
1 85  GLY n 
1 86  ILE n 
1 87  VAL n 
1 88  GLU n 
1 89  GLN n 
1 90  CYS n 
1 91  CYS n 
1 92  ALA n 
1 93  SER n 
1 94  VAL n 
1 95  CYS n 
1 96  SER n 
1 97  LEU n 
1 98  TYR n 
1 99  GLN n 
1 100 LEU n 
1 101 GLU n 
1 102 ASN n 
1 103 TYR n 
1 104 CYS n 
1 105 ASN n 
# 
_entity_src_nat.entity_id                  1 
_entity_src_nat.pdbx_src_id                1 
_entity_src_nat.pdbx_alt_source_flag       sample 
_entity_src_nat.pdbx_beg_seq_num           1 
_entity_src_nat.pdbx_end_seq_num           105 
_entity_src_nat.common_name                Cattle 
_entity_src_nat.pdbx_organism_scientific   'Bos taurus' 
_entity_src_nat.pdbx_ncbi_taxonomy_id      9913 
_entity_src_nat.genus                      ? 
_entity_src_nat.species                    ? 
_entity_src_nat.strain                     ? 
_entity_src_nat.tissue                     ? 
_entity_src_nat.tissue_fraction            ? 
_entity_src_nat.pdbx_secretion             ? 
_entity_src_nat.pdbx_fragment              ? 
_entity_src_nat.pdbx_variant               ? 
_entity_src_nat.pdbx_cell_line             ? 
_entity_src_nat.pdbx_atcc                  ? 
_entity_src_nat.pdbx_cellular_location     ? 
_entity_src_nat.pdbx_organ                 ? 
_entity_src_nat.pdbx_organelle             ? 
_entity_src_nat.pdbx_cell                  ? 
_entity_src_nat.pdbx_plasmid_name          ? 
_entity_src_nat.pdbx_plasmid_details       ? 
_entity_src_nat.details                    ? 
# 
loop_
_chem_comp.id 
_chem_comp.type 
_chem_comp.mon_nstd_flag 
_chem_comp.name 
_chem_comp.pdbx_synonyms 
_chem_comp.formula 
_chem_comp.formula_weight 
ALA 'L-peptide linking' y ALANINE         ? 'C3 H7 N O2'     89.093  
ARG 'L-peptide linking' y ARGININE        ? 'C6 H15 N4 O2 1' 175.209 
ASN 'L-peptide linking' y ASPARAGINE      ? 'C4 H8 N2 O3'    132.118 
CL  non-polymer         . 'CHLORIDE ION'  ? 'Cl -1'          35.453  
CYS 'L-peptide linking' y CYSTEINE        ? 'C3 H7 N O2 S'   121.158 
GLN 'L-peptide linking' y GLUTAMINE       ? 'C5 H10 N2 O3'   146.144 
GLU 'L-peptide linking' y 'GLUTAMIC ACID' ? 'C5 H9 N O4'     147.129 
GLY 'peptide linking'   y GLYCINE         ? 'C2 H5 N O2'     75.067  
HIS 'L-peptide linking' y HISTIDINE       ? 'C6 H10 N3 O2 1' 156.162 
HOH non-polymer         . WATER           ? 'H2 O'           18.015  
ILE 'L-peptide linking' y ISOLEUCINE      ? 'C6 H13 N O2'    131.173 
LEU 'L-peptide linking' y LEUCINE         ? 'C6 H13 N O2'    131.173 
LYS 'L-peptide linking' y LYSINE          ? 'C6 H15 N2 O2 1' 147.195 
MET 'L-peptide linking' y METHIONINE      ? 'C5 H11 N O2 S'  149.211 
PHE 'L-peptide linking' y PHENYLALANINE   ? 'C9 H11 N O2'    165.189 
PRO 'L-peptide linking' y PROLINE         ? 'C5 H9 N O2'     115.130 
SER 'L-peptide linking' y SERINE          ? 'C3 H7 N O3'     105.093 
THR 'L-peptide linking' y THREONINE       ? 'C4 H9 N O3'     119.119 
TRP 'L-peptide linking' y TRYPTOPHAN      ? 'C11 H12 N2 O2'  204.225 
TYR 'L-peptide linking' y TYROSINE        ? 'C9 H11 N O3'    181.189 
VAL 'L-peptide linking' y VALINE          ? 'C5 H11 N O2'    117.146 
ZN  non-polymer         . 'ZINC ION'      ? 'Zn 2'           65.409  
# 
loop_
_pdbx_poly_seq_scheme.asym_id 
_pdbx_poly_seq_scheme.entity_id 
_pdbx_poly_seq_scheme.seq_id 
_pdbx_poly_seq_scheme.mon_id 
_pdbx_poly_seq_scheme.ndb_seq_num 
_pdbx_poly_seq_scheme.pdb_seq_num 
_pdbx_poly_seq_scheme.auth_seq_num 
_pdbx_poly_seq_scheme.pdb_mon_id 
_pdbx_poly_seq_scheme.auth_mon_id 
_pdbx_poly_seq_scheme.pdb_strand_id 
_pdbx_poly_seq_scheme.pdb_ins_code 
_pdbx_poly_seq_scheme.hetero 
A 1 1   MET 1   -83 ?  ?   ?   A . n 
A 1 2   ALA 2   -82 ?  ?   ?   A . n 
A 1 3   LEU 3   -81 ?  ?   ?   A . n 
A 1 4   TRP 4   -80 ?  ?   ?   A . n 
A 1 5   THR 5   -79 ?  ?   ?   A . n 
A 1 6   ARG 6   -78 ?  ?   ?   A . n 
A 1 7   LEU 7   -77 ?  ?   ?   A . n 
A 1 8   ARG 8   -76 ?  ?   ?   A . n 
A 1 9   PRO 9   -75 ?  ?   ?   A . n 
A 1 10  LEU 10  -74 ?  ?   ?   A . n 
A 1 11  LEU 11  -73 ?  ?   ?   A . n 
A 1 12  ALA 12  -72 ?  ?   ?   A . n 
A 1 13  LEU 13  -71 ?  ?   ?   A . n 
A 1 14  LEU 14  -70 ?  ?   ?   A . n 
A 1 15  ALA 15  -69 ?  ?   ?   A . n 
A 1 16  LEU 16  -68 ?  ?   ?   A . n 
A 1 17  TRP 17  -67 ?  ?   ?   A . n 
A 1 18  PRO 18  -66 ?  ?   ?   A . n 
A 1 19  PRO 19  -65 ?  ?   ?   A . n 
A 1 20  PRO 20  -64 ?  ?   ?   A . n 
A 1 21  PRO 21  -63 ?  ?   ?   A . n 
A 1 22  ALA 22  -62 ?  ?   ?   A . n 
A 1 23  ARG 23  -61 ?  ?   ?   A . n 
A 1 24  ALA 24  -60 ?  ?   ?   A . n 
A 1 25  PHE 25  -59 ?  ?   ?   A . n 
A 1 26  VAL 26  -58 ?  ?   ?   A . n 
A 1 27  ASN 27  -57 ?  ?   ?   A . n 
A 1 28  GLN 28  -56 ?  ?   ?   A . n 
A 1 29  HIS 29  -55 ?  ?   ?   A . n 
A 1 30  LEU 30  -54 ?  ?   ?   A . n 
A 1 31  CYS 31  -53 ?  ?   ?   A . n 
A 1 32  GLY 32  -52 ?  ?   ?   A . n 
A 1 33  SER 33  -51 ?  ?   ?   A . n 
A 1 34  HIS 34  -50 ?  ?   ?   A . n 
A 1 35  LEU 35  -49 ?  ?   ?   A . n 
A 1 36  VAL 36  -48 ?  ?   ?   A . n 
A 1 37  GLU 37  -47 ?  ?   ?   A . n 
A 1 38  ALA 38  -46 ?  ?   ?   A . n 
A 1 39  LEU 39  -45 ?  ?   ?   A . n 
A 1 40  TYR 40  -44 ?  ?   ?   A . n 
A 1 41  LEU 41  -43 ?  ?   ?   A . n 
A 1 42  VAL 42  -42 ?  ?   ?   A . n 
A 1 43  CYS 43  -41 ?  ?   ?   A . n 
A 1 44  GLY 44  -40 ?  ?   ?   A . n 
A 1 45  GLU 45  -39 ?  ?   ?   A . n 
A 1 46  ARG 46  -38 ?  ?   ?   A . n 
A 1 47  GLY 47  -37 ?  ?   ?   A . n 
A 1 48  PHE 48  -36 ?  ?   ?   A . n 
A 1 49  PHE 49  -35 ?  ?   ?   A . n 
A 1 50  TYR 50  -34 ?  ?   ?   A . n 
A 1 51  THR 51  -33 ?  ?   ?   A . n 
A 1 52  PRO 52  -32 ?  ?   ?   A . n 
A 1 53  LYS 53  -31 ?  ?   ?   A . n 
A 1 54  ALA 54  -30 ?  ?   ?   A . n 
A 1 55  ARG 55  -29 ?  ?   ?   A . n 
A 1 56  ARG 56  -28 ?  ?   ?   A . n 
A 1 57  GLU 57  -27 ?  ?   ?   A . n 
A 1 58  VAL 58  -26 ?  ?   ?   A . n 
A 1 59  GLU 59  -25 ?  ?   ?   A . n 
A 1 60  GLY 60  -24 ?  ?   ?   A . n 
A 1 61  PRO 61  -23 ?  ?   ?   A . n 
A 1 62  GLN 62  -22 ?  ?   ?   A . n 
A 1 63  VAL 63  -21 ?  ?   ?   A . n 
A 1 64  GLY 64  -20 ?  ?   ?   A . n 
A 1 65  ALA 65  -19 ?  ?   ?   A . n 
A 1 66  LEU 66  -18 ?  ?   ?   A . n 
A 1 67  GLU 67  -17 ?  ?   ?   A . n 
A 1 68  LEU 68  -16 ?  ?   ?   A . n 
A 1 69  ALA 69  -15 ?  ?   ?   A . n 
A 1 70  GLY 70  -14 ?  ?   ?   A . n 
A 1 71  GLY 71  -13 ?  ?   ?   A . n 
A 1 72  PRO 72  -12 ?  ?   ?   A . n 
A 1 73  GLY 73  -11 ?  ?   ?   A . n 
A 1 74  ALA 74  -10 ?  ?   ?   A . n 
A 1 75  GLY 75  -9  ?  ?   ?   A . n 
A 1 76  GLY 76  -8  ?  ?   ?   A . n 
A 1 77  LEU 77  -7  ?  ?   ?   A . n 
A 1 78  GLU 78  -6  ?  ?   ?   A . n 
A 1 79  GLY 79  -5  ?  ?   ?   A . n 
A 1 80  PRO 80  -4  ?  ?   ?   A . n 
A 1 81  PRO 81  -3  ?  ?   ?   A . n 
A 1 82  GLN 82  -2  ?  ?   ?   A . n 
A 1 83  LYS 83  -1  ?  ?   ?   A . n 
A 1 84  ARG 84  0   ?  ?   ?   A . n 
A 1 85  GLY 85  1   1  GLY GLY A . n 
A 1 86  ILE 86  2   2  ILE ILE A . n 
A 1 87  VAL 87  3   3  VAL VAL A . n 
A 1 88  GLU 88  4   4  GLU GLU A . n 
A 1 89  GLN 89  5   5  GLN GLN A . n 
A 1 90  CYS 90  6   6  CYS CYS A . n 
A 1 91  CYS 91  7   7  CYS CYS A . n 
A 1 92  ALA 92  8   8  ALA ALA A . n 
A 1 93  SER 93  9   9  SER SER A . n 
A 1 94  VAL 94  10  10 VAL VAL A . n 
A 1 95  CYS 95  11  11 CYS CYS A . n 
A 1 96  SER 96  12  12 SER SER A . n 
A 1 97  LEU 97  13  13 LEU LEU A . n 
A 1 98  TYR 98  14  14 TYR TYR A . n 
A 1 99  GLN 99  15  15 GLN GLN A . n 
A 1 100 LEU 100 16  16 LEU LEU A . n 
A 1 101 GLU 101 17  17 GLU GLU A . n 
A 1 102 ASN 102 18  18 ASN ASN A . n 
A 1 103 TYR 103 19  19 TYR TYR A . n 
A 1 104 CYS 104 20  20 CYS CYS A . n 
A 1 105 ASN 105 21  21 ASN ASN A . n 
B 1 1   MET 1   -23 ?  ?   ?   B . n 
B 1 2   ALA 2   -22 ?  ?   ?   B . n 
B 1 3   LEU 3   -21 ?  ?   ?   B . n 
B 1 4   TRP 4   -20 ?  ?   ?   B . n 
B 1 5   THR 5   -19 ?  ?   ?   B . n 
B 1 6   ARG 6   -18 ?  ?   ?   B . n 
B 1 7   LEU 7   -17 ?  ?   ?   B . n 
B 1 8   ARG 8   -16 ?  ?   ?   B . n 
B 1 9   PRO 9   -15 ?  ?   ?   B . n 
B 1 10  LEU 10  -14 ?  ?   ?   B . n 
B 1 11  LEU 11  -13 ?  ?   ?   B . n 
B 1 12  ALA 12  -12 ?  ?   ?   B . n 
B 1 13  LEU 13  -11 ?  ?   ?   B . n 
B 1 14  LEU 14  -10 ?  ?   ?   B . n 
B 1 15  ALA 15  -9  ?  ?   ?   B . n 
B 1 16  LEU 16  -8  ?  ?   ?   B . n 
B 1 17  TRP 17  -7  ?  ?   ?   B . n 
B 1 18  PRO 18  -6  ?  ?   ?   B . n 
B 1 19  PRO 19  -5  ?  ?   ?   B . n 
B 1 20  PRO 20  -4  ?  ?   ?   B . n 
B 1 21  PRO 21  -3  ?  ?   ?   B . n 
B 1 22  ALA 22  -2  ?  ?   ?   B . n 
B 1 23  ARG 23  -1  ?  ?   ?   B . n 
B 1 24  ALA 24  0   ?  ?   ?   B . n 
B 1 25  PHE 25  1   1  PHE PHE B . n 
B 1 26  VAL 26  2   2  VAL VAL B . n 
B 1 27  ASN 27  3   3  ASN ASN B . n 
B 1 28  GLN 28  4   4  GLN GLN B . n 
B 1 29  HIS 29  5   5  HIS HIS B . n 
B 1 30  LEU 30  6   6  LEU LEU B . n 
B 1 31  CYS 31  7   7  CYS CYS B . n 
B 1 32  GLY 32  8   8  GLY GLY B . n 
B 1 33  SER 33  9   9  SER SER B . n 
B 1 34  HIS 34  10  10 HIS HIS B . n 
B 1 35  LEU 35  11  11 LEU LEU B . n 
B 1 36  VAL 36  12  12 VAL VAL B . n 
B 1 37  GLU 37  13  13 GLU GLU B . n 
B 1 38  ALA 38  14  14 ALA ALA B . n 
B 1 39  LEU 39  15  15 LEU LEU B . n 
B 1 40  TYR 40  16  16 TYR TYR B . n 
B 1 41  LEU 41  17  17 LEU LEU B . n 
B 1 42  VAL 42  18  18 VAL VAL B . n 
B 1 43  CYS 43  19  19 CYS CYS B . n 
B 1 44  GLY 44  20  20 GLY GLY B . n 
B 1 45  GLU 45  21  21 GLU GLU B . n 
B 1 46  ARG 46  22  22 ARG ARG B . n 
B 1 47  GLY 47  23  23 GLY GLY B . n 
B 1 48  PHE 48  24  24 PHE PHE B . n 
B 1 49  PHE 49  25  25 PHE PHE B . n 
B 1 50  TYR 50  26  26 TYR TYR B . n 
B 1 51  THR 51  27  27 THR THR B . n 
B 1 52  PRO 52  28  28 PRO PRO B . n 
B 1 53  LYS 53  29  29 LYS LYS B . n 
B 1 54  ALA 54  30  ?  ?   ?   B . n 
B 1 55  ARG 55  31  ?  ?   ?   B . n 
B 1 56  ARG 56  32  ?  ?   ?   B . n 
B 1 57  GLU 57  33  ?  ?   ?   B . n 
B 1 58  VAL 58  34  ?  ?   ?   B . n 
B 1 59  GLU 59  35  ?  ?   ?   B . n 
B 1 60  GLY 60  36  ?  ?   ?   B . n 
B 1 61  PRO 61  37  ?  ?   ?   B . n 
B 1 62  GLN 62  38  ?  ?   ?   B . n 
B 1 63  VAL 63  39  ?  ?   ?   B . n 
B 1 64  GLY 64  40  ?  ?   ?   B . n 
B 1 65  ALA 65  41  ?  ?   ?   B . n 
B 1 66  LEU 66  42  ?  ?   ?   B . n 
B 1 67  GLU 67  43  ?  ?   ?   B . n 
B 1 68  LEU 68  44  ?  ?   ?   B . n 
B 1 69  ALA 69  45  ?  ?   ?   B . n 
B 1 70  GLY 70  46  ?  ?   ?   B . n 
B 1 71  GLY 71  47  ?  ?   ?   B . n 
B 1 72  PRO 72  48  ?  ?   ?   B . n 
B 1 73  GLY 73  49  ?  ?   ?   B . n 
B 1 74  ALA 74  50  ?  ?   ?   B . n 
B 1 75  GLY 75  51  ?  ?   ?   B . n 
B 1 76  GLY 76  52  ?  ?   ?   B . n 
B 1 77  LEU 77  53  ?  ?   ?   B . n 
B 1 78  GLU 78  54  ?  ?   ?   B . n 
B 1 79  GLY 79  55  ?  ?   ?   B . n 
B 1 80  PRO 80  56  ?  ?   ?   B . n 
B 1 81  PRO 81  57  ?  ?   ?   B . n 
B 1 82  GLN 82  58  ?  ?   ?   B . n 
B 1 83  LYS 83  59  ?  ?   ?   B . n 
B 1 84  ARG 84  60  ?  ?   ?   B . n 
B 1 85  GLY 85  61  ?  ?   ?   B . n 
B 1 86  ILE 86  62  ?  ?   ?   B . n 
B 1 87  VAL 87  63  ?  ?   ?   B . n 
B 1 88  GLU 88  64  ?  ?   ?   B . n 
B 1 89  GLN 89  65  ?  ?   ?   B . n 
B 1 90  CYS 90  66  ?  ?   ?   B . n 
B 1 91  CYS 91  67  ?  ?   ?   B . n 
B 1 92  ALA 92  68  ?  ?   ?   B . n 
B 1 93  SER 93  69  ?  ?   ?   B . n 
B 1 94  VAL 94  70  ?  ?   ?   B . n 
B 1 95  CYS 95  71  ?  ?   ?   B . n 
B 1 96  SER 96  72  ?  ?   ?   B . n 
B 1 97  LEU 97  73  ?  ?   ?   B . n 
B 1 98  TYR 98  74  ?  ?   ?   B . n 
B 1 99  GLN 99  75  ?  ?   ?   B . n 
B 1 100 LEU 100 76  ?  ?   ?   B . n 
B 1 101 GLU 101 77  ?  ?   ?   B . n 
B 1 102 ASN 102 78  ?  ?   ?   B . n 
B 1 103 TYR 103 79  ?  ?   ?   B . n 
B 1 104 CYS 104 80  ?  ?   ?   B . n 
B 1 105 ASN 105 81  ?  ?   ?   B . n 
C 1 1   MET 1   -83 ?  ?   ?   C . n 
C 1 2   ALA 2   -82 ?  ?   ?   C . n 
C 1 3   LEU 3   -81 ?  ?   ?   C . n 
C 1 4   TRP 4   -80 ?  ?   ?   C . n 
C 1 5   THR 5   -79 ?  ?   ?   C . n 
C 1 6   ARG 6   -78 ?  ?   ?   C . n 
C 1 7   LEU 7   -77 ?  ?   ?   C . n 
C 1 8   ARG 8   -76 ?  ?   ?   C . n 
C 1 9   PRO 9   -75 ?  ?   ?   C . n 
C 1 10  LEU 10  -74 ?  ?   ?   C . n 
C 1 11  LEU 11  -73 ?  ?   ?   C . n 
C 1 12  ALA 12  -72 ?  ?   ?   C . n 
C 1 13  LEU 13  -71 ?  ?   ?   C . n 
C 1 14  LEU 14  -70 ?  ?   ?   C . n 
C 1 15  ALA 15  -69 ?  ?   ?   C . n 
C 1 16  LEU 16  -68 ?  ?   ?   C . n 
C 1 17  TRP 17  -67 ?  ?   ?   C . n 
C 1 18  PRO 18  -66 ?  ?   ?   C . n 
C 1 19  PRO 19  -65 ?  ?   ?   C . n 
C 1 20  PRO 20  -64 ?  ?   ?   C . n 
C 1 21  PRO 21  -63 ?  ?   ?   C . n 
C 1 22  ALA 22  -62 ?  ?   ?   C . n 
C 1 23  ARG 23  -61 ?  ?   ?   C . n 
C 1 24  ALA 24  -60 ?  ?   ?   C . n 
C 1 25  PHE 25  -59 ?  ?   ?   C . n 
C 1 26  VAL 26  -58 ?  ?   ?   C . n 
C 1 27  ASN 27  -57 ?  ?   ?   C . n 
C 1 28  GLN 28  -56 ?  ?   ?   C . n 
C 1 29  HIS 29  -55 ?  ?   ?   C . n 
C 1 30  LEU 30  -54 ?  ?   ?   C . n 
C 1 31  CYS 31  -53 ?  ?   ?   C . n 
C 1 32  GLY 32  -52 ?  ?   ?   C . n 
C 1 33  SER 33  -51 ?  ?   ?   C . n 
C 1 34  HIS 34  -50 ?  ?   ?   C . n 
C 1 35  LEU 35  -49 ?  ?   ?   C . n 
C 1 36  VAL 36  -48 ?  ?   ?   C . n 
C 1 37  GLU 37  -47 ?  ?   ?   C . n 
C 1 38  ALA 38  -46 ?  ?   ?   C . n 
C 1 39  LEU 39  -45 ?  ?   ?   C . n 
C 1 40  TYR 40  -44 ?  ?   ?   C . n 
C 1 41  LEU 41  -43 ?  ?   ?   C . n 
C 1 42  VAL 42  -42 ?  ?   ?   C . n 
C 1 43  CYS 43  -41 ?  ?   ?   C . n 
C 1 44  GLY 44  -40 ?  ?   ?   C . n 
C 1 45  GLU 45  -39 ?  ?   ?   C . n 
C 1 46  ARG 46  -38 ?  ?   ?   C . n 
C 1 47  GLY 47  -37 ?  ?   ?   C . n 
C 1 48  PHE 48  -36 ?  ?   ?   C . n 
C 1 49  PHE 49  -35 ?  ?   ?   C . n 
C 1 50  TYR 50  -34 ?  ?   ?   C . n 
C 1 51  THR 51  -33 ?  ?   ?   C . n 
C 1 52  PRO 52  -32 ?  ?   ?   C . n 
C 1 53  LYS 53  -31 ?  ?   ?   C . n 
C 1 54  ALA 54  -30 ?  ?   ?   C . n 
C 1 55  ARG 55  -29 ?  ?   ?   C . n 
C 1 56  ARG 56  -28 ?  ?   ?   C . n 
C 1 57  GLU 57  -27 ?  ?   ?   C . n 
C 1 58  VAL 58  -26 ?  ?   ?   C . n 
C 1 59  GLU 59  -25 ?  ?   ?   C . n 
C 1 60  GLY 60  -24 ?  ?   ?   C . n 
C 1 61  PRO 61  -23 ?  ?   ?   C . n 
C 1 62  GLN 62  -22 ?  ?   ?   C . n 
C 1 63  VAL 63  -21 ?  ?   ?   C . n 
C 1 64  GLY 64  -20 ?  ?   ?   C . n 
C 1 65  ALA 65  -19 ?  ?   ?   C . n 
C 1 66  LEU 66  -18 ?  ?   ?   C . n 
C 1 67  GLU 67  -17 ?  ?   ?   C . n 
C 1 68  LEU 68  -16 ?  ?   ?   C . n 
C 1 69  ALA 69  -15 ?  ?   ?   C . n 
C 1 70  GLY 70  -14 ?  ?   ?   C . n 
C 1 71  GLY 71  -13 ?  ?   ?   C . n 
C 1 72  PRO 72  -12 ?  ?   ?   C . n 
C 1 73  GLY 73  -11 ?  ?   ?   C . n 
C 1 74  ALA 74  -10 ?  ?   ?   C . n 
C 1 75  GLY 75  -9  ?  ?   ?   C . n 
C 1 76  GLY 76  -8  ?  ?   ?   C . n 
C 1 77  LEU 77  -7  ?  ?   ?   C . n 
C 1 78  GLU 78  -6  ?  ?   ?   C . n 
C 1 79  GLY 79  -5  ?  ?   ?   C . n 
C 1 80  PRO 80  -4  ?  ?   ?   C . n 
C 1 81  PRO 81  -3  ?  ?   ?   C . n 
C 1 82  GLN 82  -2  ?  ?   ?   C . n 
C 1 83  LYS 83  -1  ?  ?   ?   C . n 
C 1 84  ARG 84  0   ?  ?   ?   C . n 
C 1 85  GLY 85  1   1  GLY GLY C . n 
C 1 86  ILE 86  2   2  ILE ILE C . n 
C 1 87  VAL 87  3   3  VAL VAL C . n 
C 1 88  GLU 88  4   4  GLU GLU C . n 
C 1 89  GLN 89  5   5  GLN GLN C . n 
C 1 90  CYS 90  6   6  CYS CYS C . n 
C 1 91  CYS 91  7   7  CYS CYS C . n 
C 1 92  ALA 92  8   8  ALA ALA C . n 
C 1 93  SER 93  9   9  SER SER C . n 
C 1 94  VAL 94  10  10 VAL VAL C . n 
C 1 95  CYS 95  11  11 CYS CYS C . n 
C 1 96  SER 96  12  12 SER SER C . n 
C 1 97  LEU 97  13  13 LEU LEU C . n 
C 1 98  TYR 98  14  14 TYR TYR C . n 
C 1 99  GLN 99  15  15 GLN GLN C . n 
C 1 100 LEU 100 16  16 LEU LEU C . n 
C 1 101 GLU 101 17  17 GLU GLU C . n 
C 1 102 ASN 102 18  18 ASN ASN C . n 
C 1 103 TYR 103 19  19 TYR TYR C . n 
C 1 104 CYS 104 20  20 CYS CYS C . n 
C 1 105 ASN 105 21  21 ASN ASN C . n 
D 1 1   MET 1   -23 ?  ?   ?   D . n 
D 1 2   ALA 2   -22 ?  ?   ?   D . n 
D 1 3   LEU 3   -21 ?  ?   ?   D . n 
D 1 4   TRP 4   -20 ?  ?   ?   D . n 
D 1 5   THR 5   -19 ?  ?   ?   D . n 
D 1 6   ARG 6   -18 ?  ?   ?   D . n 
D 1 7   LEU 7   -17 ?  ?   ?   D . n 
D 1 8   ARG 8   -16 ?  ?   ?   D . n 
D 1 9   PRO 9   -15 ?  ?   ?   D . n 
D 1 10  LEU 10  -14 ?  ?   ?   D . n 
D 1 11  LEU 11  -13 ?  ?   ?   D . n 
D 1 12  ALA 12  -12 ?  ?   ?   D . n 
D 1 13  LEU 13  -11 ?  ?   ?   D . n 
D 1 14  LEU 14  -10 ?  ?   ?   D . n 
D 1 15  ALA 15  -9  ?  ?   ?   D . n 
D 1 16  LEU 16  -8  ?  ?   ?   D . n 
D 1 17  TRP 17  -7  ?  ?   ?   D . n 
D 1 18  PRO 18  -6  ?  ?   ?   D . n 
D 1 19  PRO 19  -5  ?  ?   ?   D . n 
D 1 20  PRO 20  -4  ?  ?   ?   D . n 
D 1 21  PRO 21  -3  ?  ?   ?   D . n 
D 1 22  ALA 22  -2  ?  ?   ?   D . n 
D 1 23  ARG 23  -1  ?  ?   ?   D . n 
D 1 24  ALA 24  0   ?  ?   ?   D . n 
D 1 25  PHE 25  1   ?  ?   ?   D . n 
D 1 26  VAL 26  2   ?  ?   ?   D . n 
D 1 27  ASN 27  3   3  ASN ASN D . n 
D 1 28  GLN 28  4   4  GLN GLN D . n 
D 1 29  HIS 29  5   5  HIS HIS D . n 
D 1 30  LEU 30  6   6  LEU LEU D . n 
D 1 31  CYS 31  7   7  CYS CYS D . n 
D 1 32  GLY 32  8   8  GLY GLY D . n 
D 1 33  SER 33  9   9  SER SER D . n 
D 1 34  HIS 34  10  10 HIS HIS D . n 
D 1 35  LEU 35  11  11 LEU LEU D . n 
D 1 36  VAL 36  12  12 VAL VAL D . n 
D 1 37  GLU 37  13  13 GLU GLU D . n 
D 1 38  ALA 38  14  14 ALA ALA D . n 
D 1 39  LEU 39  15  15 LEU LEU D . n 
D 1 40  TYR 40  16  16 TYR TYR D . n 
D 1 41  LEU 41  17  17 LEU LEU D . n 
D 1 42  VAL 42  18  18 VAL VAL D . n 
D 1 43  CYS 43  19  19 CYS CYS D . n 
D 1 44  GLY 44  20  20 GLY GLY D . n 
D 1 45  GLU 45  21  21 GLU GLU D . n 
D 1 46  ARG 46  22  22 ARG ARG D . n 
D 1 47  GLY 47  23  23 GLY GLY D . n 
D 1 48  PHE 48  24  24 PHE PHE D . n 
D 1 49  PHE 49  25  25 PHE PHE D . n 
D 1 50  TYR 50  26  26 TYR TYR D . n 
D 1 51  THR 51  27  27 THR THR D . n 
D 1 52  PRO 52  28  28 PRO PRO D . n 
D 1 53  LYS 53  29  29 LYS LYS D . n 
D 1 54  ALA 54  30  30 ALA ALA D . n 
D 1 55  ARG 55  31  ?  ?   ?   D . n 
D 1 56  ARG 56  32  ?  ?   ?   D . n 
D 1 57  GLU 57  33  ?  ?   ?   D . n 
D 1 58  VAL 58  34  ?  ?   ?   D . n 
D 1 59  GLU 59  35  ?  ?   ?   D . n 
D 1 60  GLY 60  36  ?  ?   ?   D . n 
D 1 61  PRO 61  37  ?  ?   ?   D . n 
D 1 62  GLN 62  38  ?  ?   ?   D . n 
D 1 63  VAL 63  39  ?  ?   ?   D . n 
D 1 64  GLY 64  40  ?  ?   ?   D . n 
D 1 65  ALA 65  41  ?  ?   ?   D . n 
D 1 66  LEU 66  42  ?  ?   ?   D . n 
D 1 67  GLU 67  43  ?  ?   ?   D . n 
D 1 68  LEU 68  44  ?  ?   ?   D . n 
D 1 69  ALA 69  45  ?  ?   ?   D . n 
D 1 70  GLY 70  46  ?  ?   ?   D . n 
D 1 71  GLY 71  47  ?  ?   ?   D . n 
D 1 72  PRO 72  48  ?  ?   ?   D . n 
D 1 73  GLY 73  49  ?  ?   ?   D . n 
D 1 74  ALA 74  50  ?  ?   ?   D . n 
D 1 75  GLY 75  51  ?  ?   ?   D . n 
D 1 76  GLY 76  52  ?  ?   ?   D . n 
D 1 77  LEU 77  53  ?  ?   ?   D . n 
D 1 78  GLU 78  54  ?  ?   ?   D . n 
D 1 79  GLY 79  55  ?  ?   ?   D . n 
D 1 80  PRO 80  56  ?  ?   ?   D . n 
D 1 81  PRO 81  57  ?  ?   ?   D . n 
D 1 82  GLN 82  58  ?  ?   ?   D . n 
D 1 83  LYS 83  59  ?  ?   ?   D . n 
D 1 84  ARG 84  60  ?  ?   ?   D . n 
D 1 85  GLY 85  61  ?  ?   ?   D . n 
D 1 86  ILE 86  62  ?  ?   ?   D . n 
D 1 87  VAL 87  63  ?  ?   ?   D . n 
D 1 88  GLU 88  64  ?  ?   ?   D . n 
D 1 89  GLN 89  65  ?  ?   ?   D . n 
D 1 90  CYS 90  66  ?  ?   ?   D . n 
D 1 91  CYS 91  67  ?  ?   ?   D . n 
D 1 92  ALA 92  68  ?  ?   ?   D . n 
D 1 93  SER 93  69  ?  ?   ?   D . n 
D 1 94  VAL 94  70  ?  ?   ?   D . n 
D 1 95  CYS 95  71  ?  ?   ?   D . n 
D 1 96  SER 96  72  ?  ?   ?   D . n 
D 1 97  LEU 97  73  ?  ?   ?   D . n 
D 1 98  TYR 98  74  ?  ?   ?   D . n 
D 1 99  GLN 99  75  ?  ?   ?   D . n 
D 1 100 LEU 100 76  ?  ?   ?   D . n 
D 1 101 GLU 101 77  ?  ?   ?   D . n 
D 1 102 ASN 102 78  ?  ?   ?   D . n 
D 1 103 TYR 103 79  ?  ?   ?   D . n 
D 1 104 CYS 104 80  ?  ?   ?   D . n 
D 1 105 ASN 105 81  ?  ?   ?   D . n 
# 
loop_
_pdbx_nonpoly_scheme.asym_id 
_pdbx_nonpoly_scheme.entity_id 
_pdbx_nonpoly_scheme.mon_id 
_pdbx_nonpoly_scheme.ndb_seq_num 
_pdbx_nonpoly_scheme.pdb_seq_num 
_pdbx_nonpoly_scheme.auth_seq_num 
_pdbx_nonpoly_scheme.pdb_mon_id 
_pdbx_nonpoly_scheme.auth_mon_id 
_pdbx_nonpoly_scheme.pdb_strand_id 
_pdbx_nonpoly_scheme.pdb_ins_code 
E 2 ZN  1 101 1  ZN  ZN  B . 
F 3 CL  1 102 2  CL  CL  B . 
G 2 ZN  1 101 3  ZN  ZN  D . 
H 3 CL  1 102 4  CL  CL  D . 
I 4 HOH 1 101 5  HOH HOH A . 
I 4 HOH 2 102 11 HOH HOH A . 
I 4 HOH 3 103 2  HOH HOH A . 
J 4 HOH 1 201 23 HOH HOH B . 
J 4 HOH 2 202 16 HOH HOH B . 
J 4 HOH 3 203 17 HOH HOH B . 
J 4 HOH 4 204 1  HOH HOH B . 
J 4 HOH 5 205 13 HOH HOH B . 
J 4 HOH 6 206 19 HOH HOH B . 
J 4 HOH 7 207 9  HOH HOH B . 
J 4 HOH 8 208 3  HOH HOH B . 
J 4 HOH 9 209 12 HOH HOH B . 
K 4 HOH 1 101 6  HOH HOH C . 
K 4 HOH 2 102 15 HOH HOH C . 
K 4 HOH 3 103 22 HOH HOH C . 
K 4 HOH 4 104 10 HOH HOH C . 
K 4 HOH 5 105 8  HOH HOH C . 
L 4 HOH 1 201 14 HOH HOH D . 
L 4 HOH 2 202 21 HOH HOH D . 
L 4 HOH 3 203 7  HOH HOH D . 
L 4 HOH 4 204 4  HOH HOH D . 
L 4 HOH 5 205 20 HOH HOH D . 
L 4 HOH 6 206 18 HOH HOH D . 
# 
loop_
_pdbx_unobs_or_zero_occ_atoms.id 
_pdbx_unobs_or_zero_occ_atoms.PDB_model_num 
_pdbx_unobs_or_zero_occ_atoms.polymer_flag 
_pdbx_unobs_or_zero_occ_atoms.occupancy_flag 
_pdbx_unobs_or_zero_occ_atoms.auth_asym_id 
_pdbx_unobs_or_zero_occ_atoms.auth_comp_id 
_pdbx_unobs_or_zero_occ_atoms.auth_seq_id 
_pdbx_unobs_or_zero_occ_atoms.PDB_ins_code 
_pdbx_unobs_or_zero_occ_atoms.auth_atom_id 
_pdbx_unobs_or_zero_occ_atoms.label_alt_id 
_pdbx_unobs_or_zero_occ_atoms.label_asym_id 
_pdbx_unobs_or_zero_occ_atoms.label_comp_id 
_pdbx_unobs_or_zero_occ_atoms.label_seq_id 
_pdbx_unobs_or_zero_occ_atoms.label_atom_id 
1 1 Y 1 B GLU 21 ? CG  ? B GLU 45 CG  
2 1 Y 1 B GLU 21 ? CD  ? B GLU 45 CD  
3 1 Y 1 B GLU 21 ? OE1 ? B GLU 45 OE1 
4 1 Y 1 B GLU 21 ? OE2 ? B GLU 45 OE2 
# 
loop_
_software.citation_id 
_software.classification 
_software.compiler_name 
_software.compiler_version 
_software.contact_author 
_software.contact_author_email 
_software.date 
_software.description 
_software.dependencies 
_software.hardware 
_software.language 
_software.location 
_software.mods 
_software.name 
_software.os 
_software.os_version 
_software.type 
_software.version 
_software.pdbx_ordinal 
? refinement        ? ? ? ? ? ? ? ? ? ? ? REFMAC      ? ? ? 5.8.0230 1 
? 'data extraction' ? ? ? ? ? ? ? ? ? ? ? PDB_EXTRACT ? ? ? 3.25     2 
? 'data reduction'  ? ? ? ? ? ? ? ? ? ? ? XDS         ? ? ? .        3 
? 'data scaling'    ? ? ? ? ? ? ? ? ? ? ? XSCALE      ? ? ? .        4 
? phasing           ? ? ? ? ? ? ? ? ? ? ? PHASER      ? ? ? .        5 
# 
_cell.angle_alpha                  90.000 
_cell.angle_alpha_esd              ? 
_cell.angle_beta                   90.000 
_cell.angle_beta_esd               ? 
_cell.angle_gamma                  120.000 
_cell.angle_gamma_esd              ? 
_cell.entry_id                     6ZI8 
_cell.details                      ? 
_cell.formula_units_Z              ? 
_cell.length_a                     81.280 
_cell.length_a_esd                 ? 
_cell.length_b                     81.280 
_cell.length_b_esd                 ? 
_cell.length_c                     33.310 
_cell.length_c_esd                 ? 
_cell.volume                       ? 
_cell.volume_esd                   ? 
_cell.Z_PDB                        36 
_cell.reciprocal_angle_alpha       ? 
_cell.reciprocal_angle_beta        ? 
_cell.reciprocal_angle_gamma       ? 
_cell.reciprocal_angle_alpha_esd   ? 
_cell.reciprocal_angle_beta_esd    ? 
_cell.reciprocal_angle_gamma_esd   ? 
_cell.reciprocal_length_a          ? 
_cell.reciprocal_length_b          ? 
_cell.reciprocal_length_c          ? 
_cell.reciprocal_length_a_esd      ? 
_cell.reciprocal_length_b_esd      ? 
_cell.reciprocal_length_c_esd      ? 
_cell.pdbx_unique_axis             ? 
# 
_symmetry.entry_id                         6ZI8 
_symmetry.cell_setting                     ? 
_symmetry.Int_Tables_number                146 
_symmetry.space_group_name_Hall            ? 
_symmetry.space_group_name_H-M             'H 3' 
_symmetry.pdbx_full_space_group_name_H-M   ? 
# 
_exptl.absorpt_coefficient_mu     ? 
_exptl.absorpt_correction_T_max   ? 
_exptl.absorpt_correction_T_min   ? 
_exptl.absorpt_correction_type    ? 
_exptl.absorpt_process_details    ? 
_exptl.entry_id                   6ZI8 
_exptl.crystals_number            1 
_exptl.details                    ? 
_exptl.method                     'X-RAY DIFFRACTION' 
_exptl.method_details             ? 
# 
_exptl_crystal.colour                      ? 
_exptl_crystal.density_diffrn              ? 
_exptl_crystal.density_Matthews            ? 
_exptl_crystal.density_method              ? 
_exptl_crystal.density_percent_sol         ? 
_exptl_crystal.description                 ? 
_exptl_crystal.F_000                       ? 
_exptl_crystal.id                          1 
_exptl_crystal.preparation                 ? 
_exptl_crystal.size_max                    ? 
_exptl_crystal.size_mid                    ? 
_exptl_crystal.size_min                    ? 
_exptl_crystal.size_rad                    ? 
_exptl_crystal.colour_lustre               ? 
_exptl_crystal.colour_modifier             ? 
_exptl_crystal.colour_primary              ? 
_exptl_crystal.density_meas                ? 
_exptl_crystal.density_meas_esd            ? 
_exptl_crystal.density_meas_gt             ? 
_exptl_crystal.density_meas_lt             ? 
_exptl_crystal.density_meas_temp           ? 
_exptl_crystal.density_meas_temp_esd       ? 
_exptl_crystal.density_meas_temp_gt        ? 
_exptl_crystal.density_meas_temp_lt        ? 
_exptl_crystal.pdbx_crystal_image_url      ? 
_exptl_crystal.pdbx_crystal_image_format   ? 
_exptl_crystal.pdbx_mosaicity              ? 
_exptl_crystal.pdbx_mosaicity_esd          ? 
# 
_exptl_crystal_grow.apparatus       ? 
_exptl_crystal_grow.atmosphere      ? 
_exptl_crystal_grow.crystal_id      1 
_exptl_crystal_grow.details         ? 
_exptl_crystal_grow.method          'BATCH MODE' 
_exptl_crystal_grow.method_ref      ? 
_exptl_crystal_grow.pH              6.5 
_exptl_crystal_grow.pressure        ? 
_exptl_crystal_grow.pressure_esd    ? 
_exptl_crystal_grow.seeding         ? 
_exptl_crystal_grow.seeding_ref     ? 
_exptl_crystal_grow.temp            293 
_exptl_crystal_grow.temp_details    ? 
_exptl_crystal_grow.temp_esd        ? 
_exptl_crystal_grow.time            ? 
_exptl_crystal_grow.pdbx_details    '50mM MES pH 6.5, 10mM ZnCl2, 10mM NaCl in double-distilled water' 
_exptl_crystal_grow.pdbx_pH_range   ? 
# 
_diffrn.ambient_environment              ? 
_diffrn.ambient_temp                     100 
_diffrn.ambient_temp_details             ? 
_diffrn.ambient_temp_esd                 ? 
_diffrn.crystal_id                       1 
_diffrn.crystal_support                  ? 
_diffrn.crystal_treatment                ? 
_diffrn.details                          ? 
_diffrn.id                               1 
_diffrn.ambient_pressure                 ? 
_diffrn.ambient_pressure_esd             ? 
_diffrn.ambient_pressure_gt              ? 
_diffrn.ambient_pressure_lt              ? 
_diffrn.ambient_temp_gt                  ? 
_diffrn.ambient_temp_lt                  ? 
_diffrn.pdbx_serial_crystal_experiment   N 
# 
_diffrn_detector.details                      ? 
_diffrn_detector.detector                     CCD 
_diffrn_detector.diffrn_id                    1 
_diffrn_detector.type                         'ADSC QUANTUM 315r' 
_diffrn_detector.area_resol_mean              ? 
_diffrn_detector.dtime                        ? 
_diffrn_detector.pdbx_frames_total            ? 
_diffrn_detector.pdbx_collection_time_total   ? 
_diffrn_detector.pdbx_collection_date         2018-06-15 
_diffrn_detector.pdbx_frequency               ? 
# 
_diffrn_radiation.collimation                      ? 
_diffrn_radiation.diffrn_id                        1 
_diffrn_radiation.filter_edge                      ? 
_diffrn_radiation.inhomogeneity                    ? 
_diffrn_radiation.monochromator                    mirrors 
_diffrn_radiation.polarisn_norm                    ? 
_diffrn_radiation.polarisn_ratio                   ? 
_diffrn_radiation.probe                            ? 
_diffrn_radiation.type                             ? 
_diffrn_radiation.xray_symbol                      ? 
_diffrn_radiation.wavelength_id                    1 
_diffrn_radiation.pdbx_monochromatic_or_laue_m_l   M 
_diffrn_radiation.pdbx_wavelength_list             ? 
_diffrn_radiation.pdbx_wavelength                  ? 
_diffrn_radiation.pdbx_diffrn_protocol             'SINGLE WAVELENGTH' 
_diffrn_radiation.pdbx_analyzer                    ? 
_diffrn_radiation.pdbx_scattering_type             x-ray 
# 
_diffrn_radiation_wavelength.id           1 
_diffrn_radiation_wavelength.wavelength   0.979855 
_diffrn_radiation_wavelength.wt           1.0 
# 
_diffrn_source.current                     ? 
_diffrn_source.details                     ? 
_diffrn_source.diffrn_id                   1 
_diffrn_source.power                       ? 
_diffrn_source.size                        ? 
_diffrn_source.source                      SYNCHROTRON 
_diffrn_source.target                      ? 
_diffrn_source.type                        'ESRF BEAMLINE BM30A' 
_diffrn_source.voltage                     ? 
_diffrn_source.take-off_angle              ? 
_diffrn_source.pdbx_wavelength_list        0.979855 
_diffrn_source.pdbx_wavelength             ? 
_diffrn_source.pdbx_synchrotron_beamline   BM30A 
_diffrn_source.pdbx_synchrotron_site       ESRF 
# 
_reflns.B_iso_Wilson_estimate            35.6 
_reflns.entry_id                         6ZI8 
_reflns.data_reduction_details           ? 
_reflns.data_reduction_method            ? 
_reflns.d_resolution_high                2.30 
_reflns.d_resolution_low                 24.20 
_reflns.details                          ? 
_reflns.limit_h_max                      ? 
_reflns.limit_h_min                      ? 
_reflns.limit_k_max                      ? 
_reflns.limit_k_min                      ? 
_reflns.limit_l_max                      ? 
_reflns.limit_l_min                      ? 
_reflns.number_all                       ? 
_reflns.number_obs                       3613 
_reflns.observed_criterion               ? 
_reflns.observed_criterion_F_max         ? 
_reflns.observed_criterion_F_min         ? 
_reflns.observed_criterion_I_max         ? 
_reflns.observed_criterion_I_min         ? 
_reflns.observed_criterion_sigma_F       0 
_reflns.observed_criterion_sigma_I       0 
_reflns.percent_possible_obs             99.3 
_reflns.R_free_details                   ? 
_reflns.Rmerge_F_all                     ? 
_reflns.Rmerge_F_obs                     ? 
_reflns.Friedel_coverage                 ? 
_reflns.number_gt                        ? 
_reflns.threshold_expression             ? 
_reflns.pdbx_redundancy                  4.67 
_reflns.pdbx_Rmerge_I_obs                0.095 
_reflns.pdbx_Rmerge_I_all                ? 
_reflns.pdbx_Rsym_value                  0.095 
_reflns.pdbx_netI_over_av_sigmaI         ? 
_reflns.pdbx_netI_over_sigmaI            11.81 
_reflns.pdbx_res_netI_over_av_sigmaI_2   ? 
_reflns.pdbx_res_netI_over_sigmaI_2      ? 
_reflns.pdbx_chi_squared                 ? 
_reflns.pdbx_scaling_rejects             ? 
_reflns.pdbx_d_res_high_opt              ? 
_reflns.pdbx_d_res_low_opt               ? 
_reflns.pdbx_d_res_opt_method            ? 
_reflns.phase_calculation_details        ? 
_reflns.pdbx_Rrim_I_all                  0.107 
_reflns.pdbx_Rpim_I_all                  ? 
_reflns.pdbx_d_opt                       ? 
_reflns.pdbx_number_measured_all         ? 
_reflns.pdbx_diffrn_id                   1 
_reflns.pdbx_ordinal                     1 
_reflns.pdbx_CC_half                     0.993 
_reflns.pdbx_CC_star                     ? 
_reflns.pdbx_R_split                     ? 
# 
_reflns_shell.d_res_high                  2.30 
_reflns_shell.d_res_low                   2.36 
_reflns_shell.meanI_over_sigI_all         ? 
_reflns_shell.meanI_over_sigI_obs         ? 
_reflns_shell.number_measured_all         ? 
_reflns_shell.number_measured_obs         ? 
_reflns_shell.number_possible             ? 
_reflns_shell.number_unique_all           ? 
_reflns_shell.number_unique_obs           239 
_reflns_shell.percent_possible_all        93.7 
_reflns_shell.percent_possible_obs        ? 
_reflns_shell.Rmerge_F_all                ? 
_reflns_shell.Rmerge_F_obs                ? 
_reflns_shell.Rmerge_I_all                ? 
_reflns_shell.Rmerge_I_obs                0.282 
_reflns_shell.meanI_over_sigI_gt          ? 
_reflns_shell.meanI_over_uI_all           ? 
_reflns_shell.meanI_over_uI_gt            ? 
_reflns_shell.number_measured_gt          ? 
_reflns_shell.number_unique_gt            ? 
_reflns_shell.percent_possible_gt         ? 
_reflns_shell.Rmerge_F_gt                 ? 
_reflns_shell.Rmerge_I_gt                 ? 
_reflns_shell.pdbx_redundancy             2.76 
_reflns_shell.pdbx_Rsym_value             0.282 
_reflns_shell.pdbx_chi_squared            ? 
_reflns_shell.pdbx_netI_over_sigmaI_all   ? 
_reflns_shell.pdbx_netI_over_sigmaI_obs   ? 
_reflns_shell.pdbx_Rrim_I_all             0.347 
_reflns_shell.pdbx_Rpim_I_all             ? 
_reflns_shell.pdbx_rejects                ? 
_reflns_shell.pdbx_ordinal                1 
_reflns_shell.pdbx_diffrn_id              1 
_reflns_shell.pdbx_CC_half                0.880 
_reflns_shell.pdbx_CC_star                ? 
_reflns_shell.pdbx_R_split                ? 
# 
_refine.aniso_B[1][1]                            -0.0400 
_refine.aniso_B[1][2]                            -0.0200 
_refine.aniso_B[1][3]                            0.0000 
_refine.aniso_B[2][2]                            -0.0400 
_refine.aniso_B[2][3]                            0.0000 
_refine.aniso_B[3][3]                            0.1300 
_refine.B_iso_max                                66.280 
_refine.B_iso_mean                               33.1860 
_refine.B_iso_min                                20.200 
_refine.correlation_coeff_Fo_to_Fc               0.9590 
_refine.correlation_coeff_Fo_to_Fc_free          0.9150 
_refine.details                                  
'HYDROGENS HAVE BEEN ADDED IN THE RIDING POSITIONS U VALUES      : REFINED INDIVIDUALLY' 
_refine.diff_density_max                         ? 
_refine.diff_density_max_esd                     ? 
_refine.diff_density_min                         ? 
_refine.diff_density_min_esd                     ? 
_refine.diff_density_rms                         ? 
_refine.diff_density_rms_esd                     ? 
_refine.entry_id                                 6ZI8 
_refine.pdbx_refine_id                           'X-RAY DIFFRACTION' 
_refine.ls_abs_structure_details                 ? 
_refine.ls_abs_structure_Flack                   ? 
_refine.ls_abs_structure_Flack_esd               ? 
_refine.ls_abs_structure_Rogers                  ? 
_refine.ls_abs_structure_Rogers_esd              ? 
_refine.ls_d_res_high                            2.3000 
_refine.ls_d_res_low                             24.2000 
_refine.ls_extinction_coef                       ? 
_refine.ls_extinction_coef_esd                   ? 
_refine.ls_extinction_expression                 ? 
_refine.ls_extinction_method                     ? 
_refine.ls_goodness_of_fit_all                   ? 
_refine.ls_goodness_of_fit_all_esd               ? 
_refine.ls_goodness_of_fit_obs                   ? 
_refine.ls_goodness_of_fit_obs_esd               ? 
_refine.ls_hydrogen_treatment                    ? 
_refine.ls_matrix_type                           ? 
_refine.ls_number_constraints                    ? 
_refine.ls_number_parameters                     ? 
_refine.ls_number_reflns_all                     ? 
_refine.ls_number_reflns_obs                     3393 
_refine.ls_number_reflns_R_free                  180 
_refine.ls_number_reflns_R_work                  ? 
_refine.ls_number_restraints                     ? 
_refine.ls_percent_reflns_obs                    98.2400 
_refine.ls_percent_reflns_R_free                 5.0000 
_refine.ls_R_factor_all                          ? 
_refine.ls_R_factor_obs                          0.1661 
_refine.ls_R_factor_R_free                       0.2379 
_refine.ls_R_factor_R_free_error                 ? 
_refine.ls_R_factor_R_free_error_details         ? 
_refine.ls_R_factor_R_work                       0.1623 
_refine.ls_R_Fsqd_factor_obs                     ? 
_refine.ls_R_I_factor_obs                        ? 
_refine.ls_redundancy_reflns_all                 ? 
_refine.ls_redundancy_reflns_obs                 ? 
_refine.ls_restrained_S_all                      ? 
_refine.ls_restrained_S_obs                      ? 
_refine.ls_shift_over_esd_max                    ? 
_refine.ls_shift_over_esd_mean                   ? 
_refine.ls_structure_factor_coef                 ? 
_refine.ls_weighting_details                     ? 
_refine.ls_weighting_scheme                      ? 
_refine.ls_wR_factor_all                         ? 
_refine.ls_wR_factor_obs                         ? 
_refine.ls_wR_factor_R_free                      ? 
_refine.ls_wR_factor_R_work                      ? 
_refine.occupancy_max                            ? 
_refine.occupancy_min                            ? 
_refine.solvent_model_details                    MASK 
_refine.solvent_model_param_bsol                 ? 
_refine.solvent_model_param_ksol                 ? 
_refine.pdbx_R_complete                          ? 
_refine.ls_R_factor_gt                           ? 
_refine.ls_goodness_of_fit_gt                    ? 
_refine.ls_goodness_of_fit_ref                   ? 
_refine.ls_shift_over_su_max                     ? 
_refine.ls_shift_over_su_max_lt                  ? 
_refine.ls_shift_over_su_mean                    ? 
_refine.ls_shift_over_su_mean_lt                 ? 
_refine.pdbx_ls_sigma_I                          ? 
_refine.pdbx_ls_sigma_F                          0.000 
_refine.pdbx_ls_sigma_Fsqd                       ? 
_refine.pdbx_data_cutoff_high_absF               ? 
_refine.pdbx_data_cutoff_high_rms_absF           ? 
_refine.pdbx_data_cutoff_low_absF                ? 
_refine.pdbx_isotropic_thermal_model             ? 
_refine.pdbx_ls_cross_valid_method               THROUGHOUT 
_refine.pdbx_method_to_determine_struct          'MOLECULAR REPLACEMENT' 
_refine.pdbx_starting_model                      2A3G 
_refine.pdbx_stereochemistry_target_values       'MAXIMUM LIKELIHOOD' 
_refine.pdbx_R_Free_selection_details            RANDOM 
_refine.pdbx_stereochem_target_val_spec_case     ? 
_refine.pdbx_overall_ESU_R                       0.8240 
_refine.pdbx_overall_ESU_R_Free                  0.2730 
_refine.pdbx_solvent_vdw_probe_radii             1.2000 
_refine.pdbx_solvent_ion_probe_radii             0.8000 
_refine.pdbx_solvent_shrinkage_radii             0.8000 
_refine.pdbx_real_space_R                        ? 
_refine.pdbx_density_correlation                 ? 
_refine.pdbx_pd_number_of_powder_patterns        ? 
_refine.pdbx_pd_number_of_points                 ? 
_refine.pdbx_pd_meas_number_of_points            ? 
_refine.pdbx_pd_proc_ls_prof_R_factor            ? 
_refine.pdbx_pd_proc_ls_prof_wR_factor           ? 
_refine.pdbx_pd_Marquardt_correlation_coeff      ? 
_refine.pdbx_pd_Fsqrd_R_factor                   ? 
_refine.pdbx_pd_ls_matrix_band_width             ? 
_refine.pdbx_overall_phase_error                 ? 
_refine.pdbx_overall_SU_R_free_Cruickshank_DPI   ? 
_refine.pdbx_overall_SU_R_free_Blow_DPI          ? 
_refine.pdbx_overall_SU_R_Blow_DPI               ? 
_refine.pdbx_TLS_residual_ADP_flag               ? 
_refine.pdbx_diffrn_id                           1 
_refine.overall_SU_B                             7.3820 
_refine.overall_SU_ML                            0.1790 
_refine.overall_SU_R_Cruickshank_DPI             ? 
_refine.overall_SU_R_free                        ? 
_refine.overall_FOM_free_R_set                   ? 
_refine.overall_FOM_work_R_set                   ? 
_refine.pdbx_average_fsc_overall                 ? 
_refine.pdbx_average_fsc_work                    ? 
_refine.pdbx_average_fsc_free                    ? 
# 
_refine_hist.pdbx_refine_id                   'X-RAY DIFFRACTION' 
_refine_hist.cycle_id                         final 
_refine_hist.details                          ? 
_refine_hist.d_res_high                       2.3000 
_refine_hist.d_res_low                        24.2000 
_refine_hist.number_atoms_solvent             23 
_refine_hist.number_atoms_total               799 
_refine_hist.number_reflns_all                ? 
_refine_hist.number_reflns_obs                ? 
_refine_hist.number_reflns_R_free             ? 
_refine_hist.number_reflns_R_work             ? 
_refine_hist.R_factor_all                     ? 
_refine_hist.R_factor_obs                     ? 
_refine_hist.R_factor_R_free                  ? 
_refine_hist.R_factor_R_work                  ? 
_refine_hist.pdbx_number_residues_total       99 
_refine_hist.pdbx_B_iso_mean_ligand           32.08 
_refine_hist.pdbx_B_iso_mean_solvent          35.96 
_refine_hist.pdbx_number_atoms_protein        772 
_refine_hist.pdbx_number_atoms_nucleic_acid   0 
_refine_hist.pdbx_number_atoms_ligand         4 
_refine_hist.pdbx_number_atoms_lipid          ? 
_refine_hist.pdbx_number_atoms_carb           ? 
_refine_hist.pdbx_pseudo_atom_details         ? 
# 
loop_
_refine_ls_restr.pdbx_refine_id 
_refine_ls_restr.criterion 
_refine_ls_restr.dev_ideal 
_refine_ls_restr.dev_ideal_target 
_refine_ls_restr.number 
_refine_ls_restr.rejects 
_refine_ls_restr.type 
_refine_ls_restr.weight 
_refine_ls_restr.pdbx_restraint_function 
'X-RAY DIFFRACTION' ? 0.008  0.014  800  ? r_bond_refined_d       ? ? 
'X-RAY DIFFRACTION' ? 0.001  0.017  677  ? r_bond_other_d         ? ? 
'X-RAY DIFFRACTION' ? 1.174  1.648  1087 ? r_angle_refined_deg    ? ? 
'X-RAY DIFFRACTION' ? 0.909  1.641  1582 ? r_angle_other_deg      ? ? 
'X-RAY DIFFRACTION' ? 6.579  5.000  97   ? r_dihedral_angle_1_deg ? ? 
'X-RAY DIFFRACTION' ? 34.585 23.902 41   ? r_dihedral_angle_2_deg ? ? 
'X-RAY DIFFRACTION' ? 13.715 15.000 122  ? r_dihedral_angle_3_deg ? ? 
'X-RAY DIFFRACTION' ? 21.001 15.000 2    ? r_dihedral_angle_4_deg ? ? 
'X-RAY DIFFRACTION' ? 0.062  0.200  96   ? r_chiral_restr         ? ? 
'X-RAY DIFFRACTION' ? 0.005  0.020  903  ? r_gen_planes_refined   ? ? 
'X-RAY DIFFRACTION' ? 0.001  0.020  161  ? r_gen_planes_other     ? ? 
# 
_refine_ls_shell.pdbx_refine_id                   'X-RAY DIFFRACTION' 
_refine_ls_shell.d_res_high                       2.3000 
_refine_ls_shell.d_res_low                        2.3600 
_refine_ls_shell.number_reflns_all                226 
_refine_ls_shell.number_reflns_obs                ? 
_refine_ls_shell.number_reflns_R_free             9 
_refine_ls_shell.number_reflns_R_work             217 
_refine_ls_shell.percent_reflns_obs               89.3300 
_refine_ls_shell.percent_reflns_R_free            ? 
_refine_ls_shell.R_factor_all                     ? 
_refine_ls_shell.R_factor_obs                     ? 
_refine_ls_shell.R_factor_R_free                  0.3330 
_refine_ls_shell.R_factor_R_free_error            0.0000 
_refine_ls_shell.R_factor_R_work                  0.1300 
_refine_ls_shell.redundancy_reflns_all            ? 
_refine_ls_shell.redundancy_reflns_obs            ? 
_refine_ls_shell.wR_factor_all                    ? 
_refine_ls_shell.wR_factor_obs                    ? 
_refine_ls_shell.wR_factor_R_free                 ? 
_refine_ls_shell.wR_factor_R_work                 ? 
_refine_ls_shell.pdbx_R_complete                  ? 
_refine_ls_shell.pdbx_total_number_of_bins_used   20 
_refine_ls_shell.pdbx_phase_error                 ? 
_refine_ls_shell.pdbx_fsc_work                    ? 
_refine_ls_shell.pdbx_fsc_free                    ? 
# 
_struct.entry_id                     6ZI8 
_struct.title                        'X-ray diffraction structure of bovine insulin at 2.3 A resolution' 
_struct.pdbx_model_details           ? 
_struct.pdbx_formula_weight          ? 
_struct.pdbx_formula_weight_method   ? 
_struct.pdbx_model_type_details      ? 
_struct.pdbx_CASP_flag               N 
# 
_struct_keywords.entry_id        6ZI8 
_struct_keywords.text            'HORMONE, INSULIN FAMILY, CARBOHYDRATE METABOLISM, HORMONE-GROWTH' 
_struct_keywords.pdbx_keywords   HORMONE 
# 
loop_
_struct_asym.id 
_struct_asym.pdbx_blank_PDB_chainid_flag 
_struct_asym.pdbx_modified 
_struct_asym.entity_id 
_struct_asym.details 
A N N 1 ? 
B N N 1 ? 
C N N 1 ? 
D N N 1 ? 
E N N 2 ? 
F N N 3 ? 
G N N 2 ? 
H N N 3 ? 
I N N 4 ? 
J N N 4 ? 
K N N 4 ? 
L N N 4 ? 
# 
_struct_ref.id                         1 
_struct_ref.db_name                    UNP 
_struct_ref.db_code                    INS_BOVIN 
_struct_ref.pdbx_db_accession          P01317 
_struct_ref.pdbx_db_isoform            ? 
_struct_ref.entity_id                  1 
_struct_ref.pdbx_seq_one_letter_code   
;MALWTRLRPLLALLALWPPPPARAFVNQHLCGSHLVEALYLVCGERGFFYTPKARREVEGPQVGALELAGGPGAGGLEGP
PQKRGIVEQCCASVCSLYQLENYCN
;
_struct_ref.pdbx_align_begin           1 
# 
loop_
_struct_ref_seq.align_id 
_struct_ref_seq.ref_id 
_struct_ref_seq.pdbx_PDB_id_code 
_struct_ref_seq.pdbx_strand_id 
_struct_ref_seq.seq_align_beg 
_struct_ref_seq.pdbx_seq_align_beg_ins_code 
_struct_ref_seq.seq_align_end 
_struct_ref_seq.pdbx_seq_align_end_ins_code 
_struct_ref_seq.pdbx_db_accession 
_struct_ref_seq.db_align_beg 
_struct_ref_seq.pdbx_db_align_beg_ins_code 
_struct_ref_seq.db_align_end 
_struct_ref_seq.pdbx_db_align_end_ins_code 
_struct_ref_seq.pdbx_auth_seq_align_beg 
_struct_ref_seq.pdbx_auth_seq_align_end 
1 1 6ZI8 A 1 ? 105 ? P01317 1 ? 105 ? -83 21 
2 1 6ZI8 B 1 ? 105 ? P01317 1 ? 105 ? -23 81 
3 1 6ZI8 C 1 ? 105 ? P01317 1 ? 105 ? -83 21 
4 1 6ZI8 D 1 ? 105 ? P01317 1 ? 105 ? -23 81 
# 
_pdbx_struct_assembly.id                   1 
_pdbx_struct_assembly.details              author_and_software_defined_assembly 
_pdbx_struct_assembly.method_details       PISA 
_pdbx_struct_assembly.oligomeric_details   dodecameric 
_pdbx_struct_assembly.oligomeric_count     12 
# 
loop_
_pdbx_struct_assembly_prop.biol_id 
_pdbx_struct_assembly_prop.type 
_pdbx_struct_assembly_prop.value 
_pdbx_struct_assembly_prop.details 
1 'ABSA (A^2)' 19100 ? 
1 MORE         -308  ? 
1 'SSA (A^2)'  11680 ? 
# 
_pdbx_struct_assembly_gen.assembly_id       1 
_pdbx_struct_assembly_gen.oper_expression   1,2,3 
_pdbx_struct_assembly_gen.asym_id_list      A,B,C,D,E,F,G,H,I,J,K,L 
# 
_pdbx_struct_assembly_auth_evidence.id                     1 
_pdbx_struct_assembly_auth_evidence.assembly_id            1 
_pdbx_struct_assembly_auth_evidence.experimental_support   none 
_pdbx_struct_assembly_auth_evidence.details                'Same as 2A3G entry' 
# 
loop_
_pdbx_struct_oper_list.id 
_pdbx_struct_oper_list.type 
_pdbx_struct_oper_list.name 
_pdbx_struct_oper_list.symmetry_operation 
_pdbx_struct_oper_list.matrix[1][1] 
_pdbx_struct_oper_list.matrix[1][2] 
_pdbx_struct_oper_list.matrix[1][3] 
_pdbx_struct_oper_list.vector[1] 
_pdbx_struct_oper_list.matrix[2][1] 
_pdbx_struct_oper_list.matrix[2][2] 
_pdbx_struct_oper_list.matrix[2][3] 
_pdbx_struct_oper_list.vector[2] 
_pdbx_struct_oper_list.matrix[3][1] 
_pdbx_struct_oper_list.matrix[3][2] 
_pdbx_struct_oper_list.matrix[3][3] 
_pdbx_struct_oper_list.vector[3] 
1 'identity operation'         1_555 x,y,z     1.0000000000  0.0000000000  0.0000000000  0.0000000000   0.0000000000  1.0000000000 0.0000000000 0.0000000000  0.0000000000  0.0000000000 1.0000000000  0.0000000000  
2 'crystal symmetry operation' 2_555 -y,x-y,z  -0.4862916078 -0.1829773607 0.8544236407  -21.9199057262 0.4486123817  0.7868388064 0.4238297108 0.9691152688  -0.7498449194 0.5894098559 -0.3005471986 3.2850122083  
3 'crystal symmetry operation' 3_555 -x+y,-x,z -0.4862916078 0.4486123817  -0.7498449194 -8.6309735917  -0.1829773607 0.7868388064 0.5894098559 -6.7096025706 0.8544236407  0.4238297108 -0.3005471986 19.3054470257 
# 
loop_
_struct_conf.conf_type_id 
_struct_conf.id 
_struct_conf.pdbx_PDB_helix_id 
_struct_conf.beg_label_comp_id 
_struct_conf.beg_label_asym_id 
_struct_conf.beg_label_seq_id 
_struct_conf.pdbx_beg_PDB_ins_code 
_struct_conf.end_label_comp_id 
_struct_conf.end_label_asym_id 
_struct_conf.end_label_seq_id 
_struct_conf.pdbx_end_PDB_ins_code 
_struct_conf.beg_auth_comp_id 
_struct_conf.beg_auth_asym_id 
_struct_conf.beg_auth_seq_id 
_struct_conf.end_auth_comp_id 
_struct_conf.end_auth_asym_id 
_struct_conf.end_auth_seq_id 
_struct_conf.pdbx_PDB_helix_class 
_struct_conf.details 
_struct_conf.pdbx_PDB_helix_length 
HELX_P HELX_P1 AA1 GLY A 85  ? SER A 93  ? GLY A 1  SER A 9  1 ? 9  
HELX_P HELX_P2 AA2 SER A 96  ? ASN A 102 ? SER A 12 ASN A 18 1 ? 7  
HELX_P HELX_P3 AA3 GLY B 32  ? GLY B 44  ? GLY B 8  GLY B 20 1 ? 13 
HELX_P HELX_P4 AA4 GLU B 45  ? GLY B 47  ? GLU B 21 GLY B 23 5 ? 3  
HELX_P HELX_P5 AA5 ILE C 86  ? CYS C 91  ? ILE C 2  CYS C 7  1 ? 6  
HELX_P HELX_P6 AA6 SER C 96  ? GLU C 101 ? SER C 12 GLU C 17 1 ? 6  
HELX_P HELX_P7 AA7 ASN C 102 ? CYS C 104 ? ASN C 18 CYS C 20 5 ? 3  
HELX_P HELX_P8 AA8 GLY D 32  ? GLY D 44  ? GLY D 8  GLY D 20 1 ? 13 
HELX_P HELX_P9 AA9 GLU D 45  ? GLY D 47  ? GLU D 21 GLY D 23 5 ? 3  
# 
_struct_conf_type.id          HELX_P 
_struct_conf_type.criteria    ? 
_struct_conf_type.reference   ? 
# 
loop_
_struct_conn.id 
_struct_conn.conn_type_id 
_struct_conn.pdbx_leaving_atom_flag 
_struct_conn.pdbx_PDB_id 
_struct_conn.ptnr1_label_asym_id 
_struct_conn.ptnr1_label_comp_id 
_struct_conn.ptnr1_label_seq_id 
_struct_conn.ptnr1_label_atom_id 
_struct_conn.pdbx_ptnr1_label_alt_id 
_struct_conn.pdbx_ptnr1_PDB_ins_code 
_struct_conn.pdbx_ptnr1_standard_comp_id 
_struct_conn.ptnr1_symmetry 
_struct_conn.ptnr2_label_asym_id 
_struct_conn.ptnr2_label_comp_id 
_struct_conn.ptnr2_label_seq_id 
_struct_conn.ptnr2_label_atom_id 
_struct_conn.pdbx_ptnr2_label_alt_id 
_struct_conn.pdbx_ptnr2_PDB_ins_code 
_struct_conn.ptnr1_auth_asym_id 
_struct_conn.ptnr1_auth_comp_id 
_struct_conn.ptnr1_auth_seq_id 
_struct_conn.ptnr2_auth_asym_id 
_struct_conn.ptnr2_auth_comp_id 
_struct_conn.ptnr2_auth_seq_id 
_struct_conn.ptnr2_symmetry 
_struct_conn.pdbx_ptnr3_label_atom_id 
_struct_conn.pdbx_ptnr3_label_seq_id 
_struct_conn.pdbx_ptnr3_label_comp_id 
_struct_conn.pdbx_ptnr3_label_asym_id 
_struct_conn.pdbx_ptnr3_label_alt_id 
_struct_conn.pdbx_ptnr3_PDB_ins_code 
_struct_conn.details 
_struct_conn.pdbx_dist_value 
_struct_conn.pdbx_value_order 
_struct_conn.pdbx_role 
disulf1 disulf ? ? A CYS 90  SG  ? ? ? 1_555 A CYS 95 SG ? ? A CYS 6  A CYS 11  1_555 ? ? ? ? ? ? ? 2.031 ? ? 
disulf2 disulf ? ? A CYS 91  SG  ? ? ? 1_555 B CYS 31 SG ? ? A CYS 7  B CYS 7   1_555 ? ? ? ? ? ? ? 2.045 ? ? 
disulf3 disulf ? ? A CYS 104 SG  ? ? ? 1_555 B CYS 43 SG ? ? A CYS 20 B CYS 19  1_555 ? ? ? ? ? ? ? 2.074 ? ? 
disulf4 disulf ? ? C CYS 90  SG  ? ? ? 1_555 C CYS 95 SG ? ? C CYS 6  C CYS 11  1_555 ? ? ? ? ? ? ? 2.069 ? ? 
disulf5 disulf ? ? C CYS 91  SG  ? ? ? 1_555 D CYS 31 SG ? ? C CYS 7  D CYS 7   1_555 ? ? ? ? ? ? ? 2.035 ? ? 
disulf6 disulf ? ? C CYS 104 SG  ? ? ? 1_555 D CYS 43 SG ? ? C CYS 20 D CYS 19  1_555 ? ? ? ? ? ? ? 2.079 ? ? 
metalc1 metalc ? ? B HIS 34  NE2 ? ? ? 1_555 E ZN  .  ZN ? ? B HIS 10 B ZN  101 1_555 ? ? ? ? ? ? ? 2.053 ? ? 
metalc2 metalc ? ? B HIS 34  NE2 ? ? ? 1_555 E ZN  .  ZN ? ? B HIS 10 B ZN  101 2_555 ? ? ? ? ? ? ? 2.053 ? ? 
metalc3 metalc ? ? D HIS 34  NE2 ? ? ? 1_555 G ZN  .  ZN ? ? D HIS 10 D ZN  101 1_555 ? ? ? ? ? ? ? 1.925 ? ? 
metalc4 metalc ? ? D HIS 34  NE2 ? ? ? 1_555 G ZN  .  ZN ? ? D HIS 10 D ZN  101 2_555 ? ? ? ? ? ? ? 1.925 ? ? 
# 
loop_
_struct_conn_type.id 
_struct_conn_type.criteria 
_struct_conn_type.reference 
disulf ? ? 
metalc ? ? 
# 
loop_
_pdbx_struct_conn_angle.id 
_pdbx_struct_conn_angle.ptnr1_label_atom_id 
_pdbx_struct_conn_angle.ptnr1_label_alt_id 
_pdbx_struct_conn_angle.ptnr1_label_asym_id 
_pdbx_struct_conn_angle.ptnr1_label_comp_id 
_pdbx_struct_conn_angle.ptnr1_label_seq_id 
_pdbx_struct_conn_angle.ptnr1_auth_atom_id 
_pdbx_struct_conn_angle.ptnr1_auth_asym_id 
_pdbx_struct_conn_angle.ptnr1_auth_comp_id 
_pdbx_struct_conn_angle.ptnr1_auth_seq_id 
_pdbx_struct_conn_angle.ptnr1_PDB_ins_code 
_pdbx_struct_conn_angle.ptnr1_symmetry 
_pdbx_struct_conn_angle.ptnr2_label_atom_id 
_pdbx_struct_conn_angle.ptnr2_label_alt_id 
_pdbx_struct_conn_angle.ptnr2_label_asym_id 
_pdbx_struct_conn_angle.ptnr2_label_comp_id 
_pdbx_struct_conn_angle.ptnr2_label_seq_id 
_pdbx_struct_conn_angle.ptnr2_auth_atom_id 
_pdbx_struct_conn_angle.ptnr2_auth_asym_id 
_pdbx_struct_conn_angle.ptnr2_auth_comp_id 
_pdbx_struct_conn_angle.ptnr2_auth_seq_id 
_pdbx_struct_conn_angle.ptnr2_PDB_ins_code 
_pdbx_struct_conn_angle.ptnr2_symmetry 
_pdbx_struct_conn_angle.ptnr3_label_atom_id 
_pdbx_struct_conn_angle.ptnr3_label_alt_id 
_pdbx_struct_conn_angle.ptnr3_label_asym_id 
_pdbx_struct_conn_angle.ptnr3_label_comp_id 
_pdbx_struct_conn_angle.ptnr3_label_seq_id 
_pdbx_struct_conn_angle.ptnr3_auth_atom_id 
_pdbx_struct_conn_angle.ptnr3_auth_asym_id 
_pdbx_struct_conn_angle.ptnr3_auth_comp_id 
_pdbx_struct_conn_angle.ptnr3_auth_seq_id 
_pdbx_struct_conn_angle.ptnr3_PDB_ins_code 
_pdbx_struct_conn_angle.ptnr3_symmetry 
_pdbx_struct_conn_angle.value 
_pdbx_struct_conn_angle.value_esd 
1 NE2 ? B HIS 34 ? B HIS 10 ? 1_555 ZN ? E ZN . ? B ZN 101 ? 1_555 NE2 ? B HIS 34 ? B HIS 10 ? 1_555 0.0 ? 
2 NE2 ? D HIS 34 ? D HIS 10 ? 1_555 ZN ? G ZN . ? D ZN 101 ? 1_555 NE2 ? D HIS 34 ? D HIS 10 ? 1_555 0.0 ? 
# 
loop_
_pdbx_modification_feature.ordinal 
_pdbx_modification_feature.label_comp_id 
_pdbx_modification_feature.label_asym_id 
_pdbx_modification_feature.label_seq_id 
_pdbx_modification_feature.label_alt_id 
_pdbx_modification_feature.modified_residue_label_comp_id 
_pdbx_modification_feature.modified_residue_label_asym_id 
_pdbx_modification_feature.modified_residue_label_seq_id 
_pdbx_modification_feature.modified_residue_label_alt_id 
_pdbx_modification_feature.auth_comp_id 
_pdbx_modification_feature.auth_asym_id 
_pdbx_modification_feature.auth_seq_id 
_pdbx_modification_feature.PDB_ins_code 
_pdbx_modification_feature.symmetry 
_pdbx_modification_feature.modified_residue_auth_comp_id 
_pdbx_modification_feature.modified_residue_auth_asym_id 
_pdbx_modification_feature.modified_residue_auth_seq_id 
_pdbx_modification_feature.modified_residue_PDB_ins_code 
_pdbx_modification_feature.modified_residue_symmetry 
_pdbx_modification_feature.comp_id_linking_atom 
_pdbx_modification_feature.modified_residue_id_linking_atom 
_pdbx_modification_feature.modified_residue_id 
_pdbx_modification_feature.ref_pcm_id 
_pdbx_modification_feature.ref_comp_id 
_pdbx_modification_feature.type 
_pdbx_modification_feature.category 
1 CYS A 90  ? CYS A 95 ? CYS A 6  ? 1_555 CYS A 11 ? 1_555 SG SG . . . None 'Disulfide bridge' 
2 CYS A 91  ? CYS B 31 ? CYS A 7  ? 1_555 CYS B 7  ? 1_555 SG SG . . . None 'Disulfide bridge' 
3 CYS A 104 ? CYS B 43 ? CYS A 20 ? 1_555 CYS B 19 ? 1_555 SG SG . . . None 'Disulfide bridge' 
4 CYS C 90  ? CYS C 95 ? CYS C 6  ? 1_555 CYS C 11 ? 1_555 SG SG . . . None 'Disulfide bridge' 
5 CYS C 91  ? CYS D 31 ? CYS C 7  ? 1_555 CYS D 7  ? 1_555 SG SG . . . None 'Disulfide bridge' 
6 CYS C 104 ? CYS D 43 ? CYS C 20 ? 1_555 CYS D 19 ? 1_555 SG SG . . . None 'Disulfide bridge' 
# 
_struct_sheet.id               AA1 
_struct_sheet.type             ? 
_struct_sheet.number_strands   2 
_struct_sheet.details          ? 
# 
_struct_sheet_order.sheet_id     AA1 
_struct_sheet_order.range_id_1   1 
_struct_sheet_order.range_id_2   2 
_struct_sheet_order.offset       ? 
_struct_sheet_order.sense        anti-parallel 
# 
loop_
_struct_sheet_range.sheet_id 
_struct_sheet_range.id 
_struct_sheet_range.beg_label_comp_id 
_struct_sheet_range.beg_label_asym_id 
_struct_sheet_range.beg_label_seq_id 
_struct_sheet_range.pdbx_beg_PDB_ins_code 
_struct_sheet_range.end_label_comp_id 
_struct_sheet_range.end_label_asym_id 
_struct_sheet_range.end_label_seq_id 
_struct_sheet_range.pdbx_end_PDB_ins_code 
_struct_sheet_range.beg_auth_comp_id 
_struct_sheet_range.beg_auth_asym_id 
_struct_sheet_range.beg_auth_seq_id 
_struct_sheet_range.end_auth_comp_id 
_struct_sheet_range.end_auth_asym_id 
_struct_sheet_range.end_auth_seq_id 
AA1 1 PHE B 48 ? TYR B 50 ? PHE B 24 TYR B 26 
AA1 2 PHE D 48 ? TYR D 50 ? PHE D 24 TYR D 26 
# 
_pdbx_struct_sheet_hbond.sheet_id                AA1 
_pdbx_struct_sheet_hbond.range_id_1              1 
_pdbx_struct_sheet_hbond.range_id_2              2 
_pdbx_struct_sheet_hbond.range_1_label_atom_id   N 
_pdbx_struct_sheet_hbond.range_1_label_comp_id   TYR 
_pdbx_struct_sheet_hbond.range_1_label_asym_id   B 
_pdbx_struct_sheet_hbond.range_1_label_seq_id    50 
_pdbx_struct_sheet_hbond.range_1_PDB_ins_code    ? 
_pdbx_struct_sheet_hbond.range_1_auth_atom_id    N 
_pdbx_struct_sheet_hbond.range_1_auth_comp_id    TYR 
_pdbx_struct_sheet_hbond.range_1_auth_asym_id    B 
_pdbx_struct_sheet_hbond.range_1_auth_seq_id     26 
_pdbx_struct_sheet_hbond.range_2_label_atom_id   O 
_pdbx_struct_sheet_hbond.range_2_label_comp_id   PHE 
_pdbx_struct_sheet_hbond.range_2_label_asym_id   D 
_pdbx_struct_sheet_hbond.range_2_label_seq_id    48 
_pdbx_struct_sheet_hbond.range_2_PDB_ins_code    ? 
_pdbx_struct_sheet_hbond.range_2_auth_atom_id    O 
_pdbx_struct_sheet_hbond.range_2_auth_comp_id    PHE 
_pdbx_struct_sheet_hbond.range_2_auth_asym_id    D 
_pdbx_struct_sheet_hbond.range_2_auth_seq_id     24 
# 
loop_
_struct_site.id 
_struct_site.pdbx_evidence_code 
_struct_site.pdbx_auth_asym_id 
_struct_site.pdbx_auth_comp_id 
_struct_site.pdbx_auth_seq_id 
_struct_site.pdbx_auth_ins_code 
_struct_site.pdbx_num_residues 
_struct_site.details 
AC1 Software B ZN 101 ? 6 'binding site for residue ZN B 101' 
AC2 Software B CL 102 ? 6 'binding site for residue CL B 102' 
AC3 Software D ZN 101 ? 6 'binding site for residue ZN D 101' 
AC4 Software D CL 102 ? 9 'binding site for residue CL D 102' 
# 
loop_
_struct_site_gen.id 
_struct_site_gen.site_id 
_struct_site_gen.pdbx_num_res 
_struct_site_gen.label_comp_id 
_struct_site_gen.label_asym_id 
_struct_site_gen.label_seq_id 
_struct_site_gen.pdbx_auth_ins_code 
_struct_site_gen.auth_comp_id 
_struct_site_gen.auth_asym_id 
_struct_site_gen.auth_seq_id 
_struct_site_gen.label_atom_id 
_struct_site_gen.label_alt_id 
_struct_site_gen.symmetry 
_struct_site_gen.details 
1  AC1 6 HIS B 34 ? HIS B 10  . ? 1_555 ? 
2  AC1 6 HIS B 34 ? HIS B 10  . ? 2_555 ? 
3  AC1 6 HIS B 34 ? HIS B 10  . ? 3_555 ? 
4  AC1 6 CL  F .  ? CL  B 102 . ? 3_555 ? 
5  AC1 6 CL  F .  ? CL  B 102 . ? 2_555 ? 
6  AC1 6 CL  F .  ? CL  B 102 . ? 1_555 ? 
7  AC2 6 HIS B 34 ? HIS B 10  . ? 2_555 ? 
8  AC2 6 HIS B 34 ? HIS B 10  . ? 3_555 ? 
9  AC2 6 HIS B 34 ? HIS B 10  . ? 1_555 ? 
10 AC2 6 ZN  E .  ? ZN  B 101 . ? 3_555 ? 
11 AC2 6 ZN  E .  ? ZN  B 101 . ? 2_555 ? 
12 AC2 6 ZN  E .  ? ZN  B 101 . ? 1_555 ? 
13 AC3 6 HIS D 34 ? HIS D 10  . ? 2_555 ? 
14 AC3 6 HIS D 34 ? HIS D 10  . ? 1_555 ? 
15 AC3 6 HIS D 34 ? HIS D 10  . ? 3_555 ? 
16 AC3 6 CL  H .  ? CL  D 102 . ? 3_555 ? 
17 AC3 6 CL  H .  ? CL  D 102 . ? 2_555 ? 
18 AC3 6 CL  H .  ? CL  D 102 . ? 1_555 ? 
19 AC4 9 HIS D 34 ? HIS D 10  . ? 2_555 ? 
20 AC4 9 HIS D 34 ? HIS D 10  . ? 1_555 ? 
21 AC4 9 HIS D 34 ? HIS D 10  . ? 3_555 ? 
22 AC4 9 ZN  G .  ? ZN  D 101 . ? 3_555 ? 
23 AC4 9 ZN  G .  ? ZN  D 101 . ? 2_555 ? 
24 AC4 9 ZN  G .  ? ZN  D 101 . ? 1_555 ? 
25 AC4 9 HOH L .  ? HOH D 206 . ? 3_555 ? 
26 AC4 9 HOH L .  ? HOH D 206 . ? 2_555 ? 
27 AC4 9 HOH L .  ? HOH D 206 . ? 1_555 ? 
# 
_pdbx_entry_details.entry_id                   6ZI8 
_pdbx_entry_details.has_ligand_of_interest     N 
_pdbx_entry_details.compound_details           ? 
_pdbx_entry_details.source_details             ? 
_pdbx_entry_details.nonpolymer_details         ? 
_pdbx_entry_details.sequence_details           ? 
_pdbx_entry_details.has_protein_modification   Y 
# 
_pdbx_validate_close_contact.id               1 
_pdbx_validate_close_contact.PDB_model_num    1 
_pdbx_validate_close_contact.auth_atom_id_1   N 
_pdbx_validate_close_contact.auth_asym_id_1   C 
_pdbx_validate_close_contact.auth_comp_id_1   GLY 
_pdbx_validate_close_contact.auth_seq_id_1    1 
_pdbx_validate_close_contact.PDB_ins_code_1   ? 
_pdbx_validate_close_contact.label_alt_id_1   ? 
_pdbx_validate_close_contact.auth_atom_id_2   O 
_pdbx_validate_close_contact.auth_asym_id_2   C 
_pdbx_validate_close_contact.auth_comp_id_2   HOH 
_pdbx_validate_close_contact.auth_seq_id_2    101 
_pdbx_validate_close_contact.PDB_ins_code_2   ? 
_pdbx_validate_close_contact.label_alt_id_2   ? 
_pdbx_validate_close_contact.dist             2.16 
# 
_pdbx_validate_torsion.id              1 
_pdbx_validate_torsion.PDB_model_num   1 
_pdbx_validate_torsion.auth_comp_id    SER 
_pdbx_validate_torsion.auth_asym_id    A 
_pdbx_validate_torsion.auth_seq_id     9 
_pdbx_validate_torsion.PDB_ins_code    ? 
_pdbx_validate_torsion.label_alt_id    ? 
_pdbx_validate_torsion.phi             -135.22 
_pdbx_validate_torsion.psi             -130.22 
# 
loop_
_pdbx_struct_special_symmetry.id 
_pdbx_struct_special_symmetry.PDB_model_num 
_pdbx_struct_special_symmetry.auth_asym_id 
_pdbx_struct_special_symmetry.auth_comp_id 
_pdbx_struct_special_symmetry.auth_seq_id 
_pdbx_struct_special_symmetry.PDB_ins_code 
_pdbx_struct_special_symmetry.label_asym_id 
_pdbx_struct_special_symmetry.label_comp_id 
_pdbx_struct_special_symmetry.label_seq_id 
1 1 B ZN  101 ? E ZN  . 
2 1 B CL  102 ? F CL  . 
3 1 D ZN  101 ? G ZN  . 
4 1 D CL  102 ? H CL  . 
5 1 D HOH 206 ? L HOH . 
# 
loop_
_pdbx_unobs_or_zero_occ_residues.id 
_pdbx_unobs_or_zero_occ_residues.PDB_model_num 
_pdbx_unobs_or_zero_occ_residues.polymer_flag 
_pdbx_unobs_or_zero_occ_residues.occupancy_flag 
_pdbx_unobs_or_zero_occ_residues.auth_asym_id 
_pdbx_unobs_or_zero_occ_residues.auth_comp_id 
_pdbx_unobs_or_zero_occ_residues.auth_seq_id 
_pdbx_unobs_or_zero_occ_residues.PDB_ins_code 
_pdbx_unobs_or_zero_occ_residues.label_asym_id 
_pdbx_unobs_or_zero_occ_residues.label_comp_id 
_pdbx_unobs_or_zero_occ_residues.label_seq_id 
1   1 Y 1 A MET -83 ? A MET 1   
2   1 Y 1 A ALA -82 ? A ALA 2   
3   1 Y 1 A LEU -81 ? A LEU 3   
4   1 Y 1 A TRP -80 ? A TRP 4   
5   1 Y 1 A THR -79 ? A THR 5   
6   1 Y 1 A ARG -78 ? A ARG 6   
7   1 Y 1 A LEU -77 ? A LEU 7   
8   1 Y 1 A ARG -76 ? A ARG 8   
9   1 Y 1 A PRO -75 ? A PRO 9   
10  1 Y 1 A LEU -74 ? A LEU 10  
11  1 Y 1 A LEU -73 ? A LEU 11  
12  1 Y 1 A ALA -72 ? A ALA 12  
13  1 Y 1 A LEU -71 ? A LEU 13  
14  1 Y 1 A LEU -70 ? A LEU 14  
15  1 Y 1 A ALA -69 ? A ALA 15  
16  1 Y 1 A LEU -68 ? A LEU 16  
17  1 Y 1 A TRP -67 ? A TRP 17  
18  1 Y 1 A PRO -66 ? A PRO 18  
19  1 Y 1 A PRO -65 ? A PRO 19  
20  1 Y 1 A PRO -64 ? A PRO 20  
21  1 Y 1 A PRO -63 ? A PRO 21  
22  1 Y 1 A ALA -62 ? A ALA 22  
23  1 Y 1 A ARG -61 ? A ARG 23  
24  1 Y 1 A ALA -60 ? A ALA 24  
25  1 Y 1 A PHE -59 ? A PHE 25  
26  1 Y 1 A VAL -58 ? A VAL 26  
27  1 Y 1 A ASN -57 ? A ASN 27  
28  1 Y 1 A GLN -56 ? A GLN 28  
29  1 Y 1 A HIS -55 ? A HIS 29  
30  1 Y 1 A LEU -54 ? A LEU 30  
31  1 Y 1 A CYS -53 ? A CYS 31  
32  1 Y 1 A GLY -52 ? A GLY 32  
33  1 Y 1 A SER -51 ? A SER 33  
34  1 Y 1 A HIS -50 ? A HIS 34  
35  1 Y 1 A LEU -49 ? A LEU 35  
36  1 Y 1 A VAL -48 ? A VAL 36  
37  1 Y 1 A GLU -47 ? A GLU 37  
38  1 Y 1 A ALA -46 ? A ALA 38  
39  1 Y 1 A LEU -45 ? A LEU 39  
40  1 Y 1 A TYR -44 ? A TYR 40  
41  1 Y 1 A LEU -43 ? A LEU 41  
42  1 Y 1 A VAL -42 ? A VAL 42  
43  1 Y 1 A CYS -41 ? A CYS 43  
44  1 Y 1 A GLY -40 ? A GLY 44  
45  1 Y 1 A GLU -39 ? A GLU 45  
46  1 Y 1 A ARG -38 ? A ARG 46  
47  1 Y 1 A GLY -37 ? A GLY 47  
48  1 Y 1 A PHE -36 ? A PHE 48  
49  1 Y 1 A PHE -35 ? A PHE 49  
50  1 Y 1 A TYR -34 ? A TYR 50  
51  1 Y 1 A THR -33 ? A THR 51  
52  1 Y 1 A PRO -32 ? A PRO 52  
53  1 Y 1 A LYS -31 ? A LYS 53  
54  1 Y 1 A ALA -30 ? A ALA 54  
55  1 Y 1 A ARG -29 ? A ARG 55  
56  1 Y 1 A ARG -28 ? A ARG 56  
57  1 Y 1 A GLU -27 ? A GLU 57  
58  1 Y 1 A VAL -26 ? A VAL 58  
59  1 Y 1 A GLU -25 ? A GLU 59  
60  1 Y 1 A GLY -24 ? A GLY 60  
61  1 Y 1 A PRO -23 ? A PRO 61  
62  1 Y 1 A GLN -22 ? A GLN 62  
63  1 Y 1 A VAL -21 ? A VAL 63  
64  1 Y 1 A GLY -20 ? A GLY 64  
65  1 Y 1 A ALA -19 ? A ALA 65  
66  1 Y 1 A LEU -18 ? A LEU 66  
67  1 Y 1 A GLU -17 ? A GLU 67  
68  1 Y 1 A LEU -16 ? A LEU 68  
69  1 Y 1 A ALA -15 ? A ALA 69  
70  1 Y 1 A GLY -14 ? A GLY 70  
71  1 Y 1 A GLY -13 ? A GLY 71  
72  1 Y 1 A PRO -12 ? A PRO 72  
73  1 Y 1 A GLY -11 ? A GLY 73  
74  1 Y 1 A ALA -10 ? A ALA 74  
75  1 Y 1 A GLY -9  ? A GLY 75  
76  1 Y 1 A GLY -8  ? A GLY 76  
77  1 Y 1 A LEU -7  ? A LEU 77  
78  1 Y 1 A GLU -6  ? A GLU 78  
79  1 Y 1 A GLY -5  ? A GLY 79  
80  1 Y 1 A PRO -4  ? A PRO 80  
81  1 Y 1 A PRO -3  ? A PRO 81  
82  1 Y 1 A GLN -2  ? A GLN 82  
83  1 Y 1 A LYS -1  ? A LYS 83  
84  1 Y 1 A ARG 0   ? A ARG 84  
85  1 Y 1 B MET -23 ? B MET 1   
86  1 Y 1 B ALA -22 ? B ALA 2   
87  1 Y 1 B LEU -21 ? B LEU 3   
88  1 Y 1 B TRP -20 ? B TRP 4   
89  1 Y 1 B THR -19 ? B THR 5   
90  1 Y 1 B ARG -18 ? B ARG 6   
91  1 Y 1 B LEU -17 ? B LEU 7   
92  1 Y 1 B ARG -16 ? B ARG 8   
93  1 Y 1 B PRO -15 ? B PRO 9   
94  1 Y 1 B LEU -14 ? B LEU 10  
95  1 Y 1 B LEU -13 ? B LEU 11  
96  1 Y 1 B ALA -12 ? B ALA 12  
97  1 Y 1 B LEU -11 ? B LEU 13  
98  1 Y 1 B LEU -10 ? B LEU 14  
99  1 Y 1 B ALA -9  ? B ALA 15  
100 1 Y 1 B LEU -8  ? B LEU 16  
101 1 Y 1 B TRP -7  ? B TRP 17  
102 1 Y 1 B PRO -6  ? B PRO 18  
103 1 Y 1 B PRO -5  ? B PRO 19  
104 1 Y 1 B PRO -4  ? B PRO 20  
105 1 Y 1 B PRO -3  ? B PRO 21  
106 1 Y 1 B ALA -2  ? B ALA 22  
107 1 Y 1 B ARG -1  ? B ARG 23  
108 1 Y 1 B ALA 0   ? B ALA 24  
109 1 Y 1 B ALA 30  ? B ALA 54  
110 1 Y 1 B ARG 31  ? B ARG 55  
111 1 Y 1 B ARG 32  ? B ARG 56  
112 1 Y 1 B GLU 33  ? B GLU 57  
113 1 Y 1 B VAL 34  ? B VAL 58  
114 1 Y 1 B GLU 35  ? B GLU 59  
115 1 Y 1 B GLY 36  ? B GLY 60  
116 1 Y 1 B PRO 37  ? B PRO 61  
117 1 Y 1 B GLN 38  ? B GLN 62  
118 1 Y 1 B VAL 39  ? B VAL 63  
119 1 Y 1 B GLY 40  ? B GLY 64  
120 1 Y 1 B ALA 41  ? B ALA 65  
121 1 Y 1 B LEU 42  ? B LEU 66  
122 1 Y 1 B GLU 43  ? B GLU 67  
123 1 Y 1 B LEU 44  ? B LEU 68  
124 1 Y 1 B ALA 45  ? B ALA 69  
125 1 Y 1 B GLY 46  ? B GLY 70  
126 1 Y 1 B GLY 47  ? B GLY 71  
127 1 Y 1 B PRO 48  ? B PRO 72  
128 1 Y 1 B GLY 49  ? B GLY 73  
129 1 Y 1 B ALA 50  ? B ALA 74  
130 1 Y 1 B GLY 51  ? B GLY 75  
131 1 Y 1 B GLY 52  ? B GLY 76  
132 1 Y 1 B LEU 53  ? B LEU 77  
133 1 Y 1 B GLU 54  ? B GLU 78  
134 1 Y 1 B GLY 55  ? B GLY 79  
135 1 Y 1 B PRO 56  ? B PRO 80  
136 1 Y 1 B PRO 57  ? B PRO 81  
137 1 Y 1 B GLN 58  ? B GLN 82  
138 1 Y 1 B LYS 59  ? B LYS 83  
139 1 Y 1 B ARG 60  ? B ARG 84  
140 1 Y 1 B GLY 61  ? B GLY 85  
141 1 Y 1 B ILE 62  ? B ILE 86  
142 1 Y 1 B VAL 63  ? B VAL 87  
143 1 Y 1 B GLU 64  ? B GLU 88  
144 1 Y 1 B GLN 65  ? B GLN 89  
145 1 Y 1 B CYS 66  ? B CYS 90  
146 1 Y 1 B CYS 67  ? B CYS 91  
147 1 Y 1 B ALA 68  ? B ALA 92  
148 1 Y 1 B SER 69  ? B SER 93  
149 1 Y 1 B VAL 70  ? B VAL 94  
150 1 Y 1 B CYS 71  ? B CYS 95  
151 1 Y 1 B SER 72  ? B SER 96  
152 1 Y 1 B LEU 73  ? B LEU 97  
153 1 Y 1 B TYR 74  ? B TYR 98  
154 1 Y 1 B GLN 75  ? B GLN 99  
155 1 Y 1 B LEU 76  ? B LEU 100 
156 1 Y 1 B GLU 77  ? B GLU 101 
157 1 Y 1 B ASN 78  ? B ASN 102 
158 1 Y 1 B TYR 79  ? B TYR 103 
159 1 Y 1 B CYS 80  ? B CYS 104 
160 1 Y 1 B ASN 81  ? B ASN 105 
161 1 Y 1 C MET -83 ? C MET 1   
162 1 Y 1 C ALA -82 ? C ALA 2   
163 1 Y 1 C LEU -81 ? C LEU 3   
164 1 Y 1 C TRP -80 ? C TRP 4   
165 1 Y 1 C THR -79 ? C THR 5   
166 1 Y 1 C ARG -78 ? C ARG 6   
167 1 Y 1 C LEU -77 ? C LEU 7   
168 1 Y 1 C ARG -76 ? C ARG 8   
169 1 Y 1 C PRO -75 ? C PRO 9   
170 1 Y 1 C LEU -74 ? C LEU 10  
171 1 Y 1 C LEU -73 ? C LEU 11  
172 1 Y 1 C ALA -72 ? C ALA 12  
173 1 Y 1 C LEU -71 ? C LEU 13  
174 1 Y 1 C LEU -70 ? C LEU 14  
175 1 Y 1 C ALA -69 ? C ALA 15  
176 1 Y 1 C LEU -68 ? C LEU 16  
177 1 Y 1 C TRP -67 ? C TRP 17  
178 1 Y 1 C PRO -66 ? C PRO 18  
179 1 Y 1 C PRO -65 ? C PRO 19  
180 1 Y 1 C PRO -64 ? C PRO 20  
181 1 Y 1 C PRO -63 ? C PRO 21  
182 1 Y 1 C ALA -62 ? C ALA 22  
183 1 Y 1 C ARG -61 ? C ARG 23  
184 1 Y 1 C ALA -60 ? C ALA 24  
185 1 Y 1 C PHE -59 ? C PHE 25  
186 1 Y 1 C VAL -58 ? C VAL 26  
187 1 Y 1 C ASN -57 ? C ASN 27  
188 1 Y 1 C GLN -56 ? C GLN 28  
189 1 Y 1 C HIS -55 ? C HIS 29  
190 1 Y 1 C LEU -54 ? C LEU 30  
191 1 Y 1 C CYS -53 ? C CYS 31  
192 1 Y 1 C GLY -52 ? C GLY 32  
193 1 Y 1 C SER -51 ? C SER 33  
194 1 Y 1 C HIS -50 ? C HIS 34  
195 1 Y 1 C LEU -49 ? C LEU 35  
196 1 Y 1 C VAL -48 ? C VAL 36  
197 1 Y 1 C GLU -47 ? C GLU 37  
198 1 Y 1 C ALA -46 ? C ALA 38  
199 1 Y 1 C LEU -45 ? C LEU 39  
200 1 Y 1 C TYR -44 ? C TYR 40  
201 1 Y 1 C LEU -43 ? C LEU 41  
202 1 Y 1 C VAL -42 ? C VAL 42  
203 1 Y 1 C CYS -41 ? C CYS 43  
204 1 Y 1 C GLY -40 ? C GLY 44  
205 1 Y 1 C GLU -39 ? C GLU 45  
206 1 Y 1 C ARG -38 ? C ARG 46  
207 1 Y 1 C GLY -37 ? C GLY 47  
208 1 Y 1 C PHE -36 ? C PHE 48  
209 1 Y 1 C PHE -35 ? C PHE 49  
210 1 Y 1 C TYR -34 ? C TYR 50  
211 1 Y 1 C THR -33 ? C THR 51  
212 1 Y 1 C PRO -32 ? C PRO 52  
213 1 Y 1 C LYS -31 ? C LYS 53  
214 1 Y 1 C ALA -30 ? C ALA 54  
215 1 Y 1 C ARG -29 ? C ARG 55  
216 1 Y 1 C ARG -28 ? C ARG 56  
217 1 Y 1 C GLU -27 ? C GLU 57  
218 1 Y 1 C VAL -26 ? C VAL 58  
219 1 Y 1 C GLU -25 ? C GLU 59  
220 1 Y 1 C GLY -24 ? C GLY 60  
221 1 Y 1 C PRO -23 ? C PRO 61  
222 1 Y 1 C GLN -22 ? C GLN 62  
223 1 Y 1 C VAL -21 ? C VAL 63  
224 1 Y 1 C GLY -20 ? C GLY 64  
225 1 Y 1 C ALA -19 ? C ALA 65  
226 1 Y 1 C LEU -18 ? C LEU 66  
227 1 Y 1 C GLU -17 ? C GLU 67  
228 1 Y 1 C LEU -16 ? C LEU 68  
229 1 Y 1 C ALA -15 ? C ALA 69  
230 1 Y 1 C GLY -14 ? C GLY 70  
231 1 Y 1 C GLY -13 ? C GLY 71  
232 1 Y 1 C PRO -12 ? C PRO 72  
233 1 Y 1 C GLY -11 ? C GLY 73  
234 1 Y 1 C ALA -10 ? C ALA 74  
235 1 Y 1 C GLY -9  ? C GLY 75  
236 1 Y 1 C GLY -8  ? C GLY 76  
237 1 Y 1 C LEU -7  ? C LEU 77  
238 1 Y 1 C GLU -6  ? C GLU 78  
239 1 Y 1 C GLY -5  ? C GLY 79  
240 1 Y 1 C PRO -4  ? C PRO 80  
241 1 Y 1 C PRO -3  ? C PRO 81  
242 1 Y 1 C GLN -2  ? C GLN 82  
243 1 Y 1 C LYS -1  ? C LYS 83  
244 1 Y 1 C ARG 0   ? C ARG 84  
245 1 Y 1 D MET -23 ? D MET 1   
246 1 Y 1 D ALA -22 ? D ALA 2   
247 1 Y 1 D LEU -21 ? D LEU 3   
248 1 Y 1 D TRP -20 ? D TRP 4   
249 1 Y 1 D THR -19 ? D THR 5   
250 1 Y 1 D ARG -18 ? D ARG 6   
251 1 Y 1 D LEU -17 ? D LEU 7   
252 1 Y 1 D ARG -16 ? D ARG 8   
253 1 Y 1 D PRO -15 ? D PRO 9   
254 1 Y 1 D LEU -14 ? D LEU 10  
255 1 Y 1 D LEU -13 ? D LEU 11  
256 1 Y 1 D ALA -12 ? D ALA 12  
257 1 Y 1 D LEU -11 ? D LEU 13  
258 1 Y 1 D LEU -10 ? D LEU 14  
259 1 Y 1 D ALA -9  ? D ALA 15  
260 1 Y 1 D LEU -8  ? D LEU 16  
261 1 Y 1 D TRP -7  ? D TRP 17  
262 1 Y 1 D PRO -6  ? D PRO 18  
263 1 Y 1 D PRO -5  ? D PRO 19  
264 1 Y 1 D PRO -4  ? D PRO 20  
265 1 Y 1 D PRO -3  ? D PRO 21  
266 1 Y 1 D ALA -2  ? D ALA 22  
267 1 Y 1 D ARG -1  ? D ARG 23  
268 1 Y 1 D ALA 0   ? D ALA 24  
269 1 Y 1 D PHE 1   ? D PHE 25  
270 1 Y 1 D VAL 2   ? D VAL 26  
271 1 Y 1 D ARG 31  ? D ARG 55  
272 1 Y 1 D ARG 32  ? D ARG 56  
273 1 Y 1 D GLU 33  ? D GLU 57  
274 1 Y 1 D VAL 34  ? D VAL 58  
275 1 Y 1 D GLU 35  ? D GLU 59  
276 1 Y 1 D GLY 36  ? D GLY 60  
277 1 Y 1 D PRO 37  ? D PRO 61  
278 1 Y 1 D GLN 38  ? D GLN 62  
279 1 Y 1 D VAL 39  ? D VAL 63  
280 1 Y 1 D GLY 40  ? D GLY 64  
281 1 Y 1 D ALA 41  ? D ALA 65  
282 1 Y 1 D LEU 42  ? D LEU 66  
283 1 Y 1 D GLU 43  ? D GLU 67  
284 1 Y 1 D LEU 44  ? D LEU 68  
285 1 Y 1 D ALA 45  ? D ALA 69  
286 1 Y 1 D GLY 46  ? D GLY 70  
287 1 Y 1 D GLY 47  ? D GLY 71  
288 1 Y 1 D PRO 48  ? D PRO 72  
289 1 Y 1 D GLY 49  ? D GLY 73  
290 1 Y 1 D ALA 50  ? D ALA 74  
291 1 Y 1 D GLY 51  ? D GLY 75  
292 1 Y 1 D GLY 52  ? D GLY 76  
293 1 Y 1 D LEU 53  ? D LEU 77  
294 1 Y 1 D GLU 54  ? D GLU 78  
295 1 Y 1 D GLY 55  ? D GLY 79  
296 1 Y 1 D PRO 56  ? D PRO 80  
297 1 Y 1 D PRO 57  ? D PRO 81  
298 1 Y 1 D GLN 58  ? D GLN 82  
299 1 Y 1 D LYS 59  ? D LYS 83  
300 1 Y 1 D ARG 60  ? D ARG 84  
301 1 Y 1 D GLY 61  ? D GLY 85  
302 1 Y 1 D ILE 62  ? D ILE 86  
303 1 Y 1 D VAL 63  ? D VAL 87  
304 1 Y 1 D GLU 64  ? D GLU 88  
305 1 Y 1 D GLN 65  ? D GLN 89  
306 1 Y 1 D CYS 66  ? D CYS 90  
307 1 Y 1 D CYS 67  ? D CYS 91  
308 1 Y 1 D ALA 68  ? D ALA 92  
309 1 Y 1 D SER 69  ? D SER 93  
310 1 Y 1 D VAL 70  ? D VAL 94  
311 1 Y 1 D CYS 71  ? D CYS 95  
312 1 Y 1 D SER 72  ? D SER 96  
313 1 Y 1 D LEU 73  ? D LEU 97  
314 1 Y 1 D TYR 74  ? D TYR 98  
315 1 Y 1 D GLN 75  ? D GLN 99  
316 1 Y 1 D LEU 76  ? D LEU 100 
317 1 Y 1 D GLU 77  ? D GLU 101 
318 1 Y 1 D ASN 78  ? D ASN 102 
319 1 Y 1 D TYR 79  ? D TYR 103 
320 1 Y 1 D CYS 80  ? D CYS 104 
321 1 Y 1 D ASN 81  ? D ASN 105 
# 
loop_
_chem_comp_atom.comp_id 
_chem_comp_atom.atom_id 
_chem_comp_atom.type_symbol 
_chem_comp_atom.pdbx_aromatic_flag 
_chem_comp_atom.pdbx_stereo_config 
_chem_comp_atom.pdbx_ordinal 
ALA N    N  N N 1   
ALA CA   C  N S 2   
ALA C    C  N N 3   
ALA O    O  N N 4   
ALA CB   C  N N 5   
ALA OXT  O  N N 6   
ALA H    H  N N 7   
ALA H2   H  N N 8   
ALA HA   H  N N 9   
ALA HB1  H  N N 10  
ALA HB2  H  N N 11  
ALA HB3  H  N N 12  
ALA HXT  H  N N 13  
ARG N    N  N N 14  
ARG CA   C  N S 15  
ARG C    C  N N 16  
ARG O    O  N N 17  
ARG CB   C  N N 18  
ARG CG   C  N N 19  
ARG CD   C  N N 20  
ARG NE   N  N N 21  
ARG CZ   C  N N 22  
ARG NH1  N  N N 23  
ARG NH2  N  N N 24  
ARG OXT  O  N N 25  
ARG H    H  N N 26  
ARG H2   H  N N 27  
ARG HA   H  N N 28  
ARG HB2  H  N N 29  
ARG HB3  H  N N 30  
ARG HG2  H  N N 31  
ARG HG3  H  N N 32  
ARG HD2  H  N N 33  
ARG HD3  H  N N 34  
ARG HE   H  N N 35  
ARG HH11 H  N N 36  
ARG HH12 H  N N 37  
ARG HH21 H  N N 38  
ARG HH22 H  N N 39  
ARG HXT  H  N N 40  
ASN N    N  N N 41  
ASN CA   C  N S 42  
ASN C    C  N N 43  
ASN O    O  N N 44  
ASN CB   C  N N 45  
ASN CG   C  N N 46  
ASN OD1  O  N N 47  
ASN ND2  N  N N 48  
ASN OXT  O  N N 49  
ASN H    H  N N 50  
ASN H2   H  N N 51  
ASN HA   H  N N 52  
ASN HB2  H  N N 53  
ASN HB3  H  N N 54  
ASN HD21 H  N N 55  
ASN HD22 H  N N 56  
ASN HXT  H  N N 57  
CL  CL   CL N N 58  
CYS N    N  N N 59  
CYS CA   C  N R 60  
CYS C    C  N N 61  
CYS O    O  N N 62  
CYS CB   C  N N 63  
CYS SG   S  N N 64  
CYS OXT  O  N N 65  
CYS H    H  N N 66  
CYS H2   H  N N 67  
CYS HA   H  N N 68  
CYS HB2  H  N N 69  
CYS HB3  H  N N 70  
CYS HG   H  N N 71  
CYS HXT  H  N N 72  
GLN N    N  N N 73  
GLN CA   C  N S 74  
GLN C    C  N N 75  
GLN O    O  N N 76  
GLN CB   C  N N 77  
GLN CG   C  N N 78  
GLN CD   C  N N 79  
GLN OE1  O  N N 80  
GLN NE2  N  N N 81  
GLN OXT  O  N N 82  
GLN H    H  N N 83  
GLN H2   H  N N 84  
GLN HA   H  N N 85  
GLN HB2  H  N N 86  
GLN HB3  H  N N 87  
GLN HG2  H  N N 88  
GLN HG3  H  N N 89  
GLN HE21 H  N N 90  
GLN HE22 H  N N 91  
GLN HXT  H  N N 92  
GLU N    N  N N 93  
GLU CA   C  N S 94  
GLU C    C  N N 95  
GLU O    O  N N 96  
GLU CB   C  N N 97  
GLU CG   C  N N 98  
GLU CD   C  N N 99  
GLU OE1  O  N N 100 
GLU OE2  O  N N 101 
GLU OXT  O  N N 102 
GLU H    H  N N 103 
GLU H2   H  N N 104 
GLU HA   H  N N 105 
GLU HB2  H  N N 106 
GLU HB3  H  N N 107 
GLU HG2  H  N N 108 
GLU HG3  H  N N 109 
GLU HE2  H  N N 110 
GLU HXT  H  N N 111 
GLY N    N  N N 112 
GLY CA   C  N N 113 
GLY C    C  N N 114 
GLY O    O  N N 115 
GLY OXT  O  N N 116 
GLY H    H  N N 117 
GLY H2   H  N N 118 
GLY HA2  H  N N 119 
GLY HA3  H  N N 120 
GLY HXT  H  N N 121 
HIS N    N  N N 122 
HIS CA   C  N S 123 
HIS C    C  N N 124 
HIS O    O  N N 125 
HIS CB   C  N N 126 
HIS CG   C  Y N 127 
HIS ND1  N  Y N 128 
HIS CD2  C  Y N 129 
HIS CE1  C  Y N 130 
HIS NE2  N  Y N 131 
HIS OXT  O  N N 132 
HIS H    H  N N 133 
HIS H2   H  N N 134 
HIS HA   H  N N 135 
HIS HB2  H  N N 136 
HIS HB3  H  N N 137 
HIS HD1  H  N N 138 
HIS HD2  H  N N 139 
HIS HE1  H  N N 140 
HIS HE2  H  N N 141 
HIS HXT  H  N N 142 
HOH O    O  N N 143 
HOH H1   H  N N 144 
HOH H2   H  N N 145 
ILE N    N  N N 146 
ILE CA   C  N S 147 
ILE C    C  N N 148 
ILE O    O  N N 149 
ILE CB   C  N S 150 
ILE CG1  C  N N 151 
ILE CG2  C  N N 152 
ILE CD1  C  N N 153 
ILE OXT  O  N N 154 
ILE H    H  N N 155 
ILE H2   H  N N 156 
ILE HA   H  N N 157 
ILE HB   H  N N 158 
ILE HG12 H  N N 159 
ILE HG13 H  N N 160 
ILE HG21 H  N N 161 
ILE HG22 H  N N 162 
ILE HG23 H  N N 163 
ILE HD11 H  N N 164 
ILE HD12 H  N N 165 
ILE HD13 H  N N 166 
ILE HXT  H  N N 167 
LEU N    N  N N 168 
LEU CA   C  N S 169 
LEU C    C  N N 170 
LEU O    O  N N 171 
LEU CB   C  N N 172 
LEU CG   C  N N 173 
LEU CD1  C  N N 174 
LEU CD2  C  N N 175 
LEU OXT  O  N N 176 
LEU H    H  N N 177 
LEU H2   H  N N 178 
LEU HA   H  N N 179 
LEU HB2  H  N N 180 
LEU HB3  H  N N 181 
LEU HG   H  N N 182 
LEU HD11 H  N N 183 
LEU HD12 H  N N 184 
LEU HD13 H  N N 185 
LEU HD21 H  N N 186 
LEU HD22 H  N N 187 
LEU HD23 H  N N 188 
LEU HXT  H  N N 189 
LYS N    N  N N 190 
LYS CA   C  N S 191 
LYS C    C  N N 192 
LYS O    O  N N 193 
LYS CB   C  N N 194 
LYS CG   C  N N 195 
LYS CD   C  N N 196 
LYS CE   C  N N 197 
LYS NZ   N  N N 198 
LYS OXT  O  N N 199 
LYS H    H  N N 200 
LYS H2   H  N N 201 
LYS HA   H  N N 202 
LYS HB2  H  N N 203 
LYS HB3  H  N N 204 
LYS HG2  H  N N 205 
LYS HG3  H  N N 206 
LYS HD2  H  N N 207 
LYS HD3  H  N N 208 
LYS HE2  H  N N 209 
LYS HE3  H  N N 210 
LYS HZ1  H  N N 211 
LYS HZ2  H  N N 212 
LYS HZ3  H  N N 213 
LYS HXT  H  N N 214 
MET N    N  N N 215 
MET CA   C  N S 216 
MET C    C  N N 217 
MET O    O  N N 218 
MET CB   C  N N 219 
MET CG   C  N N 220 
MET SD   S  N N 221 
MET CE   C  N N 222 
MET OXT  O  N N 223 
MET H    H  N N 224 
MET H2   H  N N 225 
MET HA   H  N N 226 
MET HB2  H  N N 227 
MET HB3  H  N N 228 
MET HG2  H  N N 229 
MET HG3  H  N N 230 
MET HE1  H  N N 231 
MET HE2  H  N N 232 
MET HE3  H  N N 233 
MET HXT  H  N N 234 
PHE N    N  N N 235 
PHE CA   C  N S 236 
PHE C    C  N N 237 
PHE O    O  N N 238 
PHE CB   C  N N 239 
PHE CG   C  Y N 240 
PHE CD1  C  Y N 241 
PHE CD2  C  Y N 242 
PHE CE1  C  Y N 243 
PHE CE2  C  Y N 244 
PHE CZ   C  Y N 245 
PHE OXT  O  N N 246 
PHE H    H  N N 247 
PHE H2   H  N N 248 
PHE HA   H  N N 249 
PHE HB2  H  N N 250 
PHE HB3  H  N N 251 
PHE HD1  H  N N 252 
PHE HD2  H  N N 253 
PHE HE1  H  N N 254 
PHE HE2  H  N N 255 
PHE HZ   H  N N 256 
PHE HXT  H  N N 257 
PRO N    N  N N 258 
PRO CA   C  N S 259 
PRO C    C  N N 260 
PRO O    O  N N 261 
PRO CB   C  N N 262 
PRO CG   C  N N 263 
PRO CD   C  N N 264 
PRO OXT  O  N N 265 
PRO H    H  N N 266 
PRO HA   H  N N 267 
PRO HB2  H  N N 268 
PRO HB3  H  N N 269 
PRO HG2  H  N N 270 
PRO HG3  H  N N 271 
PRO HD2  H  N N 272 
PRO HD3  H  N N 273 
PRO HXT  H  N N 274 
SER N    N  N N 275 
SER CA   C  N S 276 
SER C    C  N N 277 
SER O    O  N N 278 
SER CB   C  N N 279 
SER OG   O  N N 280 
SER OXT  O  N N 281 
SER H    H  N N 282 
SER H2   H  N N 283 
SER HA   H  N N 284 
SER HB2  H  N N 285 
SER HB3  H  N N 286 
SER HG   H  N N 287 
SER HXT  H  N N 288 
THR N    N  N N 289 
THR CA   C  N S 290 
THR C    C  N N 291 
THR O    O  N N 292 
THR CB   C  N R 293 
THR OG1  O  N N 294 
THR CG2  C  N N 295 
THR OXT  O  N N 296 
THR H    H  N N 297 
THR H2   H  N N 298 
THR HA   H  N N 299 
THR HB   H  N N 300 
THR HG1  H  N N 301 
THR HG21 H  N N 302 
THR HG22 H  N N 303 
THR HG23 H  N N 304 
THR HXT  H  N N 305 
TRP N    N  N N 306 
TRP CA   C  N S 307 
TRP C    C  N N 308 
TRP O    O  N N 309 
TRP CB   C  N N 310 
TRP CG   C  Y N 311 
TRP CD1  C  Y N 312 
TRP CD2  C  Y N 313 
TRP NE1  N  Y N 314 
TRP CE2  C  Y N 315 
TRP CE3  C  Y N 316 
TRP CZ2  C  Y N 317 
TRP CZ3  C  Y N 318 
TRP CH2  C  Y N 319 
TRP OXT  O  N N 320 
TRP H    H  N N 321 
TRP H2   H  N N 322 
TRP HA   H  N N 323 
TRP HB2  H  N N 324 
TRP HB3  H  N N 325 
TRP HD1  H  N N 326 
TRP HE1  H  N N 327 
TRP HE3  H  N N 328 
TRP HZ2  H  N N 329 
TRP HZ3  H  N N 330 
TRP HH2  H  N N 331 
TRP HXT  H  N N 332 
TYR N    N  N N 333 
TYR CA   C  N S 334 
TYR C    C  N N 335 
TYR O    O  N N 336 
TYR CB   C  N N 337 
TYR CG   C  Y N 338 
TYR CD1  C  Y N 339 
TYR CD2  C  Y N 340 
TYR CE1  C  Y N 341 
TYR CE2  C  Y N 342 
TYR CZ   C  Y N 343 
TYR OH   O  N N 344 
TYR OXT  O  N N 345 
TYR H    H  N N 346 
TYR H2   H  N N 347 
TYR HA   H  N N 348 
TYR HB2  H  N N 349 
TYR HB3  H  N N 350 
TYR HD1  H  N N 351 
TYR HD2  H  N N 352 
TYR HE1  H  N N 353 
TYR HE2  H  N N 354 
TYR HH   H  N N 355 
TYR HXT  H  N N 356 
VAL N    N  N N 357 
VAL CA   C  N S 358 
VAL C    C  N N 359 
VAL O    O  N N 360 
VAL CB   C  N N 361 
VAL CG1  C  N N 362 
VAL CG2  C  N N 363 
VAL OXT  O  N N 364 
VAL H    H  N N 365 
VAL H2   H  N N 366 
VAL HA   H  N N 367 
VAL HB   H  N N 368 
VAL HG11 H  N N 369 
VAL HG12 H  N N 370 
VAL HG13 H  N N 371 
VAL HG21 H  N N 372 
VAL HG22 H  N N 373 
VAL HG23 H  N N 374 
VAL HXT  H  N N 375 
ZN  ZN   ZN N N 376 
# 
loop_
_chem_comp_bond.comp_id 
_chem_comp_bond.atom_id_1 
_chem_comp_bond.atom_id_2 
_chem_comp_bond.value_order 
_chem_comp_bond.pdbx_aromatic_flag 
_chem_comp_bond.pdbx_stereo_config 
_chem_comp_bond.pdbx_ordinal 
ALA N   CA   sing N N 1   
ALA N   H    sing N N 2   
ALA N   H2   sing N N 3   
ALA CA  C    sing N N 4   
ALA CA  CB   sing N N 5   
ALA CA  HA   sing N N 6   
ALA C   O    doub N N 7   
ALA C   OXT  sing N N 8   
ALA CB  HB1  sing N N 9   
ALA CB  HB2  sing N N 10  
ALA CB  HB3  sing N N 11  
ALA OXT HXT  sing N N 12  
ARG N   CA   sing N N 13  
ARG N   H    sing N N 14  
ARG N   H2   sing N N 15  
ARG CA  C    sing N N 16  
ARG CA  CB   sing N N 17  
ARG CA  HA   sing N N 18  
ARG C   O    doub N N 19  
ARG C   OXT  sing N N 20  
ARG CB  CG   sing N N 21  
ARG CB  HB2  sing N N 22  
ARG CB  HB3  sing N N 23  
ARG CG  CD   sing N N 24  
ARG CG  HG2  sing N N 25  
ARG CG  HG3  sing N N 26  
ARG CD  NE   sing N N 27  
ARG CD  HD2  sing N N 28  
ARG CD  HD3  sing N N 29  
ARG NE  CZ   sing N N 30  
ARG NE  HE   sing N N 31  
ARG CZ  NH1  sing N N 32  
ARG CZ  NH2  doub N N 33  
ARG NH1 HH11 sing N N 34  
ARG NH1 HH12 sing N N 35  
ARG NH2 HH21 sing N N 36  
ARG NH2 HH22 sing N N 37  
ARG OXT HXT  sing N N 38  
ASN N   CA   sing N N 39  
ASN N   H    sing N N 40  
ASN N   H2   sing N N 41  
ASN CA  C    sing N N 42  
ASN CA  CB   sing N N 43  
ASN CA  HA   sing N N 44  
ASN C   O    doub N N 45  
ASN C   OXT  sing N N 46  
ASN CB  CG   sing N N 47  
ASN CB  HB2  sing N N 48  
ASN CB  HB3  sing N N 49  
ASN CG  OD1  doub N N 50  
ASN CG  ND2  sing N N 51  
ASN ND2 HD21 sing N N 52  
ASN ND2 HD22 sing N N 53  
ASN OXT HXT  sing N N 54  
CYS N   CA   sing N N 55  
CYS N   H    sing N N 56  
CYS N   H2   sing N N 57  
CYS CA  C    sing N N 58  
CYS CA  CB   sing N N 59  
CYS CA  HA   sing N N 60  
CYS C   O    doub N N 61  
CYS C   OXT  sing N N 62  
CYS CB  SG   sing N N 63  
CYS CB  HB2  sing N N 64  
CYS CB  HB3  sing N N 65  
CYS SG  HG   sing N N 66  
CYS OXT HXT  sing N N 67  
GLN N   CA   sing N N 68  
GLN N   H    sing N N 69  
GLN N   H2   sing N N 70  
GLN CA  C    sing N N 71  
GLN CA  CB   sing N N 72  
GLN CA  HA   sing N N 73  
GLN C   O    doub N N 74  
GLN C   OXT  sing N N 75  
GLN CB  CG   sing N N 76  
GLN CB  HB2  sing N N 77  
GLN CB  HB3  sing N N 78  
GLN CG  CD   sing N N 79  
GLN CG  HG2  sing N N 80  
GLN CG  HG3  sing N N 81  
GLN CD  OE1  doub N N 82  
GLN CD  NE2  sing N N 83  
GLN NE2 HE21 sing N N 84  
GLN NE2 HE22 sing N N 85  
GLN OXT HXT  sing N N 86  
GLU N   CA   sing N N 87  
GLU N   H    sing N N 88  
GLU N   H2   sing N N 89  
GLU CA  C    sing N N 90  
GLU CA  CB   sing N N 91  
GLU CA  HA   sing N N 92  
GLU C   O    doub N N 93  
GLU C   OXT  sing N N 94  
GLU CB  CG   sing N N 95  
GLU CB  HB2  sing N N 96  
GLU CB  HB3  sing N N 97  
GLU CG  CD   sing N N 98  
GLU CG  HG2  sing N N 99  
GLU CG  HG3  sing N N 100 
GLU CD  OE1  doub N N 101 
GLU CD  OE2  sing N N 102 
GLU OE2 HE2  sing N N 103 
GLU OXT HXT  sing N N 104 
GLY N   CA   sing N N 105 
GLY N   H    sing N N 106 
GLY N   H2   sing N N 107 
GLY CA  C    sing N N 108 
GLY CA  HA2  sing N N 109 
GLY CA  HA3  sing N N 110 
GLY C   O    doub N N 111 
GLY C   OXT  sing N N 112 
GLY OXT HXT  sing N N 113 
HIS N   CA   sing N N 114 
HIS N   H    sing N N 115 
HIS N   H2   sing N N 116 
HIS CA  C    sing N N 117 
HIS CA  CB   sing N N 118 
HIS CA  HA   sing N N 119 
HIS C   O    doub N N 120 
HIS C   OXT  sing N N 121 
HIS CB  CG   sing N N 122 
HIS CB  HB2  sing N N 123 
HIS CB  HB3  sing N N 124 
HIS CG  ND1  sing Y N 125 
HIS CG  CD2  doub Y N 126 
HIS ND1 CE1  doub Y N 127 
HIS ND1 HD1  sing N N 128 
HIS CD2 NE2  sing Y N 129 
HIS CD2 HD2  sing N N 130 
HIS CE1 NE2  sing Y N 131 
HIS CE1 HE1  sing N N 132 
HIS NE2 HE2  sing N N 133 
HIS OXT HXT  sing N N 134 
HOH O   H1   sing N N 135 
HOH O   H2   sing N N 136 
ILE N   CA   sing N N 137 
ILE N   H    sing N N 138 
ILE N   H2   sing N N 139 
ILE CA  C    sing N N 140 
ILE CA  CB   sing N N 141 
ILE CA  HA   sing N N 142 
ILE C   O    doub N N 143 
ILE C   OXT  sing N N 144 
ILE CB  CG1  sing N N 145 
ILE CB  CG2  sing N N 146 
ILE CB  HB   sing N N 147 
ILE CG1 CD1  sing N N 148 
ILE CG1 HG12 sing N N 149 
ILE CG1 HG13 sing N N 150 
ILE CG2 HG21 sing N N 151 
ILE CG2 HG22 sing N N 152 
ILE CG2 HG23 sing N N 153 
ILE CD1 HD11 sing N N 154 
ILE CD1 HD12 sing N N 155 
ILE CD1 HD13 sing N N 156 
ILE OXT HXT  sing N N 157 
LEU N   CA   sing N N 158 
LEU N   H    sing N N 159 
LEU N   H2   sing N N 160 
LEU CA  C    sing N N 161 
LEU CA  CB   sing N N 162 
LEU CA  HA   sing N N 163 
LEU C   O    doub N N 164 
LEU C   OXT  sing N N 165 
LEU CB  CG   sing N N 166 
LEU CB  HB2  sing N N 167 
LEU CB  HB3  sing N N 168 
LEU CG  CD1  sing N N 169 
LEU CG  CD2  sing N N 170 
LEU CG  HG   sing N N 171 
LEU CD1 HD11 sing N N 172 
LEU CD1 HD12 sing N N 173 
LEU CD1 HD13 sing N N 174 
LEU CD2 HD21 sing N N 175 
LEU CD2 HD22 sing N N 176 
LEU CD2 HD23 sing N N 177 
LEU OXT HXT  sing N N 178 
LYS N   CA   sing N N 179 
LYS N   H    sing N N 180 
LYS N   H2   sing N N 181 
LYS CA  C    sing N N 182 
LYS CA  CB   sing N N 183 
LYS CA  HA   sing N N 184 
LYS C   O    doub N N 185 
LYS C   OXT  sing N N 186 
LYS CB  CG   sing N N 187 
LYS CB  HB2  sing N N 188 
LYS CB  HB3  sing N N 189 
LYS CG  CD   sing N N 190 
LYS CG  HG2  sing N N 191 
LYS CG  HG3  sing N N 192 
LYS CD  CE   sing N N 193 
LYS CD  HD2  sing N N 194 
LYS CD  HD3  sing N N 195 
LYS CE  NZ   sing N N 196 
LYS CE  HE2  sing N N 197 
LYS CE  HE3  sing N N 198 
LYS NZ  HZ1  sing N N 199 
LYS NZ  HZ2  sing N N 200 
LYS NZ  HZ3  sing N N 201 
LYS OXT HXT  sing N N 202 
MET N   CA   sing N N 203 
MET N   H    sing N N 204 
MET N   H2   sing N N 205 
MET CA  C    sing N N 206 
MET CA  CB   sing N N 207 
MET CA  HA   sing N N 208 
MET C   O    doub N N 209 
MET C   OXT  sing N N 210 
MET CB  CG   sing N N 211 
MET CB  HB2  sing N N 212 
MET CB  HB3  sing N N 213 
MET CG  SD   sing N N 214 
MET CG  HG2  sing N N 215 
MET CG  HG3  sing N N 216 
MET SD  CE   sing N N 217 
MET CE  HE1  sing N N 218 
MET CE  HE2  sing N N 219 
MET CE  HE3  sing N N 220 
MET OXT HXT  sing N N 221 
PHE N   CA   sing N N 222 
PHE N   H    sing N N 223 
PHE N   H2   sing N N 224 
PHE CA  C    sing N N 225 
PHE CA  CB   sing N N 226 
PHE CA  HA   sing N N 227 
PHE C   O    doub N N 228 
PHE C   OXT  sing N N 229 
PHE CB  CG   sing N N 230 
PHE CB  HB2  sing N N 231 
PHE CB  HB3  sing N N 232 
PHE CG  CD1  doub Y N 233 
PHE CG  CD2  sing Y N 234 
PHE CD1 CE1  sing Y N 235 
PHE CD1 HD1  sing N N 236 
PHE CD2 CE2  doub Y N 237 
PHE CD2 HD2  sing N N 238 
PHE CE1 CZ   doub Y N 239 
PHE CE1 HE1  sing N N 240 
PHE CE2 CZ   sing Y N 241 
PHE CE2 HE2  sing N N 242 
PHE CZ  HZ   sing N N 243 
PHE OXT HXT  sing N N 244 
PRO N   CA   sing N N 245 
PRO N   CD   sing N N 246 
PRO N   H    sing N N 247 
PRO CA  C    sing N N 248 
PRO CA  CB   sing N N 249 
PRO CA  HA   sing N N 250 
PRO C   O    doub N N 251 
PRO C   OXT  sing N N 252 
PRO CB  CG   sing N N 253 
PRO CB  HB2  sing N N 254 
PRO CB  HB3  sing N N 255 
PRO CG  CD   sing N N 256 
PRO CG  HG2  sing N N 257 
PRO CG  HG3  sing N N 258 
PRO CD  HD2  sing N N 259 
PRO CD  HD3  sing N N 260 
PRO OXT HXT  sing N N 261 
SER N   CA   sing N N 262 
SER N   H    sing N N 263 
SER N   H2   sing N N 264 
SER CA  C    sing N N 265 
SER CA  CB   sing N N 266 
SER CA  HA   sing N N 267 
SER C   O    doub N N 268 
SER C   OXT  sing N N 269 
SER CB  OG   sing N N 270 
SER CB  HB2  sing N N 271 
SER CB  HB3  sing N N 272 
SER OG  HG   sing N N 273 
SER OXT HXT  sing N N 274 
THR N   CA   sing N N 275 
THR N   H    sing N N 276 
THR N   H2   sing N N 277 
THR CA  C    sing N N 278 
THR CA  CB   sing N N 279 
THR CA  HA   sing N N 280 
THR C   O    doub N N 281 
THR C   OXT  sing N N 282 
THR CB  OG1  sing N N 283 
THR CB  CG2  sing N N 284 
THR CB  HB   sing N N 285 
THR OG1 HG1  sing N N 286 
THR CG2 HG21 sing N N 287 
THR CG2 HG22 sing N N 288 
THR CG2 HG23 sing N N 289 
THR OXT HXT  sing N N 290 
TRP N   CA   sing N N 291 
TRP N   H    sing N N 292 
TRP N   H2   sing N N 293 
TRP CA  C    sing N N 294 
TRP CA  CB   sing N N 295 
TRP CA  HA   sing N N 296 
TRP C   O    doub N N 297 
TRP C   OXT  sing N N 298 
TRP CB  CG   sing N N 299 
TRP CB  HB2  sing N N 300 
TRP CB  HB3  sing N N 301 
TRP CG  CD1  doub Y N 302 
TRP CG  CD2  sing Y N 303 
TRP CD1 NE1  sing Y N 304 
TRP CD1 HD1  sing N N 305 
TRP CD2 CE2  doub Y N 306 
TRP CD2 CE3  sing Y N 307 
TRP NE1 CE2  sing Y N 308 
TRP NE1 HE1  sing N N 309 
TRP CE2 CZ2  sing Y N 310 
TRP CE3 CZ3  doub Y N 311 
TRP CE3 HE3  sing N N 312 
TRP CZ2 CH2  doub Y N 313 
TRP CZ2 HZ2  sing N N 314 
TRP CZ3 CH2  sing Y N 315 
TRP CZ3 HZ3  sing N N 316 
TRP CH2 HH2  sing N N 317 
TRP OXT HXT  sing N N 318 
TYR N   CA   sing N N 319 
TYR N   H    sing N N 320 
TYR N   H2   sing N N 321 
TYR CA  C    sing N N 322 
TYR CA  CB   sing N N 323 
TYR CA  HA   sing N N 324 
TYR C   O    doub N N 325 
TYR C   OXT  sing N N 326 
TYR CB  CG   sing N N 327 
TYR CB  HB2  sing N N 328 
TYR CB  HB3  sing N N 329 
TYR CG  CD1  doub Y N 330 
TYR CG  CD2  sing Y N 331 
TYR CD1 CE1  sing Y N 332 
TYR CD1 HD1  sing N N 333 
TYR CD2 CE2  doub Y N 334 
TYR CD2 HD2  sing N N 335 
TYR CE1 CZ   doub Y N 336 
TYR CE1 HE1  sing N N 337 
TYR CE2 CZ   sing Y N 338 
TYR CE2 HE2  sing N N 339 
TYR CZ  OH   sing N N 340 
TYR OH  HH   sing N N 341 
TYR OXT HXT  sing N N 342 
VAL N   CA   sing N N 343 
VAL N   H    sing N N 344 
VAL N   H2   sing N N 345 
VAL CA  C    sing N N 346 
VAL CA  CB   sing N N 347 
VAL CA  HA   sing N N 348 
VAL C   O    doub N N 349 
VAL C   OXT  sing N N 350 
VAL CB  CG1  sing N N 351 
VAL CB  CG2  sing N N 352 
VAL CB  HB   sing N N 353 
VAL CG1 HG11 sing N N 354 
VAL CG1 HG12 sing N N 355 
VAL CG1 HG13 sing N N 356 
VAL CG2 HG21 sing N N 357 
VAL CG2 HG22 sing N N 358 
VAL CG2 HG23 sing N N 359 
VAL OXT HXT  sing N N 360 
# 
loop_
_pdbx_audit_support.funding_organization 
_pdbx_audit_support.country 
_pdbx_audit_support.grant_number 
_pdbx_audit_support.ordinal 
'French National Research Agency' France ANR-10-INSB-05-02 1 
'French National Research Agency' France ANR-10-LABX-49-01 2 
# 
_pdbx_initial_refinement_model.id               1 
_pdbx_initial_refinement_model.entity_id_list   ? 
_pdbx_initial_refinement_model.type             'experimental model' 
_pdbx_initial_refinement_model.source_name      PDB 
_pdbx_initial_refinement_model.accession_code   2A3G 
_pdbx_initial_refinement_model.details          ? 
# 
_atom_sites.entry_id                    6ZI8 
_atom_sites.Cartn_transf_matrix[1][1]   ? 
_atom_sites.Cartn_transf_matrix[1][2]   ? 
_atom_sites.Cartn_transf_matrix[1][3]   ? 
_atom_sites.Cartn_transf_matrix[2][1]   ? 
_atom_sites.Cartn_transf_matrix[2][2]   ? 
_atom_sites.Cartn_transf_matrix[2][3]   ? 
_atom_sites.Cartn_transf_matrix[3][1]   ? 
_atom_sites.Cartn_transf_matrix[3][2]   ? 
_atom_sites.Cartn_transf_matrix[3][3]   ? 
_atom_sites.Cartn_transf_vector[1]      ? 
_atom_sites.Cartn_transf_vector[2]      ? 
_atom_sites.Cartn_transf_vector[3]      ? 
_atom_sites.fract_transf_matrix[1][1]   0.01084028 
_atom_sites.fract_transf_matrix[1][2]   -0.00431053 
_atom_sites.fract_transf_matrix[1][3]   0.00810703 
_atom_sites.fract_transf_matrix[2][1]   0.01328408 
_atom_sites.fract_transf_matrix[2][2]   0.00059689 
_atom_sites.fract_transf_matrix[2][3]   -0.00499875 
_atom_sites.fract_transf_matrix[3][1]   0.00286994 
_atom_sites.fract_transf_matrix[3][2]   0.02780620 
_atom_sites.fract_transf_matrix[3][3]   0.01094711 
_atom_sites.fract_transf_vector[1]      0.041098 
_atom_sites.fract_transf_vector[2]      0.174064 
_atom_sites.fract_transf_vector[3]      -0.006992 
_atom_sites.solution_primary            ? 
_atom_sites.solution_secondary          ? 
_atom_sites.solution_hydrogens          ? 
_atom_sites.special_details             ? 
# 
loop_
_atom_type.symbol 
C  
CL 
N  
O  
S  
ZN 
# 
loop_
_atom_site.group_PDB 
_atom_site.id 
_atom_site.type_symbol 
_atom_site.label_atom_id 
_atom_site.label_alt_id 
_atom_site.label_comp_id 
_atom_site.label_asym_id 
_atom_site.label_entity_id 
_atom_site.label_seq_id 
_atom_site.pdbx_PDB_ins_code 
_atom_site.Cartn_x 
_atom_site.Cartn_y 
_atom_site.Cartn_z 
_atom_site.occupancy 
_atom_site.B_iso_or_equiv 
_atom_site.pdbx_formal_charge 
_atom_site.auth_seq_id 
_atom_site.auth_comp_id 
_atom_site.auth_asym_id 
_atom_site.auth_atom_id 
_atom_site.pdbx_PDB_model_num 
ATOM   1   N  N   . GLY A 1 85  ? 3.924   15.730  -1.864  1.00 44.41 ? 1   GLY A N   1 
ATOM   2   C  CA  . GLY A 1 85  ? 3.293   15.364  -3.163  1.00 42.72 ? 1   GLY A CA  1 
ATOM   3   C  C   . GLY A 1 85  ? 1.833   14.964  -2.985  1.00 43.23 ? 1   GLY A C   1 
ATOM   4   O  O   . GLY A 1 85  ? 1.237   15.256  -1.955  1.00 42.33 ? 1   GLY A O   1 
ATOM   5   N  N   . ILE A 1 86  ? 1.280   14.285  -4.000  1.00 41.33 ? 2   ILE A N   1 
ATOM   6   C  CA  . ILE A 1 86  ? -0.129  13.849  -4.052  1.00 42.92 ? 2   ILE A CA  1 
ATOM   7   C  C   . ILE A 1 86  ? -0.476  13.125  -2.739  1.00 45.12 ? 2   ILE A C   1 
ATOM   8   O  O   . ILE A 1 86  ? -1.538  13.374  -2.164  1.00 45.47 ? 2   ILE A O   1 
ATOM   9   C  CB  . ILE A 1 86  ? -0.385  12.988  -5.317  1.00 41.31 ? 2   ILE A CB  1 
ATOM   10  C  CG1 . ILE A 1 86  ? -0.328  13.843  -6.589  1.00 38.79 ? 2   ILE A CG1 1 
ATOM   11  C  CG2 . ILE A 1 86  ? -1.691  12.196  -5.218  1.00 37.48 ? 2   ILE A CG2 1 
ATOM   12  C  CD1 . ILE A 1 86  ? -0.104  13.055  -7.854  1.00 39.46 ? 2   ILE A CD1 1 
ATOM   13  N  N   . VAL A 1 87  ? 0.438   12.272  -2.256  1.00 43.45 ? 3   VAL A N   1 
ATOM   14  C  CA  . VAL A 1 87  ? 0.288   11.584  -0.971  1.00 42.71 ? 3   VAL A CA  1 
ATOM   15  C  C   . VAL A 1 87  ? -0.119  12.599  0.099   1.00 42.03 ? 3   VAL A C   1 
ATOM   16  O  O   . VAL A 1 87  ? -1.184  12.457  0.716   1.00 38.91 ? 3   VAL A O   1 
ATOM   17  C  CB  . VAL A 1 87  ? 1.575   10.840  -0.564  1.00 45.28 ? 3   VAL A CB  1 
ATOM   18  C  CG1 . VAL A 1 87  ? 1.616   10.538  0.931   1.00 48.74 ? 3   VAL A CG1 1 
ATOM   19  C  CG2 . VAL A 1 87  ? 1.748   9.562   -1.372  1.00 47.41 ? 3   VAL A CG2 1 
ATOM   20  N  N   . GLU A 1 88  ? 0.736   13.609  0.315   1.00 42.55 ? 4   GLU A N   1 
ATOM   21  C  CA  . GLU A 1 88  ? 0.478   14.650  1.333   1.00 41.81 ? 4   GLU A CA  1 
ATOM   22  C  C   . GLU A 1 88  ? -0.777  15.457  0.968   1.00 36.35 ? 4   GLU A C   1 
ATOM   23  O  O   . GLU A 1 88  ? -1.506  15.865  1.860   1.00 36.34 ? 4   GLU A O   1 
ATOM   24  C  CB  . GLU A 1 88  ? 1.673   15.587  1.522   1.00 44.22 ? 4   GLU A CB  1 
ATOM   25  C  CG  . GLU A 1 88  ? 2.796   14.978  2.341   1.00 46.35 ? 4   GLU A CG  1 
ATOM   26  C  CD  . GLU A 1 88  ? 3.554   13.853  1.650   1.00 48.14 ? 4   GLU A CD  1 
ATOM   27  O  OE1 . GLU A 1 88  ? 3.738   13.930  0.409   1.00 45.93 ? 4   GLU A OE1 1 
ATOM   28  O  OE2 . GLU A 1 88  ? 3.966   12.902  2.355   1.00 50.70 ? 4   GLU A OE2 1 
ATOM   29  N  N   . GLN A 1 89  ? -1.017  15.690  -0.330  1.00 35.06 ? 5   GLN A N   1 
ATOM   30  C  CA  . GLN A 1 89  ? -2.240  16.406  -0.785  1.00 38.41 ? 5   GLN A CA  1 
ATOM   31  C  C   . GLN A 1 89  ? -3.498  15.691  -0.263  1.00 35.76 ? 5   GLN A C   1 
ATOM   32  O  O   . GLN A 1 89  ? -4.438  16.336  0.206   1.00 35.54 ? 5   GLN A O   1 
ATOM   33  C  CB  . GLN A 1 89  ? -2.306  16.504  -2.309  1.00 42.36 ? 5   GLN A CB  1 
ATOM   34  C  CG  . GLN A 1 89  ? -3.216  17.629  -2.790  1.00 47.54 ? 5   GLN A CG  1 
ATOM   35  C  CD  . GLN A 1 89  ? -3.836  17.396  -4.149  1.00 52.24 ? 5   GLN A CD  1 
ATOM   36  O  OE1 . GLN A 1 89  ? -3.699  18.202  -5.069  1.00 58.34 ? 5   GLN A OE1 1 
ATOM   37  N  NE2 . GLN A 1 89  ? -4.563  16.299  -4.273  1.00 55.97 ? 5   GLN A NE2 1 
ATOM   38  N  N   . CYS A 1 90  ? -3.498  14.355  -0.358  1.00 30.54 ? 6   CYS A N   1 
ATOM   39  C  CA  . CYS A 1 90  ? -4.607  13.529  0.023   1.00 30.76 ? 6   CYS A CA  1 
ATOM   40  C  C   . CYS A 1 90  ? -4.958  13.762  1.488   1.00 30.09 ? 6   CYS A C   1 
ATOM   41  O  O   . CYS A 1 90  ? -6.122  13.851  1.818   1.00 28.59 ? 6   CYS A O   1 
ATOM   42  C  CB  . CYS A 1 90  ? -4.317  12.044  -0.167  1.00 29.22 ? 6   CYS A CB  1 
ATOM   43  S  SG  . CYS A 1 90  ? -4.244  11.539  -1.902  1.00 30.35 ? 6   CYS A SG  1 
ATOM   44  N  N   . CYS A 1 91  ? -3.942  13.866  2.348   1.00 31.48 ? 7   CYS A N   1 
ATOM   45  C  CA  . CYS A 1 91  ? -4.199  13.910  3.789   1.00 34.84 ? 7   CYS A CA  1 
ATOM   46  C  C   . CYS A 1 91  ? -4.418  15.346  4.307   1.00 34.98 ? 7   CYS A C   1 
ATOM   47  O  O   . CYS A 1 91  ? -5.275  15.552  5.166   1.00 35.99 ? 7   CYS A O   1 
ATOM   48  C  CB  . CYS A 1 91  ? -3.089  13.213  4.569   1.00 35.53 ? 7   CYS A CB  1 
ATOM   49  S  SG  . CYS A 1 91  ? -3.393  13.186  6.356   1.00 38.63 ? 7   CYS A SG  1 
ATOM   50  N  N   . ALA A 1 92  ? -3.626  16.319  3.838   1.00 32.54 ? 8   ALA A N   1 
ATOM   51  C  CA  . ALA A 1 92  ? -3.764  17.730  4.272   1.00 34.78 ? 8   ALA A CA  1 
ATOM   52  C  C   . ALA A 1 92  ? -4.948  18.413  3.577   1.00 34.83 ? 8   ALA A C   1 
ATOM   53  O  O   . ALA A 1 92  ? -5.499  19.375  4.100   1.00 38.07 ? 8   ALA A O   1 
ATOM   54  C  CB  . ALA A 1 92  ? -2.495  18.496  3.991   1.00 36.91 ? 8   ALA A CB  1 
ATOM   55  N  N   . SER A 1 93  ? -5.314  17.916  2.394   1.00 33.64 ? 9   SER A N   1 
ATOM   56  C  CA  . SER A 1 93  ? -6.297  18.535  1.529   1.00 31.54 ? 9   SER A CA  1 
ATOM   57  C  C   . SER A 1 93  ? -7.249  17.452  0.998   1.00 29.51 ? 9   SER A C   1 
ATOM   58  O  O   . SER A 1 93  ? -7.762  16.694  1.783   1.00 27.92 ? 9   SER A O   1 
ATOM   59  C  CB  . SER A 1 93  ? -5.598  19.298  0.450   1.00 30.53 ? 9   SER A CB  1 
ATOM   60  O  OG  . SER A 1 93  ? -6.516  20.126  -0.222  1.00 36.22 ? 9   SER A OG  1 
ATOM   61  N  N   . VAL A 1 94  ? -7.492  17.396  -0.319  1.00 28.78 ? 10  VAL A N   1 
ATOM   62  C  CA  . VAL A 1 94  ? -8.166  16.265  -0.947  1.00 29.60 ? 10  VAL A CA  1 
ATOM   63  C  C   . VAL A 1 94  ? -7.389  15.876  -2.217  1.00 30.56 ? 10  VAL A C   1 
ATOM   64  O  O   . VAL A 1 94  ? -6.549  16.634  -2.721  1.00 29.44 ? 10  VAL A O   1 
ATOM   65  C  CB  . VAL A 1 94  ? -9.656  16.560  -1.234  1.00 30.58 ? 10  VAL A CB  1 
ATOM   66  C  CG1 . VAL A 1 94  ? -10.414 16.900  0.045   1.00 29.01 ? 10  VAL A CG1 1 
ATOM   67  C  CG2 . VAL A 1 94  ? -9.844  17.640  -2.289  1.00 31.66 ? 10  VAL A CG2 1 
ATOM   68  N  N   . CYS A 1 95  ? -7.617  14.650  -2.686  1.00 28.67 ? 11  CYS A N   1 
ATOM   69  C  CA  . CYS A 1 95  ? -6.994  14.166  -3.918  1.00 27.92 ? 11  CYS A CA  1 
ATOM   70  C  C   . CYS A 1 95  ? -7.982  13.274  -4.654  1.00 26.62 ? 11  CYS A C   1 
ATOM   71  O  O   . CYS A 1 95  ? -8.878  12.776  -4.008  1.00 27.11 ? 11  CYS A O   1 
ATOM   72  C  CB  . CYS A 1 95  ? -5.758  13.339  -3.622  1.00 28.43 ? 11  CYS A CB  1 
ATOM   73  S  SG  . CYS A 1 95  ? -6.109  11.849  -2.643  1.00 27.73 ? 11  CYS A SG  1 
ATOM   74  N  N   . SER A 1 96  ? -7.753  13.042  -5.955  1.00 26.19 ? 12  SER A N   1 
ATOM   75  C  CA  . SER A 1 96  ? -8.614  12.176  -6.780  1.00 26.33 ? 12  SER A CA  1 
ATOM   76  C  C   . SER A 1 96  ? -8.026  10.768  -6.909  1.00 25.64 ? 12  SER A C   1 
ATOM   77  O  O   . SER A 1 96  ? -6.840  10.569  -6.795  1.00 27.58 ? 12  SER A O   1 
ATOM   78  C  CB  . SER A 1 96  ? -8.823  12.758  -8.148  1.00 24.03 ? 12  SER A CB  1 
ATOM   79  O  OG  . SER A 1 96  ? -7.616  12.717  -8.881  1.00 25.38 ? 12  SER A OG  1 
ATOM   80  N  N   . LEU A 1 97  ? -8.882  9.808   -7.248  1.00 25.34 ? 13  LEU A N   1 
ATOM   81  C  CA  . LEU A 1 97  ? -8.438  8.458   -7.526  1.00 25.70 ? 13  LEU A CA  1 
ATOM   82  C  C   . LEU A 1 97  ? -7.530  8.492   -8.748  1.00 26.05 ? 13  LEU A C   1 
ATOM   83  O  O   . LEU A 1 97  ? -6.592  7.692   -8.831  1.00 24.80 ? 13  LEU A O   1 
ATOM   84  C  CB  . LEU A 1 97  ? -9.653  7.554   -7.754  1.00 25.01 ? 13  LEU A CB  1 
ATOM   85  C  CG  . LEU A 1 97  ? -10.629 7.508   -6.579  1.00 25.32 ? 13  LEU A CG  1 
ATOM   86  C  CD1 . LEU A 1 97  ? -11.773 6.552   -6.856  1.00 25.46 ? 13  LEU A CD1 1 
ATOM   87  C  CD2 . LEU A 1 97  ? -9.905  7.136   -5.293  1.00 24.96 ? 13  LEU A CD2 1 
ATOM   88  N  N   . TYR A 1 98  ? -7.790  9.462   -9.642  1.00 25.20 ? 14  TYR A N   1 
ATOM   89  C  CA  . TYR A 1 98  ? -6.992  9.658   -10.854 1.00 26.53 ? 14  TYR A CA  1 
ATOM   90  C  C   . TYR A 1 98  ? -5.545  9.987   -10.463 1.00 26.60 ? 14  TYR A C   1 
ATOM   91  O  O   . TYR A 1 98  ? -4.597  9.401   -11.037 1.00 26.61 ? 14  TYR A O   1 
ATOM   92  C  CB  . TYR A 1 98  ? -7.660  10.691  -11.774 1.00 26.92 ? 14  TYR A CB  1 
ATOM   93  C  CG  . TYR A 1 98  ? -8.959  10.192  -12.365 1.00 30.78 ? 14  TYR A CG  1 
ATOM   94  C  CD1 . TYR A 1 98  ? -8.972  9.331   -13.454 1.00 30.83 ? 14  TYR A CD1 1 
ATOM   95  C  CD2 . TYR A 1 98  ? -10.182 10.507  -11.783 1.00 32.17 ? 14  TYR A CD2 1 
ATOM   96  C  CE1 . TYR A 1 98  ? -10.160 8.847   -13.983 1.00 30.91 ? 14  TYR A CE1 1 
ATOM   97  C  CE2 . TYR A 1 98  ? -11.378 10.024  -12.295 1.00 31.42 ? 14  TYR A CE2 1 
ATOM   98  C  CZ  . TYR A 1 98  ? -11.368 9.179   -13.389 1.00 30.77 ? 14  TYR A CZ  1 
ATOM   99  O  OH  . TYR A 1 98  ? -12.544 8.713   -13.909 1.00 32.41 ? 14  TYR A OH  1 
ATOM   100 N  N   . GLN A 1 99  ? -5.385  10.917  -9.504  1.00 27.36 ? 15  GLN A N   1 
ATOM   101 C  CA  . GLN A 1 99  ? -4.075  11.302  -8.963  1.00 28.89 ? 15  GLN A CA  1 
ATOM   102 C  C   . GLN A 1 99  ? -3.397  10.055  -8.379  1.00 28.07 ? 15  GLN A C   1 
ATOM   103 O  O   . GLN A 1 99  ? -2.240  9.811   -8.648  1.00 31.46 ? 15  GLN A O   1 
ATOM   104 C  CB  . GLN A 1 99  ? -4.202  12.424  -7.925  1.00 30.42 ? 15  GLN A CB  1 
ATOM   105 C  CG  . GLN A 1 99  ? -4.500  13.794  -8.528  1.00 34.08 ? 15  GLN A CG  1 
ATOM   106 C  CD  . GLN A 1 99  ? -4.733  14.900  -7.520  1.00 34.45 ? 15  GLN A CD  1 
ATOM   107 O  OE1 . GLN A 1 99  ? -5.553  14.796  -6.607  1.00 32.85 ? 15  GLN A OE1 1 
ATOM   108 N  NE2 . GLN A 1 99  ? -4.048  16.015  -7.724  1.00 37.08 ? 15  GLN A NE2 1 
ATOM   109 N  N   . LEU A 1 100 ? -4.138  9.238   -7.624  1.00 28.43 ? 16  LEU A N   1 
ATOM   110 C  CA  . LEU A 1 100 ? -3.566  8.025   -7.010  1.00 29.87 ? 16  LEU A CA  1 
ATOM   111 C  C   . LEU A 1 100 ? -3.097  7.046   -8.101  1.00 31.36 ? 16  LEU A C   1 
ATOM   112 O  O   . LEU A 1 100 ? -2.224  6.208   -7.868  1.00 29.03 ? 16  LEU A O   1 
ATOM   113 C  CB  . LEU A 1 100 ? -4.597  7.349   -6.101  1.00 30.32 ? 16  LEU A CB  1 
ATOM   114 C  CG  . LEU A 1 100 ? -5.116  8.158   -4.911  1.00 30.79 ? 16  LEU A CG  1 
ATOM   115 C  CD1 . LEU A 1 100 ? -6.004  7.284   -4.050  1.00 31.30 ? 16  LEU A CD1 1 
ATOM   116 C  CD2 . LEU A 1 100 ? -3.981  8.728   -4.074  1.00 32.60 ? 16  LEU A CD2 1 
ATOM   117 N  N   . GLU A 1 101 ? -3.697  7.132   -9.289  1.00 33.34 ? 17  GLU A N   1 
ATOM   118 C  CA  . GLU A 1 101 ? -3.348  6.238   -10.372 1.00 34.85 ? 17  GLU A CA  1 
ATOM   119 C  C   . GLU A 1 101 ? -1.861  6.419   -10.708 1.00 34.72 ? 17  GLU A C   1 
ATOM   120 O  O   . GLU A 1 101 ? -1.201  5.482   -11.146 1.00 33.43 ? 17  GLU A O   1 
ATOM   121 C  CB  . GLU A 1 101 ? -4.258  6.483   -11.574 1.00 38.43 ? 17  GLU A CB  1 
ATOM   122 C  CG  . GLU A 1 101 ? -4.943  5.228   -12.063 1.00 40.60 ? 17  GLU A CG  1 
ATOM   123 C  CD  . GLU A 1 101 ? -5.559  5.370   -13.441 1.00 43.15 ? 17  GLU A CD  1 
ATOM   124 O  OE1 . GLU A 1 101 ? -5.939  6.519   -13.830 1.00 40.96 ? 17  GLU A OE1 1 
ATOM   125 O  OE2 . GLU A 1 101 ? -5.626  4.333   -14.135 1.00 46.64 ? 17  GLU A OE2 1 
ATOM   126 N  N   . ASN A 1 102 ? -1.315  7.603   -10.397 1.00 34.94 ? 18  ASN A N   1 
ATOM   127 C  CA  . ASN A 1 102 ? 0.067   7.915   -10.683 1.00 34.17 ? 18  ASN A CA  1 
ATOM   128 C  C   . ASN A 1 102 ? 1.025   7.011   -9.886  1.00 35.39 ? 18  ASN A C   1 
ATOM   129 O  O   . ASN A 1 102 ? 2.233   7.023   -10.175 1.00 31.48 ? 18  ASN A O   1 
ATOM   130 C  CB  . ASN A 1 102 ? 0.376   9.396   -10.443 1.00 36.57 ? 18  ASN A CB  1 
ATOM   131 C  CG  . ASN A 1 102 ? -0.406  10.320  -11.357 1.00 42.35 ? 18  ASN A CG  1 
ATOM   132 O  OD1 . ASN A 1 102 ? -0.710  9.966   -12.499 1.00 44.25 ? 18  ASN A OD1 1 
ATOM   133 N  ND2 . ASN A 1 102 ? -0.757  11.497  -10.859 1.00 42.95 ? 18  ASN A ND2 1 
ATOM   134 N  N   . TYR A 1 103 ? 0.527   6.243   -8.899  1.00 32.24 ? 19  TYR A N   1 
ATOM   135 C  CA  . TYR A 1 103 ? 1.406   5.456   -8.005  1.00 31.94 ? 19  TYR A CA  1 
ATOM   136 C  C   . TYR A 1 103 ? 1.357   3.954   -8.330  1.00 30.95 ? 19  TYR A C   1 
ATOM   137 O  O   . TYR A 1 103 ? 2.076   3.171   -7.726  1.00 29.45 ? 19  TYR A O   1 
ATOM   138 C  CB  . TYR A 1 103 ? 1.066   5.715   -6.537  1.00 31.38 ? 19  TYR A CB  1 
ATOM   139 C  CG  . TYR A 1 103 ? 1.446   7.085   -6.041  1.00 34.45 ? 19  TYR A CG  1 
ATOM   140 C  CD1 . TYR A 1 103 ? 2.778   7.432   -5.869  1.00 36.82 ? 19  TYR A CD1 1 
ATOM   141 C  CD2 . TYR A 1 103 ? 0.484   8.036   -5.733  1.00 36.40 ? 19  TYR A CD2 1 
ATOM   142 C  CE1 . TYR A 1 103 ? 3.149   8.693   -5.429  1.00 37.96 ? 19  TYR A CE1 1 
ATOM   143 C  CE2 . TYR A 1 103 ? 0.837   9.302   -5.287  1.00 36.77 ? 19  TYR A CE2 1 
ATOM   144 C  CZ  . TYR A 1 103 ? 2.175   9.628   -5.123  1.00 38.62 ? 19  TYR A CZ  1 
ATOM   145 O  OH  . TYR A 1 103 ? 2.560   10.855  -4.658  1.00 40.23 ? 19  TYR A OH  1 
ATOM   146 N  N   . CYS A 1 104 ? 0.534   3.559   -9.300  1.00 34.77 ? 20  CYS A N   1 
ATOM   147 C  CA  . CYS A 1 104 ? 0.438   2.163   -9.707  1.00 35.55 ? 20  CYS A CA  1 
ATOM   148 C  C   . CYS A 1 104 ? 1.706   1.765   -10.470 1.00 38.03 ? 20  CYS A C   1 
ATOM   149 O  O   . CYS A 1 104 ? 2.445   2.614   -10.934 1.00 40.09 ? 20  CYS A O   1 
ATOM   150 C  CB  . CYS A 1 104 ? -0.796  1.916   -10.567 1.00 32.42 ? 20  CYS A CB  1 
ATOM   151 S  SG  . CYS A 1 104 ? -2.358  2.406   -9.786  1.00 33.22 ? 20  CYS A SG  1 
ATOM   152 N  N   . ASN A 1 105 ? 1.943   0.455   -10.578 1.00 45.44 ? 21  ASN A N   1 
ATOM   153 C  CA  . ASN A 1 105 ? 2.953   -0.102  -11.488 1.00 50.11 ? 21  ASN A CA  1 
ATOM   154 C  C   . ASN A 1 105 ? 2.377   -0.205  -12.903 1.00 53.52 ? 21  ASN A C   1 
ATOM   155 O  O   . ASN A 1 105 ? 2.947   0.343   -13.838 1.00 65.04 ? 21  ASN A O   1 
ATOM   156 C  CB  . ASN A 1 105 ? 3.428   -1.474  -11.029 1.00 48.32 ? 21  ASN A CB  1 
ATOM   157 C  CG  . ASN A 1 105 ? 4.499   -1.360  -9.975  1.00 50.51 ? 21  ASN A CG  1 
ATOM   158 O  OD1 . ASN A 1 105 ? 5.639   -1.044  -10.299 1.00 53.91 ? 21  ASN A OD1 1 
ATOM   159 N  ND2 . ASN A 1 105 ? 4.139   -1.599  -8.725  1.00 48.22 ? 21  ASN A ND2 1 
ATOM   160 O  OXT . ASN A 1 105 ? 1.343   -0.835  -13.135 1.00 58.90 ? 21  ASN A OXT 1 
ATOM   161 N  N   . PHE B 1 25  ? -16.361 9.539   -9.769  1.00 49.31 ? 1   PHE B N   1 
ATOM   162 C  CA  . PHE B 1 25  ? -15.483 9.506   -8.555  1.00 46.90 ? 1   PHE B CA  1 
ATOM   163 C  C   . PHE B 1 25  ? -15.479 10.891  -7.903  1.00 47.61 ? 1   PHE B C   1 
ATOM   164 O  O   . PHE B 1 25  ? -15.569 11.911  -8.592  1.00 46.97 ? 1   PHE B O   1 
ATOM   165 C  CB  . PHE B 1 25  ? -14.069 9.043   -8.914  1.00 44.99 ? 1   PHE B CB  1 
ATOM   166 C  CG  . PHE B 1 25  ? -14.025 7.781   -9.737  1.00 45.91 ? 1   PHE B CG  1 
ATOM   167 C  CD1 . PHE B 1 25  ? -14.890 6.728   -9.475  1.00 44.47 ? 1   PHE B CD1 1 
ATOM   168 C  CD2 . PHE B 1 25  ? -13.118 7.642   -10.776 1.00 46.85 ? 1   PHE B CD2 1 
ATOM   169 C  CE1 . PHE B 1 25  ? -14.849 5.567   -10.232 1.00 42.13 ? 1   PHE B CE1 1 
ATOM   170 C  CE2 . PHE B 1 25  ? -13.073 6.478   -11.530 1.00 46.41 ? 1   PHE B CE2 1 
ATOM   171 C  CZ  . PHE B 1 25  ? -13.946 5.447   -11.260 1.00 46.19 ? 1   PHE B CZ  1 
ATOM   172 N  N   . VAL B 1 26  ? -15.397 10.893  -6.569  1.00 44.88 ? 2   VAL B N   1 
ATOM   173 C  CA  . VAL B 1 26  ? -15.376 12.100  -5.753  1.00 42.99 ? 2   VAL B CA  1 
ATOM   174 C  C   . VAL B 1 26  ? -13.928 12.354  -5.312  1.00 40.73 ? 2   VAL B C   1 
ATOM   175 O  O   . VAL B 1 26  ? -13.083 11.448  -5.381  1.00 41.25 ? 2   VAL B O   1 
ATOM   176 C  CB  . VAL B 1 26  ? -16.338 11.968  -4.551  1.00 43.73 ? 2   VAL B CB  1 
ATOM   177 C  CG1 . VAL B 1 26  ? -17.776 11.771  -5.016  1.00 44.63 ? 2   VAL B CG1 1 
ATOM   178 C  CG2 . VAL B 1 26  ? -15.936 10.853  -3.593  1.00 41.22 ? 2   VAL B CG2 1 
ATOM   179 N  N   . ASN B 1 27  ? -13.644 13.588  -4.885  1.00 35.88 ? 3   ASN B N   1 
ATOM   180 C  CA  . ASN B 1 27  ? -12.373 13.905  -4.215  1.00 38.29 ? 3   ASN B CA  1 
ATOM   181 C  C   . ASN B 1 27  ? -12.404 13.289  -2.818  1.00 36.39 ? 3   ASN B C   1 
ATOM   182 O  O   . ASN B 1 27  ? -13.449 13.231  -2.200  1.00 38.61 ? 3   ASN B O   1 
ATOM   183 C  CB  . ASN B 1 27  ? -12.111 15.409  -4.169  1.00 36.12 ? 3   ASN B CB  1 
ATOM   184 C  CG  . ASN B 1 27  ? -12.105 15.982  -5.565  1.00 40.36 ? 3   ASN B CG  1 
ATOM   185 O  OD1 . ASN B 1 27  ? -11.425 15.452  -6.445  1.00 40.70 ? 3   ASN B OD1 1 
ATOM   186 N  ND2 . ASN B 1 27  ? -12.911 17.009  -5.791  1.00 41.37 ? 3   ASN B ND2 1 
ATOM   187 N  N   . GLN B 1 28  ? -11.258 12.806  -2.340  1.00 34.54 ? 4   GLN B N   1 
ATOM   188 C  CA  . GLN B 1 28  ? -11.246 12.035  -1.111  1.00 36.08 ? 4   GLN B CA  1 
ATOM   189 C  C   . GLN B 1 28  ? -10.219 12.643  -0.155  1.00 34.09 ? 4   GLN B C   1 
ATOM   190 O  O   . GLN B 1 28  ? -9.188  13.154  -0.575  1.00 32.75 ? 4   GLN B O   1 
ATOM   191 C  CB  . GLN B 1 28  ? -10.982 10.551  -1.398  1.00 39.61 ? 4   GLN B CB  1 
ATOM   192 C  CG  . GLN B 1 28  ? -12.233 9.752   -1.779  1.00 44.36 ? 4   GLN B CG  1 
ATOM   193 C  CD  . GLN B 1 28  ? -13.255 9.654   -0.663  1.00 47.94 ? 4   GLN B CD  1 
ATOM   194 O  OE1 . GLN B 1 28  ? -12.938 9.780   0.520   1.00 50.59 ? 4   GLN B OE1 1 
ATOM   195 N  NE2 . GLN B 1 28  ? -14.507 9.435   -1.031  1.00 49.52 ? 4   GLN B NE2 1 
ATOM   196 N  N   . HIS B 1 29  ? -10.541 12.582  1.138   1.00 30.99 ? 5   HIS B N   1 
ATOM   197 C  CA  . HIS B 1 29  ? -9.617  12.937  2.180   1.00 32.03 ? 5   HIS B CA  1 
ATOM   198 C  C   . HIS B 1 29  ? -9.135  11.633  2.830   1.00 29.52 ? 5   HIS B C   1 
ATOM   199 O  O   . HIS B 1 29  ? -9.914  10.915  3.432   1.00 33.01 ? 5   HIS B O   1 
ATOM   200 C  CB  . HIS B 1 29  ? -10.276 13.968  3.107   1.00 29.91 ? 5   HIS B CB  1 
ATOM   201 C  CG  . HIS B 1 29  ? -9.423  14.373  4.253   1.00 32.01 ? 5   HIS B CG  1 
ATOM   202 N  ND1 . HIS B 1 29  ? -9.923  14.515  5.535   1.00 32.00 ? 5   HIS B ND1 1 
ATOM   203 C  CD2 . HIS B 1 29  ? -8.108  14.660  4.322   1.00 32.20 ? 5   HIS B CD2 1 
ATOM   204 C  CE1 . HIS B 1 29  ? -8.952  14.886  6.337   1.00 33.35 ? 5   HIS B CE1 1 
ATOM   205 N  NE2 . HIS B 1 29  ? -7.824  14.960  5.622   1.00 32.54 ? 5   HIS B NE2 1 
ATOM   206 N  N   . LEU B 1 30  ? -7.841  11.338  2.664   1.00 29.25 ? 6   LEU B N   1 
ATOM   207 C  CA  . LEU B 1 30  ? -7.269  10.031  2.934   1.00 28.20 ? 6   LEU B CA  1 
ATOM   208 C  C   . LEU B 1 30  ? -5.928  10.186  3.670   1.00 29.85 ? 6   LEU B C   1 
ATOM   209 O  O   . LEU B 1 30  ? -4.936  10.661  3.086   1.00 27.72 ? 6   LEU B O   1 
ATOM   210 C  CB  . LEU B 1 30  ? -7.050  9.319   1.594   1.00 27.84 ? 6   LEU B CB  1 
ATOM   211 C  CG  . LEU B 1 30  ? -8.294  8.972   0.775   1.00 27.13 ? 6   LEU B CG  1 
ATOM   212 C  CD1 . LEU B 1 30  ? -7.871  8.479   -0.596  1.00 29.49 ? 6   LEU B CD1 1 
ATOM   213 C  CD2 . LEU B 1 30  ? -9.153  7.915   1.456   1.00 26.82 ? 6   LEU B CD2 1 
ATOM   214 N  N   . CYS B 1 31  ? -5.890  9.746   4.939   1.00 30.95 ? 7   CYS B N   1 
ATOM   215 C  CA  . CYS B 1 31  ? -4.664  9.748   5.737   1.00 30.50 ? 7   CYS B CA  1 
ATOM   216 C  C   . CYS B 1 31  ? -4.259  8.315   6.112   1.00 28.81 ? 7   CYS B C   1 
ATOM   217 O  O   . CYS B 1 31  ? -5.091  7.450   6.340   1.00 28.54 ? 7   CYS B O   1 
ATOM   218 C  CB  . CYS B 1 31  ? -4.827  10.578  7.003   1.00 30.81 ? 7   CYS B CB  1 
ATOM   219 S  SG  . CYS B 1 31  ? -5.215  12.317  6.680   1.00 34.15 ? 7   CYS B SG  1 
ATOM   220 N  N   . GLY B 1 32  ? -2.944  8.092   6.174   1.00 28.63 ? 8   GLY B N   1 
ATOM   221 C  CA  . GLY B 1 32  ? -2.380  6.886   6.735   1.00 30.07 ? 8   GLY B CA  1 
ATOM   222 C  C   . GLY B 1 32  ? -2.912  5.655   6.041   1.00 28.77 ? 8   GLY B C   1 
ATOM   223 O  O   . GLY B 1 32  ? -2.887  5.591   4.821   1.00 29.35 ? 8   GLY B O   1 
ATOM   224 N  N   . SER B 1 33  ? -3.430  4.711   6.835   1.00 28.02 ? 9   SER B N   1 
ATOM   225 C  CA  . SER B 1 33  ? -3.815  3.404   6.357   1.00 27.22 ? 9   SER B CA  1 
ATOM   226 C  C   . SER B 1 33  ? -4.959  3.519   5.345   1.00 25.98 ? 9   SER B C   1 
ATOM   227 O  O   . SER B 1 33  ? -5.116  2.657   4.478   1.00 24.23 ? 9   SER B O   1 
ATOM   228 C  CB  . SER B 1 33  ? -4.189  2.500   7.507   1.00 28.04 ? 9   SER B CB  1 
ATOM   229 O  OG  . SER B 1 33  ? -5.185  3.103   8.321   1.00 31.11 ? 9   SER B OG  1 
ATOM   230 N  N   . HIS B 1 34  ? -5.788  4.561   5.494   1.00 25.98 ? 10  HIS B N   1 
ATOM   231 C  CA  . HIS B 1 34  ? -6.861  4.824   4.534   1.00 26.49 ? 10  HIS B CA  1 
ATOM   232 C  C   . HIS B 1 34  ? -6.277  5.149   3.152   1.00 24.72 ? 10  HIS B C   1 
ATOM   233 O  O   . HIS B 1 34  ? -6.827  4.713   2.159   1.00 23.81 ? 10  HIS B O   1 
ATOM   234 C  CB  . HIS B 1 34  ? -7.834  5.896   5.057   1.00 26.52 ? 10  HIS B CB  1 
ATOM   235 C  CG  . HIS B 1 34  ? -8.519  5.501   6.320   1.00 26.06 ? 10  HIS B CG  1 
ATOM   236 N  ND1 . HIS B 1 34  ? -9.377  4.417   6.390   1.00 26.81 ? 10  HIS B ND1 1 
ATOM   237 C  CD2 . HIS B 1 34  ? -8.481  6.042   7.554   1.00 25.44 ? 10  HIS B CD2 1 
ATOM   238 C  CE1 . HIS B 1 34  ? -9.839  4.305   7.616   1.00 27.19 ? 10  HIS B CE1 1 
ATOM   239 N  NE2 . HIS B 1 34  ? -9.294  5.295   8.353   1.00 27.77 ? 10  HIS B NE2 1 
ATOM   240 N  N   . LEU B 1 35  ? -5.154  5.879   3.081   1.00 24.97 ? 11  LEU B N   1 
ATOM   241 C  CA  . LEU B 1 35  ? -4.564  6.183   1.773   1.00 24.40 ? 11  LEU B CA  1 
ATOM   242 C  C   . LEU B 1 35  ? -4.103  4.883   1.094   1.00 24.88 ? 11  LEU B C   1 
ATOM   243 O  O   . LEU B 1 35  ? -4.308  4.705   -0.095  1.00 25.79 ? 11  LEU B O   1 
ATOM   244 C  CB  . LEU B 1 35  ? -3.423  7.189   1.935   1.00 24.87 ? 11  LEU B CB  1 
ATOM   245 C  CG  . LEU B 1 35  ? -2.601  7.476   0.675   1.00 25.89 ? 11  LEU B CG  1 
ATOM   246 C  CD1 . LEU B 1 35  ? -3.500  7.818   -0.507  1.00 27.75 ? 11  LEU B CD1 1 
ATOM   247 C  CD2 . LEU B 1 35  ? -1.615  8.611   0.921   1.00 25.73 ? 11  LEU B CD2 1 
ATOM   248 N  N   . VAL B 1 36  ? -3.512  3.952   1.851   1.00 25.70 ? 12  VAL B N   1 
ATOM   249 C  CA  . VAL B 1 36  ? -2.910  2.749   1.229   1.00 25.62 ? 12  VAL B CA  1 
ATOM   250 C  C   . VAL B 1 36  ? -4.017  1.772   0.816   1.00 25.03 ? 12  VAL B C   1 
ATOM   251 O  O   . VAL B 1 36  ? -3.832  1.001   -0.137  1.00 23.38 ? 12  VAL B O   1 
ATOM   252 C  CB  . VAL B 1 36  ? -1.863  2.043   2.116   1.00 26.14 ? 12  VAL B CB  1 
ATOM   253 C  CG1 . VAL B 1 36  ? -0.664  2.925   2.379   1.00 26.97 ? 12  VAL B CG1 1 
ATOM   254 C  CG2 . VAL B 1 36  ? -2.433  1.521   3.414   1.00 26.74 ? 12  VAL B CG2 1 
ATOM   255 N  N   . GLU B 1 37  ? -5.144  1.807   1.536   1.00 24.70 ? 13  GLU B N   1 
ATOM   256 C  CA  . GLU B 1 37  ? -6.336  1.058   1.144   1.00 26.44 ? 13  GLU B CA  1 
ATOM   257 C  C   . GLU B 1 37  ? -6.815  1.570   -0.218  1.00 25.06 ? 13  GLU B C   1 
ATOM   258 O  O   . GLU B 1 37  ? -7.118  0.781   -1.107  1.00 25.08 ? 13  GLU B O   1 
ATOM   259 C  CB  . GLU B 1 37  ? -7.428  1.128   2.219   1.00 27.76 ? 13  GLU B CB  1 
ATOM   260 C  CG  . GLU B 1 37  ? -7.177  0.170   3.376   0.50 29.38 ? 13  GLU B CG  1 
ATOM   261 C  CD  . GLU B 1 37  ? -8.277  0.073   4.423   0.50 31.76 ? 13  GLU B CD  1 
ATOM   262 O  OE1 . GLU B 1 37  ? -8.576  1.106   5.083   0.50 30.75 ? 13  GLU B OE1 1 
ATOM   263 O  OE2 . GLU B 1 37  ? -8.821  -1.051  4.593   0.50 32.00 ? 13  GLU B OE2 1 
ATOM   264 N  N   . ALA B 1 38  ? -6.847  2.892   -0.385  1.00 24.10 ? 14  ALA B N   1 
ATOM   265 C  CA  . ALA B 1 38  ? -7.316  3.495   -1.627  1.00 23.46 ? 14  ALA B CA  1 
ATOM   266 C  C   . ALA B 1 38  ? -6.405  3.107   -2.793  1.00 22.64 ? 14  ALA B C   1 
ATOM   267 O  O   . ALA B 1 38  ? -6.903  2.799   -3.864  1.00 20.20 ? 14  ALA B O   1 
ATOM   268 C  CB  . ALA B 1 38  ? -7.393  4.983   -1.472  1.00 23.25 ? 14  ALA B CB  1 
ATOM   269 N  N   . LEU B 1 39  ? -5.080  3.125   -2.561  1.00 24.37 ? 15  LEU B N   1 
ATOM   270 C  CA  . LEU B 1 39  ? -4.080  2.747   -3.568  1.00 24.14 ? 15  LEU B CA  1 
ATOM   271 C  C   . LEU B 1 39  ? -4.275  1.281   -3.949  1.00 24.92 ? 15  LEU B C   1 
ATOM   272 O  O   . LEU B 1 39  ? -4.247  0.943   -5.134  1.00 25.44 ? 15  LEU B O   1 
ATOM   273 C  CB  . LEU B 1 39  ? -2.656  2.975   -3.040  1.00 25.60 ? 15  LEU B CB  1 
ATOM   274 C  CG  . LEU B 1 39  ? -2.190  4.427   -3.022  1.00 26.35 ? 15  LEU B CG  1 
ATOM   275 C  CD1 . LEU B 1 39  ? -0.870  4.565   -2.279  1.00 28.75 ? 15  LEU B CD1 1 
ATOM   276 C  CD2 . LEU B 1 39  ? -2.063  4.978   -4.436  1.00 27.73 ? 15  LEU B CD2 1 
ATOM   277 N  N   . TYR B 1 40  ? -4.491  0.419   -2.947  1.00 24.88 ? 16  TYR B N   1 
ATOM   278 C  CA  . TYR B 1 40  ? -4.788  -0.964  -3.230  1.00 25.69 ? 16  TYR B CA  1 
ATOM   279 C  C   . TYR B 1 40  ? -5.998  -1.086  -4.172  1.00 26.34 ? 16  TYR B C   1 
ATOM   280 O  O   . TYR B 1 40  ? -5.954  -1.848  -5.136  1.00 27.97 ? 16  TYR B O   1 
ATOM   281 C  CB  . TYR B 1 40  ? -5.063  -1.761  -1.955  1.00 26.57 ? 16  TYR B CB  1 
ATOM   282 C  CG  . TYR B 1 40  ? -5.396  -3.195  -2.257  1.00 26.22 ? 16  TYR B CG  1 
ATOM   283 C  CD1 . TYR B 1 40  ? -4.419  -4.041  -2.754  1.00 28.02 ? 16  TYR B CD1 1 
ATOM   284 C  CD2 . TYR B 1 40  ? -6.688  -3.684  -2.134  1.00 29.47 ? 16  TYR B CD2 1 
ATOM   285 C  CE1 . TYR B 1 40  ? -4.706  -5.349  -3.098  1.00 28.40 ? 16  TYR B CE1 1 
ATOM   286 C  CE2 . TYR B 1 40  ? -6.994  -4.999  -2.462  1.00 27.74 ? 16  TYR B CE2 1 
ATOM   287 C  CZ  . TYR B 1 40  ? -5.996  -5.832  -2.950  1.00 29.41 ? 16  TYR B CZ  1 
ATOM   288 O  OH  . TYR B 1 40  ? -6.243  -7.144  -3.255  1.00 30.61 ? 16  TYR B OH  1 
ATOM   289 N  N   . LEU B 1 41  ? -7.081  -0.360  -3.874  1.00 25.67 ? 17  LEU B N   1 
ATOM   290 C  CA  . LEU B 1 41  ? -8.325  -0.470  -4.637  1.00 27.38 ? 17  LEU B CA  1 
ATOM   291 C  C   . LEU B 1 41  ? -8.125  0.051   -6.067  1.00 26.69 ? 17  LEU B C   1 
ATOM   292 O  O   . LEU B 1 41  ? -8.599  -0.541  -6.988  1.00 25.39 ? 17  LEU B O   1 
ATOM   293 C  CB  . LEU B 1 41  ? -9.445  0.296   -3.921  1.00 27.10 ? 17  LEU B CB  1 
ATOM   294 C  CG  . LEU B 1 41  ? -9.934  -0.357  -2.624  1.00 29.28 ? 17  LEU B CG  1 
ATOM   295 C  CD1 . LEU B 1 41  ? -10.886 0.557   -1.864  1.00 29.39 ? 17  LEU B CD1 1 
ATOM   296 C  CD2 . LEU B 1 41  ? -10.598 -1.704  -2.910  1.00 30.33 ? 17  LEU B CD2 1 
ATOM   297 N  N   . VAL B 1 42  ? -7.429  1.177   -6.214  1.00 28.00 ? 18  VAL B N   1 
ATOM   298 C  CA  . VAL B 1 42  ? -7.174  1.794   -7.522  1.00 27.79 ? 18  VAL B CA  1 
ATOM   299 C  C   . VAL B 1 42  ? -6.224  0.909   -8.353  1.00 28.58 ? 18  VAL B C   1 
ATOM   300 O  O   . VAL B 1 42  ? -6.476  0.615   -9.514  1.00 29.89 ? 18  VAL B O   1 
ATOM   301 C  CB  . VAL B 1 42  ? -6.636  3.225   -7.328  1.00 27.19 ? 18  VAL B CB  1 
ATOM   302 C  CG1 . VAL B 1 42  ? -6.078  3.829   -8.609  1.00 28.84 ? 18  VAL B CG1 1 
ATOM   303 C  CG2 . VAL B 1 42  ? -7.708  4.143   -6.749  1.00 27.94 ? 18  VAL B CG2 1 
ATOM   304 N  N   . CYS B 1 43  ? -5.109  0.487   -7.760  1.00 30.05 ? 19  CYS B N   1 
ATOM   305 C  CA  . CYS B 1 43  ? -4.047  -0.118  -8.530  1.00 30.00 ? 19  CYS B CA  1 
ATOM   306 C  C   . CYS B 1 43  ? -4.316  -1.607  -8.757  1.00 31.83 ? 19  CYS B C   1 
ATOM   307 O  O   . CYS B 1 43  ? -3.998  -2.118  -9.810  1.00 35.15 ? 19  CYS B O   1 
ATOM   308 C  CB  . CYS B 1 43  ? -2.711  0.091   -7.846  1.00 28.69 ? 19  CYS B CB  1 
ATOM   309 S  SG  . CYS B 1 43  ? -2.251  1.834   -7.795  1.00 27.46 ? 19  CYS B SG  1 
ATOM   310 N  N   . GLY B 1 44  ? -4.906  -2.275  -7.764  1.00 32.88 ? 20  GLY B N   1 
ATOM   311 C  CA  . GLY B 1 44  ? -5.203  -3.692  -7.847  1.00 36.06 ? 20  GLY B CA  1 
ATOM   312 C  C   . GLY B 1 44  ? -3.943  -4.521  -8.050  1.00 40.84 ? 20  GLY B C   1 
ATOM   313 O  O   . GLY B 1 44  ? -2.913  -4.300  -7.371  1.00 40.39 ? 20  GLY B O   1 
ATOM   314 N  N   . GLU B 1 45  ? -4.030  -5.471  -8.999  1.00 42.37 ? 21  GLU B N   1 
ATOM   315 C  CA  . GLU B 1 45  ? -2.991  -6.476  -9.268  1.00 40.22 ? 21  GLU B CA  1 
ATOM   316 C  C   . GLU B 1 45  ? -1.772  -5.817  -9.923  1.00 37.23 ? 21  GLU B C   1 
ATOM   317 O  O   . GLU B 1 45  ? -0.701  -6.397  -9.911  1.00 33.46 ? 21  GLU B O   1 
ATOM   318 C  CB  . GLU B 1 45  ? -3.533  -7.601  -10.159 1.00 43.78 ? 21  GLU B CB  1 
ATOM   319 N  N   . ARG B 1 46  ? -1.950  -4.599  -10.458 1.00 37.88 ? 22  ARG B N   1 
ATOM   320 C  CA  . ARG B 1 46  ? -0.870  -3.791  -11.017 1.00 36.50 ? 22  ARG B CA  1 
ATOM   321 C  C   . ARG B 1 46  ? 0.198   -3.506  -9.947  1.00 37.17 ? 22  ARG B C   1 
ATOM   322 O  O   . ARG B 1 46  ? 1.354   -3.302  -10.293 1.00 38.89 ? 22  ARG B O   1 
ATOM   323 C  CB  . ARG B 1 46  ? -1.404  -2.465  -11.572 1.00 39.13 ? 22  ARG B CB  1 
ATOM   324 C  CG  . ARG B 1 46  ? -2.228  -2.577  -12.850 1.00 43.00 ? 22  ARG B CG  1 
ATOM   325 C  CD  . ARG B 1 46  ? -3.269  -1.465  -13.001 1.00 45.77 ? 22  ARG B CD  1 
ATOM   326 N  NE  . ARG B 1 46  ? -2.702  -0.135  -13.212 1.00 46.86 ? 22  ARG B NE  1 
ATOM   327 C  CZ  . ARG B 1 46  ? -3.371  1.020   -13.109 1.00 46.87 ? 22  ARG B CZ  1 
ATOM   328 N  NH1 . ARG B 1 46  ? -4.581  1.061   -12.575 1.00 42.61 ? 22  ARG B NH1 1 
ATOM   329 N  NH2 . ARG B 1 46  ? -2.815  2.142   -13.535 1.00 45.22 ? 22  ARG B NH2 1 
ATOM   330 N  N   . GLY B 1 47  ? -0.201  -3.464  -8.667  1.00 35.97 ? 23  GLY B N   1 
ATOM   331 C  CA  . GLY B 1 47  ? 0.675   -3.071  -7.561  1.00 33.03 ? 23  GLY B CA  1 
ATOM   332 C  C   . GLY B 1 47  ? 0.876   -1.572  -7.504  1.00 31.72 ? 23  GLY B C   1 
ATOM   333 O  O   . GLY B 1 47  ? 0.402   -0.848  -8.378  1.00 34.72 ? 23  GLY B O   1 
ATOM   334 N  N   . PHE B 1 48  ? 1.600   -1.103  -6.484  1.00 31.18 ? 24  PHE B N   1 
ATOM   335 C  CA  . PHE B 1 48  ? 1.806   0.321   -6.280  1.00 29.39 ? 24  PHE B CA  1 
ATOM   336 C  C   . PHE B 1 48  ? 3.010   0.574   -5.373  1.00 30.94 ? 24  PHE B C   1 
ATOM   337 O  O   . PHE B 1 48  ? 3.428   -0.308  -4.625  1.00 29.60 ? 24  PHE B O   1 
ATOM   338 C  CB  . PHE B 1 48  ? 0.553   0.986   -5.696  1.00 27.54 ? 24  PHE B CB  1 
ATOM   339 C  CG  . PHE B 1 48  ? 0.085   0.466   -4.355  1.00 25.88 ? 24  PHE B CG  1 
ATOM   340 C  CD1 . PHE B 1 48  ? -0.808  -0.594  -4.270  1.00 26.22 ? 24  PHE B CD1 1 
ATOM   341 C  CD2 . PHE B 1 48  ? 0.494   1.072   -3.175  1.00 23.56 ? 24  PHE B CD2 1 
ATOM   342 C  CE1 . PHE B 1 48  ? -1.255  -1.054  -3.038  1.00 24.39 ? 24  PHE B CE1 1 
ATOM   343 C  CE2 . PHE B 1 48  ? 0.071   0.596   -1.945  1.00 24.01 ? 24  PHE B CE2 1 
ATOM   344 C  CZ  . PHE B 1 48  ? -0.806  -0.459  -1.875  1.00 25.58 ? 24  PHE B CZ  1 
ATOM   345 N  N   . PHE B 1 49  ? 3.516   1.813   -5.438  1.00 32.72 ? 25  PHE B N   1 
ATOM   346 C  CA  . PHE B 1 49  ? 4.519   2.338   -4.522  1.00 33.79 ? 25  PHE B CA  1 
ATOM   347 C  C   . PHE B 1 49  ? 3.881   3.356   -3.564  1.00 31.94 ? 25  PHE B C   1 
ATOM   348 O  O   . PHE B 1 49  ? 3.224   4.317   -3.981  1.00 28.08 ? 25  PHE B O   1 
ATOM   349 C  CB  . PHE B 1 49  ? 5.689   2.945   -5.306  1.00 38.07 ? 25  PHE B CB  1 
ATOM   350 C  CG  . PHE B 1 49  ? 6.654   1.924   -5.867  1.00 42.80 ? 25  PHE B CG  1 
ATOM   351 C  CD1 . PHE B 1 49  ? 6.339   1.191   -7.003  1.00 46.38 ? 25  PHE B CD1 1 
ATOM   352 C  CD2 . PHE B 1 49  ? 7.882   1.696   -5.261  1.00 45.76 ? 25  PHE B CD2 1 
ATOM   353 C  CE1 . PHE B 1 49  ? 7.219   0.243   -7.509  1.00 45.09 ? 25  PHE B CE1 1 
ATOM   354 C  CE2 . PHE B 1 49  ? 8.767   0.761   -5.780  1.00 48.61 ? 25  PHE B CE2 1 
ATOM   355 C  CZ  . PHE B 1 49  ? 8.430   0.029   -6.896  1.00 46.82 ? 25  PHE B CZ  1 
ATOM   356 N  N   . TYR B 1 50  ? 4.073   3.117   -2.265  1.00 30.43 ? 26  TYR B N   1 
ATOM   357 C  CA  . TYR B 1 50  ? 3.743   4.073   -1.239  1.00 31.81 ? 26  TYR B CA  1 
ATOM   358 C  C   . TYR B 1 50  ? 5.033   4.825   -0.865  1.00 33.45 ? 26  TYR B C   1 
ATOM   359 O  O   . TYR B 1 50  ? 5.987   4.211   -0.383  1.00 34.16 ? 26  TYR B O   1 
ATOM   360 C  CB  . TYR B 1 50  ? 3.059   3.369   -0.061  1.00 32.03 ? 26  TYR B CB  1 
ATOM   361 C  CG  . TYR B 1 50  ? 2.725   4.284   1.084   1.00 32.66 ? 26  TYR B CG  1 
ATOM   362 C  CD1 . TYR B 1 50  ? 1.851   5.347   0.903   1.00 34.41 ? 26  TYR B CD1 1 
ATOM   363 C  CD2 . TYR B 1 50  ? 3.309   4.127   2.333   1.00 33.79 ? 26  TYR B CD2 1 
ATOM   364 C  CE1 . TYR B 1 50  ? 1.567   6.235   1.929   1.00 32.87 ? 26  TYR B CE1 1 
ATOM   365 C  CE2 . TYR B 1 50  ? 3.022   4.999   3.376   1.00 32.89 ? 26  TYR B CE2 1 
ATOM   366 C  CZ  . TYR B 1 50  ? 2.144   6.053   3.173   1.00 33.87 ? 26  TYR B CZ  1 
ATOM   367 O  OH  . TYR B 1 50  ? 1.846   6.927   4.184   1.00 31.48 ? 26  TYR B OH  1 
ATOM   368 N  N   . THR B 1 51  ? 5.056   6.141   -1.134  1.00 33.02 ? 27  THR B N   1 
ATOM   369 C  CA  . THR B 1 51  ? 6.231   6.993   -0.976  1.00 35.74 ? 27  THR B CA  1 
ATOM   370 C  C   . THR B 1 51  ? 5.837   8.311   -0.302  1.00 37.50 ? 27  THR B C   1 
ATOM   371 O  O   . THR B 1 51  ? 5.623   9.318   -0.980  1.00 39.89 ? 27  THR B O   1 
ATOM   372 C  CB  . THR B 1 51  ? 6.908   7.220   -2.337  1.00 38.57 ? 27  THR B CB  1 
ATOM   373 O  OG1 . THR B 1 51  ? 6.019   7.920   -3.215  1.00 42.38 ? 27  THR B OG1 1 
ATOM   374 C  CG2 . THR B 1 51  ? 7.303   5.922   -3.009  1.00 40.75 ? 27  THR B CG2 1 
ATOM   375 N  N   . PRO B 1 52  ? 5.707   8.364   1.045   1.00 38.00 ? 28  PRO B N   1 
ATOM   376 C  CA  . PRO B 1 52  ? 5.505   9.637   1.739   1.00 40.25 ? 28  PRO B CA  1 
ATOM   377 C  C   . PRO B 1 52  ? 6.771   10.505  1.668   1.00 45.65 ? 28  PRO B C   1 
ATOM   378 O  O   . PRO B 1 52  ? 7.870   9.967   1.614   1.00 45.11 ? 28  PRO B O   1 
ATOM   379 C  CB  . PRO B 1 52  ? 5.150   9.248   3.183   1.00 38.62 ? 28  PRO B CB  1 
ATOM   380 C  CG  . PRO B 1 52  ? 5.639   7.819   3.352   1.00 37.78 ? 28  PRO B CG  1 
ATOM   381 C  CD  . PRO B 1 52  ? 5.724   7.218   1.964   1.00 38.03 ? 28  PRO B CD  1 
ATOM   382 N  N   . LYS B 1 53  ? 6.578   11.833  1.629   1.00 51.10 ? 29  LYS B N   1 
ATOM   383 C  CA  . LYS B 1 53  ? 7.642   12.856  1.535   1.00 52.83 ? 29  LYS B CA  1 
ATOM   384 C  C   . LYS B 1 53  ? 8.672   12.687  2.661   1.00 47.28 ? 29  LYS B C   1 
ATOM   385 O  O   . LYS B 1 53  ? 8.324   12.597  3.836   1.00 45.50 ? 29  LYS B O   1 
ATOM   386 C  CB  . LYS B 1 53  ? 7.006   14.251  1.590   1.00 57.40 ? 29  LYS B CB  1 
ATOM   387 C  CG  . LYS B 1 53  ? 7.949   15.410  1.883   1.00 61.50 ? 29  LYS B CG  1 
ATOM   388 C  CD  . LYS B 1 53  ? 7.453   16.741  1.338   1.00 64.82 ? 29  LYS B CD  1 
ATOM   389 C  CE  . LYS B 1 53  ? 6.072   17.129  1.830   1.00 63.71 ? 29  LYS B CE  1 
ATOM   390 N  NZ  . LYS B 1 53  ? 6.040   17.294  3.302   1.00 64.93 ? 29  LYS B NZ  1 
ATOM   391 N  N   . GLY C 1 85  ? 6.918   -13.753 -5.005  1.00 34.65 ? 1   GLY C N   1 
ATOM   392 C  CA  . GLY C 1 85  ? 6.948   -12.421 -4.329  1.00 36.25 ? 1   GLY C CA  1 
ATOM   393 C  C   . GLY C 1 85  ? 6.232   -12.439 -2.986  1.00 34.30 ? 1   GLY C C   1 
ATOM   394 O  O   . GLY C 1 85  ? 6.028   -13.496 -2.382  1.00 33.96 ? 1   GLY C O   1 
ATOM   395 N  N   . ILE C 1 86  ? 5.834   -11.239 -2.549  1.00 35.15 ? 2   ILE C N   1 
ATOM   396 C  CA  . ILE C 1 86  ? 5.172   -10.995 -1.268  1.00 31.25 ? 2   ILE C CA  1 
ATOM   397 C  C   . ILE C 1 86  ? 3.899   -11.850 -1.153  1.00 30.48 ? 2   ILE C C   1 
ATOM   398 O  O   . ILE C 1 86  ? 3.627   -12.414 -0.110  1.00 28.65 ? 2   ILE C O   1 
ATOM   399 C  CB  . ILE C 1 86  ? 4.885   -9.487  -1.097  1.00 30.23 ? 2   ILE C CB  1 
ATOM   400 C  CG1 . ILE C 1 86  ? 4.418   -9.168  0.325   1.00 29.25 ? 2   ILE C CG1 1 
ATOM   401 C  CG2 . ILE C 1 86  ? 3.905   -8.972  -2.144  1.00 31.07 ? 2   ILE C CG2 1 
ATOM   402 C  CD1 . ILE C 1 86  ? 3.971   -7.736  0.527   1.00 28.32 ? 2   ILE C CD1 1 
ATOM   403 N  N   . VAL C 1 87  ? 3.135   -11.951 -2.246  1.00 30.84 ? 3   VAL C N   1 
ATOM   404 C  CA  . VAL C 1 87  ? 1.863   -12.660 -2.229  1.00 32.41 ? 3   VAL C CA  1 
ATOM   405 C  C   . VAL C 1 87  ? 2.120   -14.142 -1.945  1.00 35.34 ? 3   VAL C C   1 
ATOM   406 O  O   . VAL C 1 87  ? 1.442   -14.742 -1.108  1.00 33.51 ? 3   VAL C O   1 
ATOM   407 C  CB  . VAL C 1 87  ? 1.062   -12.464 -3.529  1.00 32.45 ? 3   VAL C CB  1 
ATOM   408 C  CG1 . VAL C 1 87  ? -0.260  -13.206 -3.468  1.00 31.06 ? 3   VAL C CG1 1 
ATOM   409 C  CG2 . VAL C 1 87  ? 0.826   -10.988 -3.829  1.00 34.62 ? 3   VAL C CG2 1 
ATOM   410 N  N   . GLU C 1 88  ? 3.126   -14.711 -2.618  1.00 35.23 ? 4   GLU C N   1 
ATOM   411 C  CA  . GLU C 1 88  ? 3.473   -16.104 -2.426  1.00 36.16 ? 4   GLU C CA  1 
ATOM   412 C  C   . GLU C 1 88  ? 3.940   -16.332 -0.978  1.00 35.60 ? 4   GLU C C   1 
ATOM   413 O  O   . GLU C 1 88  ? 3.462   -17.245 -0.323  1.00 35.45 ? 4   GLU C O   1 
ATOM   414 C  CB  . GLU C 1 88  ? 4.530   -16.524 -3.447  1.00 36.98 ? 4   GLU C CB  1 
ATOM   415 C  CG  . GLU C 1 88  ? 3.988   -16.680 -4.854  1.00 37.23 ? 4   GLU C CG  1 
ATOM   416 C  CD  . GLU C 1 88  ? 3.708   -15.379 -5.590  1.00 39.94 ? 4   GLU C CD  1 
ATOM   417 O  OE1 . GLU C 1 88  ? 4.514   -14.430 -5.449  1.00 36.83 ? 4   GLU C OE1 1 
ATOM   418 O  OE2 . GLU C 1 88  ? 2.674   -15.314 -6.293  1.00 39.04 ? 4   GLU C OE2 1 
ATOM   419 N  N   . GLN C 1 89  ? 4.867   -15.498 -0.492  1.00 36.23 ? 5   GLN C N   1 
ATOM   420 C  CA  . GLN C 1 89  ? 5.458   -15.661 0.856   1.00 39.53 ? 5   GLN C CA  1 
ATOM   421 C  C   . GLN C 1 89  ? 4.444   -15.370 1.975   1.00 36.32 ? 5   GLN C C   1 
ATOM   422 O  O   . GLN C 1 89  ? 4.475   -16.046 3.006   1.00 32.29 ? 5   GLN C O   1 
ATOM   423 C  CB  . GLN C 1 89  ? 6.648   -14.723 1.077   1.00 45.77 ? 5   GLN C CB  1 
ATOM   424 C  CG  . GLN C 1 89  ? 7.939   -15.189 0.416   1.00 51.20 ? 5   GLN C CG  1 
ATOM   425 C  CD  . GLN C 1 89  ? 8.932   -14.060 0.250   1.00 56.56 ? 5   GLN C CD  1 
ATOM   426 O  OE1 . GLN C 1 89  ? 9.561   -13.912 -0.799  1.00 61.86 ? 5   GLN C OE1 1 
ATOM   427 N  NE2 . GLN C 1 89  ? 9.072   -13.244 1.286   1.00 58.16 ? 5   GLN C NE2 1 
ATOM   428 N  N   . CYS C 1 90  ? 3.595   -14.344 1.808   1.00 33.86 ? 6   CYS C N   1 
ATOM   429 C  CA  . CYS C 1 90  ? 2.812   -13.808 2.956   1.00 33.51 ? 6   CYS C CA  1 
ATOM   430 C  C   . CYS C 1 90  ? 1.316   -14.173 2.886   1.00 32.43 ? 6   CYS C C   1 
ATOM   431 O  O   . CYS C 1 90  ? 0.665   -14.291 3.952   1.00 29.57 ? 6   CYS C O   1 
ATOM   432 C  CB  . CYS C 1 90  ? 3.015   -12.300 3.070   1.00 34.19 ? 6   CYS C CB  1 
ATOM   433 S  SG  . CYS C 1 90  ? 4.711   -11.847 3.534   1.00 34.75 ? 6   CYS C SG  1 
ATOM   434 N  N   . CYS C 1 91  ? 0.762   -14.309 1.668   1.00 29.74 ? 7   CYS C N   1 
ATOM   435 C  CA  . CYS C 1 91  ? -0.668  -14.600 1.456   1.00 30.19 ? 7   CYS C CA  1 
ATOM   436 C  C   . CYS C 1 91  ? -0.878  -16.106 1.222   1.00 31.04 ? 7   CYS C C   1 
ATOM   437 O  O   . CYS C 1 91  ? -1.713  -16.737 1.889   1.00 26.08 ? 7   CYS C O   1 
ATOM   438 C  CB  . CYS C 1 91  ? -1.247  -13.816 0.281   1.00 29.55 ? 7   CYS C CB  1 
ATOM   439 S  SG  . CYS C 1 91  ? -2.949  -14.284 -0.153  1.00 29.03 ? 7   CYS C SG  1 
ATOM   440 N  N   . ALA C 1 92  ? -0.158  -16.662 0.240   1.00 32.05 ? 8   ALA C N   1 
ATOM   441 C  CA  . ALA C 1 92  ? -0.291  -18.084 -0.112  1.00 34.30 ? 8   ALA C CA  1 
ATOM   442 C  C   . ALA C 1 92  ? 0.328   -18.908 1.015   1.00 33.75 ? 8   ALA C C   1 
ATOM   443 O  O   . ALA C 1 92  ? -0.358  -19.690 1.682   1.00 30.38 ? 8   ALA C O   1 
ATOM   444 C  CB  . ALA C 1 92  ? 0.353   -18.375 -1.449  1.00 33.86 ? 8   ALA C CB  1 
ATOM   445 N  N   . SER C 1 93  ? 1.624   -18.674 1.257   1.00 35.82 ? 9   SER C N   1 
ATOM   446 C  CA  . SER C 1 93  ? 2.252   -19.121 2.504   1.00 36.40 ? 9   SER C CA  1 
ATOM   447 C  C   . SER C 1 93  ? 1.950   -18.097 3.616   1.00 34.70 ? 9   SER C C   1 
ATOM   448 O  O   . SER C 1 93  ? 1.056   -17.248 3.475   1.00 36.34 ? 9   SER C O   1 
ATOM   449 C  CB  . SER C 1 93  ? 3.728   -19.356 2.306   1.00 36.48 ? 9   SER C CB  1 
ATOM   450 O  OG  . SER C 1 93  ? 4.253   -20.147 3.362   1.00 37.00 ? 9   SER C OG  1 
ATOM   451 N  N   . VAL C 1 94  ? 2.667   -18.205 4.739   1.00 32.89 ? 10  VAL C N   1 
ATOM   452 C  CA  . VAL C 1 94  ? 2.577   -17.245 5.821   1.00 32.32 ? 10  VAL C CA  1 
ATOM   453 C  C   . VAL C 1 94  ? 3.958   -16.623 6.026   1.00 31.37 ? 10  VAL C C   1 
ATOM   454 O  O   . VAL C 1 94  ? 4.983   -17.190 5.624   1.00 31.44 ? 10  VAL C O   1 
ATOM   455 C  CB  . VAL C 1 94  ? 2.045   -17.876 7.124   1.00 32.45 ? 10  VAL C CB  1 
ATOM   456 C  CG1 . VAL C 1 94  ? 0.590   -18.270 6.973   1.00 31.16 ? 10  VAL C CG1 1 
ATOM   457 C  CG2 . VAL C 1 94  ? 2.887   -19.059 7.601   1.00 30.50 ? 10  VAL C CG2 1 
ATOM   458 N  N   . CYS C 1 95  ? 3.965   -15.441 6.642   1.00 30.59 ? 11  CYS C N   1 
ATOM   459 C  CA  . CYS C 1 95  ? 5.190   -14.710 6.865   1.00 32.91 ? 11  CYS C CA  1 
ATOM   460 C  C   . CYS C 1 95  ? 5.067   -13.914 8.171   1.00 31.97 ? 11  CYS C C   1 
ATOM   461 O  O   . CYS C 1 95  ? 3.965   -13.697 8.667   1.00 28.01 ? 11  CYS C O   1 
ATOM   462 C  CB  . CYS C 1 95  ? 5.534   -13.847 5.647   1.00 35.91 ? 11  CYS C CB  1 
ATOM   463 S  SG  . CYS C 1 95  ? 4.709   -12.232 5.567   1.00 39.43 ? 11  CYS C SG  1 
ATOM   464 N  N   . SER C 1 96  ? 6.221   -13.525 8.724   1.00 34.58 ? 12  SER C N   1 
ATOM   465 C  CA  . SER C 1 96  ? 6.321   -12.696 9.944   1.00 37.19 ? 12  SER C CA  1 
ATOM   466 C  C   . SER C 1 96  ? 6.370   -11.211 9.563   1.00 36.46 ? 12  SER C C   1 
ATOM   467 O  O   . SER C 1 96  ? 6.528   -10.847 8.404   1.00 33.35 ? 12  SER C O   1 
ATOM   468 C  CB  . SER C 1 96  ? 7.536   -13.093 10.752  1.00 37.33 ? 12  SER C CB  1 
ATOM   469 O  OG  . SER C 1 96  ? 8.648   -13.276 9.887   1.00 41.31 ? 12  SER C OG  1 
ATOM   470 N  N   . LEU C 1 97  ? 6.248   -10.344 10.567  1.00 39.39 ? 13  LEU C N   1 
ATOM   471 C  CA  . LEU C 1 97  ? 6.327   -8.916  10.325  1.00 41.11 ? 13  LEU C CA  1 
ATOM   472 C  C   . LEU C 1 97  ? 7.757   -8.556  9.910   1.00 39.48 ? 13  LEU C C   1 
ATOM   473 O  O   . LEU C 1 97  ? 7.955   -7.642  9.104   1.00 37.77 ? 13  LEU C O   1 
ATOM   474 C  CB  . LEU C 1 97  ? 5.852   -8.170  11.578  1.00 44.07 ? 13  LEU C CB  1 
ATOM   475 C  CG  . LEU C 1 97  ? 4.361   -8.334  11.881  1.00 43.77 ? 13  LEU C CG  1 
ATOM   476 C  CD1 . LEU C 1 97  ? 3.931   -7.431  13.023  1.00 43.63 ? 13  LEU C CD1 1 
ATOM   477 C  CD2 . LEU C 1 97  ? 3.506   -8.066  10.643  1.00 41.13 ? 13  LEU C CD2 1 
ATOM   478 N  N   . TYR C 1 98  ? 8.728   -9.341  10.398  1.00 39.64 ? 14  TYR C N   1 
ATOM   479 C  CA  . TYR C 1 98  ? 10.129  -9.231  10.007  1.00 40.51 ? 14  TYR C CA  1 
ATOM   480 C  C   . TYR C 1 98  ? 10.271  -9.471  8.499   1.00 38.71 ? 14  TYR C C   1 
ATOM   481 O  O   . TYR C 1 98  ? 10.943  -8.708  7.813   1.00 40.82 ? 14  TYR C O   1 
ATOM   482 C  CB  . TYR C 1 98  ? 10.987  -10.195 10.829  1.00 43.65 ? 14  TYR C CB  1 
ATOM   483 C  CG  . TYR C 1 98  ? 11.164  -9.804  12.275  1.00 45.08 ? 14  TYR C CG  1 
ATOM   484 C  CD1 . TYR C 1 98  ? 11.967  -8.727  12.621  1.00 48.98 ? 14  TYR C CD1 1 
ATOM   485 C  CD2 . TYR C 1 98  ? 10.543  -10.510 13.298  1.00 44.97 ? 14  TYR C CD2 1 
ATOM   486 C  CE1 . TYR C 1 98  ? 12.139  -8.350  13.944  1.00 51.49 ? 14  TYR C CE1 1 
ATOM   487 C  CE2 . TYR C 1 98  ? 10.701  -10.140 14.625  1.00 47.79 ? 14  TYR C CE2 1 
ATOM   488 C  CZ  . TYR C 1 98  ? 11.504  -9.058  14.949  1.00 51.92 ? 14  TYR C CZ  1 
ATOM   489 O  OH  . TYR C 1 98  ? 11.684  -8.682  16.251  1.00 60.48 ? 14  TYR C OH  1 
ATOM   490 N  N   . GLN C 1 99  ? 9.614   -10.517 7.985   1.00 38.31 ? 15  GLN C N   1 
ATOM   491 C  CA  . GLN C 1 99  ? 9.637   -10.815 6.557   1.00 37.65 ? 15  GLN C CA  1 
ATOM   492 C  C   . GLN C 1 99  ? 9.000   -9.631  5.814   1.00 36.15 ? 15  GLN C C   1 
ATOM   493 O  O   . GLN C 1 99  ? 9.494   -9.217  4.775   1.00 34.15 ? 15  GLN C O   1 
ATOM   494 C  CB  . GLN C 1 99  ? 8.971   -12.169 6.262   1.00 39.58 ? 15  GLN C CB  1 
ATOM   495 C  CG  . GLN C 1 99  ? 9.796   -13.372 6.722   1.00 41.30 ? 15  GLN C CG  1 
ATOM   496 C  CD  . GLN C 1 99  ? 9.080   -14.707 6.652   1.00 44.25 ? 15  GLN C CD  1 
ATOM   497 O  OE1 . GLN C 1 99  ? 8.340   -15.092 7.556   1.00 42.74 ? 15  GLN C OE1 1 
ATOM   498 N  NE2 . GLN C 1 99  ? 9.329   -15.456 5.588   1.00 46.32 ? 15  GLN C NE2 1 
ATOM   499 N  N   . LEU C 1 100 ? 7.921   -9.067  6.374   1.00 36.03 ? 16  LEU C N   1 
ATOM   500 C  CA  . LEU C 1 100 ? 7.230   -7.927  5.743   1.00 36.84 ? 16  LEU C CA  1 
ATOM   501 C  C   . LEU C 1 100 ? 8.164   -6.718  5.574   1.00 36.27 ? 16  LEU C C   1 
ATOM   502 O  O   . LEU C 1 100 ? 8.011   -5.960  4.625   1.00 36.77 ? 16  LEU C O   1 
ATOM   503 C  CB  . LEU C 1 100 ? 6.003   -7.531  6.569   1.00 38.82 ? 16  LEU C CB  1 
ATOM   504 C  CG  . LEU C 1 100 ? 4.705   -8.288  6.286   1.00 40.07 ? 16  LEU C CG  1 
ATOM   505 C  CD1 . LEU C 1 100 ? 3.528   -7.502  6.837   1.00 42.51 ? 16  LEU C CD1 1 
ATOM   506 C  CD2 . LEU C 1 100 ? 4.495   -8.556  4.802   1.00 38.94 ? 16  LEU C CD2 1 
ATOM   507 N  N   . GLU C 1 101 ? 9.090   -6.513  6.515   1.00 33.50 ? 17  GLU C N   1 
ATOM   508 C  CA  . GLU C 1 101 ? 10.023  -5.397  6.486   1.00 35.75 ? 17  GLU C CA  1 
ATOM   509 C  C   . GLU C 1 101 ? 10.878  -5.386  5.208   1.00 33.95 ? 17  GLU C C   1 
ATOM   510 O  O   . GLU C 1 101 ? 11.413  -4.337  4.852   1.00 30.67 ? 17  GLU C O   1 
ATOM   511 C  CB  . GLU C 1 101 ? 10.973  -5.440  7.681   1.00 37.31 ? 17  GLU C CB  1 
ATOM   512 C  CG  . GLU C 1 101 ? 10.418  -4.773  8.908   1.00 41.33 ? 17  GLU C CG  1 
ATOM   513 C  CD  . GLU C 1 101 ? 11.498  -4.450  9.917   1.00 45.10 ? 17  GLU C CD  1 
ATOM   514 O  OE1 . GLU C 1 101 ? 12.269  -5.370  10.274  1.00 49.03 ? 17  GLU C OE1 1 
ATOM   515 O  OE2 . GLU C 1 101 ? 11.586  -3.268  10.304  1.00 47.52 ? 17  GLU C OE2 1 
ATOM   516 N  N   . ASN C 1 102 ? 11.028  -6.546  4.558   1.00 32.73 ? 18  ASN C N   1 
ATOM   517 C  CA  . ASN C 1 102 ? 11.806  -6.690  3.322   1.00 34.40 ? 18  ASN C CA  1 
ATOM   518 C  C   . ASN C 1 102 ? 11.193  -5.881  2.156   1.00 34.11 ? 18  ASN C C   1 
ATOM   519 O  O   . ASN C 1 102 ? 11.860  -5.631  1.147   1.00 31.57 ? 18  ASN C O   1 
ATOM   520 C  CB  . ASN C 1 102 ? 11.956  -8.173  2.969   1.00 35.86 ? 18  ASN C CB  1 
ATOM   521 C  CG  . ASN C 1 102 ? 12.834  -8.927  3.948   1.00 34.28 ? 18  ASN C CG  1 
ATOM   522 O  OD1 . ASN C 1 102 ? 12.528  -10.057 4.303   1.00 33.85 ? 18  ASN C OD1 1 
ATOM   523 N  ND2 . ASN C 1 102 ? 13.916  -8.311  4.394   1.00 31.42 ? 18  ASN C ND2 1 
ATOM   524 N  N   . TYR C 1 103 ? 9.936   -5.444  2.293   1.00 33.40 ? 19  TYR C N   1 
ATOM   525 C  CA  . TYR C 1 103 ? 9.243   -4.689  1.234   1.00 31.99 ? 19  TYR C CA  1 
ATOM   526 C  C   . TYR C 1 103 ? 9.174   -3.193  1.578   1.00 31.36 ? 19  TYR C C   1 
ATOM   527 O  O   . TYR C 1 103 ? 8.520   -2.441  0.866   1.00 29.97 ? 19  TYR C O   1 
ATOM   528 C  CB  . TYR C 1 103 ? 7.883   -5.342  0.975   1.00 30.19 ? 19  TYR C CB  1 
ATOM   529 C  CG  . TYR C 1 103 ? 8.017   -6.802  0.621   1.00 31.13 ? 19  TYR C CG  1 
ATOM   530 C  CD1 . TYR C 1 103 ? 8.349   -7.209  -0.666  1.00 30.51 ? 19  TYR C CD1 1 
ATOM   531 C  CD2 . TYR C 1 103 ? 7.908   -7.780  1.596   1.00 31.87 ? 19  TYR C CD2 1 
ATOM   532 C  CE1 . TYR C 1 103 ? 8.490   -8.553  -0.984  1.00 30.16 ? 19  TYR C CE1 1 
ATOM   533 C  CE2 . TYR C 1 103 ? 8.070   -9.125  1.298   1.00 30.83 ? 19  TYR C CE2 1 
ATOM   534 C  CZ  . TYR C 1 103 ? 8.357   -9.515  0.002   1.00 31.88 ? 19  TYR C CZ  1 
ATOM   535 O  OH  . TYR C 1 103 ? 8.525   -10.845 -0.279  1.00 32.65 ? 19  TYR C OH  1 
ATOM   536 N  N   . CYS C 1 104 ? 9.879   -2.758  2.637   1.00 31.12 ? 20  CYS C N   1 
ATOM   537 C  CA  . CYS C 1 104 ? 9.945   -1.334  2.983   1.00 31.95 ? 20  CYS C CA  1 
ATOM   538 C  C   . CYS C 1 104 ? 10.880  -0.629  1.999   1.00 36.03 ? 20  CYS C C   1 
ATOM   539 O  O   . CYS C 1 104 ? 11.836  -1.232  1.522   1.00 35.24 ? 20  CYS C O   1 
ATOM   540 C  CB  . CYS C 1 104 ? 10.454  -1.081  4.400   1.00 31.20 ? 20  CYS C CB  1 
ATOM   541 S  SG  . CYS C 1 104 ? 9.390   -1.682  5.741   1.00 30.01 ? 20  CYS C SG  1 
ATOM   542 N  N   . ASN C 1 105 ? 10.584  0.640   1.692   1.00 39.11 ? 21  ASN C N   1 
ATOM   543 C  CA  . ASN C 1 105 ? 11.513  1.503   0.953   1.00 42.79 ? 21  ASN C CA  1 
ATOM   544 C  C   . ASN C 1 105 ? 12.597  1.969   1.931   1.00 43.56 ? 21  ASN C C   1 
ATOM   545 O  O   . ASN C 1 105 ? 13.627  2.560   1.591   1.00 48.22 ? 21  ASN C O   1 
ATOM   546 C  CB  . ASN C 1 105 ? 10.798  2.677   0.272   1.00 43.80 ? 21  ASN C CB  1 
ATOM   547 C  CG  . ASN C 1 105 ? 9.817   2.243   -0.803  1.00 48.04 ? 21  ASN C CG  1 
ATOM   548 O  OD1 . ASN C 1 105 ? 9.837   1.097   -1.246  1.00 49.06 ? 21  ASN C OD1 1 
ATOM   549 N  ND2 . ASN C 1 105 ? 8.949   3.150   -1.226  1.00 47.47 ? 21  ASN C ND2 1 
ATOM   550 O  OXT . ASN C 1 105 ? 12.463  1.740   3.128   1.00 46.95 ? 21  ASN C OXT 1 
ATOM   551 N  N   . ASN D 1 27  ? 2.175   -17.741 12.760  1.00 56.86 ? 3   ASN D N   1 
ATOM   552 C  CA  . ASN D 1 27  ? 2.091   -16.680 11.686  1.00 52.87 ? 3   ASN D CA  1 
ATOM   553 C  C   . ASN D 1 27  ? 0.752   -16.814 10.948  1.00 53.89 ? 3   ASN D C   1 
ATOM   554 O  O   . ASN D 1 27  ? 0.146   -17.909 10.902  1.00 54.82 ? 3   ASN D O   1 
ATOM   555 C  CB  . ASN D 1 27  ? 3.266   -16.744 10.701  1.00 48.20 ? 3   ASN D CB  1 
ATOM   556 C  CG  . ASN D 1 27  ? 4.579   -16.295 11.308  1.00 47.87 ? 3   ASN D CG  1 
ATOM   557 O  OD1 . ASN D 1 27  ? 5.625   -16.880 11.027  1.00 45.58 ? 3   ASN D OD1 1 
ATOM   558 N  ND2 . ASN D 1 27  ? 4.537   -15.272 12.145  1.00 40.72 ? 3   ASN D ND2 1 
ATOM   559 N  N   . GLN D 1 28  ? 0.327   -15.698 10.346  1.00 50.38 ? 4   GLN D N   1 
ATOM   560 C  CA  . GLN D 1 28  ? -0.972  -15.563 9.695   1.00 48.87 ? 4   GLN D CA  1 
ATOM   561 C  C   . GLN D 1 28  ? -0.762  -15.443 8.182   1.00 41.04 ? 4   GLN D C   1 
ATOM   562 O  O   . GLN D 1 28  ? 0.314   -15.066 7.741   1.00 39.80 ? 4   GLN D O   1 
ATOM   563 C  CB  . GLN D 1 28  ? -1.706  -14.300 10.167  1.00 56.40 ? 4   GLN D CB  1 
ATOM   564 C  CG  . GLN D 1 28  ? -1.298  -13.787 11.543  1.00 58.52 ? 4   GLN D CG  1 
ATOM   565 C  CD  . GLN D 1 28  ? -1.745  -12.363 11.770  1.00 62.52 ? 4   GLN D CD  1 
ATOM   566 O  OE1 . GLN D 1 28  ? -2.686  -11.880 11.141  1.00 60.34 ? 4   GLN D OE1 1 
ATOM   567 N  NE2 . GLN D 1 28  ? -1.064  -11.677 12.675  1.00 66.28 ? 4   GLN D NE2 1 
ATOM   568 N  N   . HIS D 1 29  ? -1.815  -15.756 7.418   1.00 36.03 ? 5   HIS D N   1 
ATOM   569 C  CA  . HIS D 1 29  ? -1.932  -15.416 6.009   1.00 33.69 ? 5   HIS D CA  1 
ATOM   570 C  C   . HIS D 1 29  ? -2.392  -13.953 5.892   1.00 31.74 ? 5   HIS D C   1 
ATOM   571 O  O   . HIS D 1 29  ? -3.385  -13.580 6.485   1.00 32.92 ? 5   HIS D O   1 
ATOM   572 C  CB  . HIS D 1 29  ? -2.928  -16.355 5.301   1.00 33.63 ? 5   HIS D CB  1 
ATOM   573 C  CG  . HIS D 1 29  ? -2.523  -17.787 5.210   1.00 33.27 ? 5   HIS D CG  1 
ATOM   574 N  ND1 . HIS D 1 29  ? -1.871  -18.303 4.110   1.00 34.35 ? 5   HIS D ND1 1 
ATOM   575 C  CD2 . HIS D 1 29  ? -2.732  -18.829 6.044   1.00 34.51 ? 5   HIS D CD2 1 
ATOM   576 C  CE1 . HIS D 1 29  ? -1.680  -19.598 4.281   1.00 33.64 ? 5   HIS D CE1 1 
ATOM   577 N  NE2 . HIS D 1 29  ? -2.186  -19.943 5.462   1.00 33.08 ? 5   HIS D NE2 1 
ATOM   578 N  N   . LEU D 1 30  ? -1.640  -13.134 5.153   1.00 31.42 ? 6   LEU D N   1 
ATOM   579 C  CA  . LEU D 1 30  ? -1.967  -11.733 4.907   1.00 29.36 ? 6   LEU D CA  1 
ATOM   580 C  C   . LEU D 1 30  ? -2.155  -11.545 3.401   1.00 26.65 ? 6   LEU D C   1 
ATOM   581 O  O   . LEU D 1 30  ? -1.209  -11.728 2.642   1.00 24.20 ? 6   LEU D O   1 
ATOM   582 C  CB  . LEU D 1 30  ? -0.846  -10.833 5.437   1.00 29.91 ? 6   LEU D CB  1 
ATOM   583 C  CG  . LEU D 1 30  ? -0.635  -10.858 6.951   1.00 31.79 ? 6   LEU D CG  1 
ATOM   584 C  CD1 . LEU D 1 30  ? 0.718   -10.275 7.320   1.00 32.39 ? 6   LEU D CD1 1 
ATOM   585 C  CD2 . LEU D 1 30  ? -1.756  -10.123 7.677   1.00 31.86 ? 6   LEU D CD2 1 
ATOM   586 N  N   . CYS D 1 31  ? -3.387  -11.205 2.998   1.00 26.24 ? 7   CYS D N   1 
ATOM   587 C  CA  . CYS D 1 31  ? -3.801  -11.142 1.589   1.00 27.16 ? 7   CYS D CA  1 
ATOM   588 C  C   . CYS D 1 31  ? -4.479  -9.802  1.266   1.00 26.66 ? 7   CYS D C   1 
ATOM   589 O  O   . CYS D 1 31  ? -5.246  -9.264  2.077   1.00 29.36 ? 7   CYS D O   1 
ATOM   590 C  CB  . CYS D 1 31  ? -4.769  -12.272 1.263   1.00 28.85 ? 7   CYS D CB  1 
ATOM   591 S  SG  . CYS D 1 31  ? -4.078  -13.929 1.502   1.00 33.81 ? 7   CYS D SG  1 
ATOM   592 N  N   . GLY D 1 32  ? -4.200  -9.274  0.067   1.00 25.74 ? 8   GLY D N   1 
ATOM   593 C  CA  . GLY D 1 32  ? -4.860  -8.080  -0.481  1.00 24.35 ? 8   GLY D CA  1 
ATOM   594 C  C   . GLY D 1 32  ? -4.743  -6.864  0.427   1.00 25.18 ? 8   GLY D C   1 
ATOM   595 O  O   . GLY D 1 32  ? -3.647  -6.495  0.856   1.00 23.37 ? 8   GLY D O   1 
ATOM   596 N  N   . SER D 1 33  ? -5.890  -6.242  0.723   1.00 25.08 ? 9   SER D N   1 
ATOM   597 C  CA  . SER D 1 33  ? -5.944  -5.028  1.493   1.00 27.10 ? 9   SER D CA  1 
ATOM   598 C  C   . SER D 1 33  ? -5.310  -5.244  2.876   1.00 26.35 ? 9   SER D C   1 
ATOM   599 O  O   . SER D 1 33  ? -4.708  -4.314  3.405   1.00 26.93 ? 9   SER D O   1 
ATOM   600 C  CB  . SER D 1 33  ? -7.349  -4.503  1.606   1.00 28.58 ? 9   SER D CB  1 
ATOM   601 O  OG  . SER D 1 33  ? -8.149  -5.395  2.361   1.00 31.12 ? 9   SER D OG  1 
ATOM   602 N  N   . HIS D 1 34  ? -5.464  -6.452  3.444   1.00 26.97 ? 10  HIS D N   1 
ATOM   603 C  CA  . HIS D 1 34  ? -4.863  -6.828  4.730   1.00 26.91 ? 10  HIS D CA  1 
ATOM   604 C  C   . HIS D 1 34  ? -3.335  -6.894  4.621   1.00 26.00 ? 10  HIS D C   1 
ATOM   605 O  O   . HIS D 1 34  ? -2.658  -6.642  5.590   1.00 27.03 ? 10  HIS D O   1 
ATOM   606 C  CB  . HIS D 1 34  ? -5.413  -8.160  5.258   1.00 27.76 ? 10  HIS D CB  1 
ATOM   607 C  CG  . HIS D 1 34  ? -6.895  -8.180  5.412   1.00 27.97 ? 10  HIS D CG  1 
ATOM   608 N  ND1 . HIS D 1 34  ? -7.540  -7.479  6.415   1.00 28.50 ? 10  HIS D ND1 1 
ATOM   609 C  CD2 . HIS D 1 34  ? -7.856  -8.812  4.710   1.00 26.74 ? 10  HIS D CD2 1 
ATOM   610 C  CE1 . HIS D 1 34  ? -8.838  -7.650  6.304   1.00 27.45 ? 10  HIS D CE1 1 
ATOM   611 N  NE2 . HIS D 1 34  ? -9.056  -8.454  5.260   1.00 28.49 ? 10  HIS D NE2 1 
ATOM   612 N  N   . LEU D 1 35  ? -2.805  -7.262  3.451   1.00 26.16 ? 11  LEU D N   1 
ATOM   613 C  CA  . LEU D 1 35  ? -1.362  -7.355  3.282   1.00 27.11 ? 11  LEU D CA  1 
ATOM   614 C  C   . LEU D 1 35  ? -0.768  -5.935  3.255   1.00 27.04 ? 11  LEU D C   1 
ATOM   615 O  O   . LEU D 1 35  ? 0.218   -5.668  3.938   1.00 26.67 ? 11  LEU D O   1 
ATOM   616 C  CB  . LEU D 1 35  ? -1.054  -8.173  2.025   1.00 26.72 ? 11  LEU D CB  1 
ATOM   617 C  CG  . LEU D 1 35  ? 0.415   -8.335  1.627   1.00 27.41 ? 11  LEU D CG  1 
ATOM   618 C  CD1 . LEU D 1 35  ? 1.302   -8.682  2.814   1.00 29.90 ? 11  LEU D CD1 1 
ATOM   619 C  CD2 . LEU D 1 35  ? 0.554   -9.396  0.551   1.00 26.85 ? 11  LEU D CD2 1 
ATOM   620 N  N   . VAL D 1 36  ? -1.425  -5.005  2.562   1.00 25.72 ? 12  VAL D N   1 
ATOM   621 C  CA  . VAL D 1 36  ? -0.894  -3.645  2.444   1.00 27.39 ? 12  VAL D CA  1 
ATOM   622 C  C   . VAL D 1 36  ? -1.053  -2.886  3.776   1.00 25.99 ? 12  VAL D C   1 
ATOM   623 O  O   . VAL D 1 36  ? -0.170  -2.124  4.131   1.00 23.92 ? 12  VAL D O   1 
ATOM   624 C  CB  . VAL D 1 36  ? -1.487  -2.878  1.244   1.00 29.36 ? 12  VAL D CB  1 
ATOM   625 C  CG1 . VAL D 1 36  ? -1.214  -3.602  -0.058  1.00 29.25 ? 12  VAL D CG1 1 
ATOM   626 C  CG2 . VAL D 1 36  ? -2.974  -2.603  1.388   1.00 31.06 ? 12  VAL D CG2 1 
ATOM   627 N  N   . GLU D 1 37  ? -2.125  -3.126  4.542   1.00 25.76 ? 13  GLU D N   1 
ATOM   628 C  CA  A GLU D 1 37  ? -2.235  -2.488  5.851   0.50 25.76 ? 13  GLU D CA  1 
ATOM   629 C  CA  B GLU D 1 37  ? -2.289  -2.555  5.889   0.50 26.02 ? 13  GLU D CA  1 
ATOM   630 C  C   . GLU D 1 37  ? -1.122  -3.007  6.779   1.00 25.28 ? 13  GLU D C   1 
ATOM   631 O  O   . GLU D 1 37  ? -0.584  -2.230  7.566   1.00 25.06 ? 13  GLU D O   1 
ATOM   632 C  CB  A GLU D 1 37  ? -3.638  -2.655  6.429   0.50 26.72 ? 13  GLU D CB  1 
ATOM   633 C  CB  B GLU D 1 37  ? -3.611  -2.989  6.531   0.50 27.31 ? 13  GLU D CB  1 
ATOM   634 C  CG  A GLU D 1 37  ? -4.672  -1.830  5.676   0.50 28.75 ? 13  GLU D CG  1 
ATOM   635 C  CG  B GLU D 1 37  ? -4.835  -2.299  5.952   0.50 29.98 ? 13  GLU D CG  1 
ATOM   636 C  CD  A GLU D 1 37  ? -5.639  -1.059  6.557   0.50 29.57 ? 13  GLU D CD  1 
ATOM   637 C  CD  B GLU D 1 37  ? -6.173  -2.915  6.337   0.50 30.08 ? 13  GLU D CD  1 
ATOM   638 O  OE1 A GLU D 1 37  ? -6.626  -0.509  6.012   0.50 30.41 ? 13  GLU D OE1 1 
ATOM   639 O  OE1 B GLU D 1 37  ? -6.193  -3.849  7.164   0.50 32.12 ? 13  GLU D OE1 1 
ATOM   640 O  OE2 A GLU D 1 37  ? -5.405  -1.015  7.787   0.50 30.08 ? 13  GLU D OE2 1 
ATOM   641 O  OE2 B GLU D 1 37  ? -7.194  -2.453  5.810   0.50 33.22 ? 13  GLU D OE2 1 
ATOM   642 N  N   . ALA D 1 38  ? -0.757  -4.293  6.674   1.00 23.24 ? 14  ALA D N   1 
ATOM   643 C  CA  . ALA D 1 38  ? 0.396   -4.806  7.440   1.00 23.70 ? 14  ALA D CA  1 
ATOM   644 C  C   . ALA D 1 38  ? 1.687   -4.126  6.962   1.00 25.27 ? 14  ALA D C   1 
ATOM   645 O  O   . ALA D 1 38  ? 2.592   -3.912  7.763   1.00 27.28 ? 14  ALA D O   1 
ATOM   646 C  CB  . ALA D 1 38  ? 0.503   -6.306  7.343   1.00 23.19 ? 14  ALA D CB  1 
ATOM   647 N  N   . LEU D 1 39  ? 1.794   -3.812  5.659   1.00 24.89 ? 15  LEU D N   1 
ATOM   648 C  CA  . LEU D 1 39  ? 2.993   -3.133  5.153   1.00 24.29 ? 15  LEU D CA  1 
ATOM   649 C  C   . LEU D 1 39  ? 3.065   -1.706  5.694   1.00 24.12 ? 15  LEU D C   1 
ATOM   650 O  O   . LEU D 1 39  ? 4.121   -1.242  6.087   1.00 22.91 ? 15  LEU D O   1 
ATOM   651 C  CB  . LEU D 1 39  ? 3.015   -3.124  3.628   1.00 24.83 ? 15  LEU D CB  1 
ATOM   652 C  CG  . LEU D 1 39  ? 3.485   -4.423  2.981   1.00 25.56 ? 15  LEU D CG  1 
ATOM   653 C  CD1 . LEU D 1 39  ? 3.319   -4.344  1.476   1.00 25.79 ? 15  LEU D CD1 1 
ATOM   654 C  CD2 . LEU D 1 39  ? 4.932   -4.727  3.343   1.00 25.51 ? 15  LEU D CD2 1 
ATOM   655 N  N   . TYR D 1 40  ? 1.930   -1.015  5.692   1.00 24.78 ? 16  TYR D N   1 
ATOM   656 C  CA  . TYR D 1 40  ? 1.869   0.308   6.239   1.00 25.43 ? 16  TYR D CA  1 
ATOM   657 C  C   . TYR D 1 40  ? 2.340   0.302   7.701   1.00 25.36 ? 16  TYR D C   1 
ATOM   658 O  O   . TYR D 1 40  ? 3.088   1.177   8.133   1.00 24.10 ? 16  TYR D O   1 
ATOM   659 C  CB  . TYR D 1 40  ? 0.446   0.864   6.161   1.00 25.44 ? 16  TYR D CB  1 
ATOM   660 C  CG  . TYR D 1 40  ? 0.344   2.200   6.841   1.00 24.73 ? 16  TYR D CG  1 
ATOM   661 C  CD1 . TYR D 1 40  ? 0.837   3.334   6.220   1.00 25.26 ? 16  TYR D CD1 1 
ATOM   662 C  CD2 . TYR D 1 40  ? -0.170  2.321   8.121   1.00 24.70 ? 16  TYR D CD2 1 
ATOM   663 C  CE1 . TYR D 1 40  ? 0.789   4.569   6.838   1.00 26.60 ? 16  TYR D CE1 1 
ATOM   664 C  CE2 . TYR D 1 40  ? -0.212  3.550   8.760   1.00 25.75 ? 16  TYR D CE2 1 
ATOM   665 C  CZ  . TYR D 1 40  ? 0.271   4.674   8.117   1.00 26.26 ? 16  TYR D CZ  1 
ATOM   666 O  OH  . TYR D 1 40  ? 0.236   5.896   8.724   1.00 32.42 ? 16  TYR D OH  1 
ATOM   667 N  N   . LEU D 1 41  ? 1.852   -0.673  8.465   1.00 26.28 ? 17  LEU D N   1 
ATOM   668 C  CA  . LEU D 1 41  ? 2.105   -0.753  9.877   1.00 30.08 ? 17  LEU D CA  1 
ATOM   669 C  C   . LEU D 1 41  ? 3.612   -0.859  10.140  1.00 31.32 ? 17  LEU D C   1 
ATOM   670 O  O   . LEU D 1 41  ? 4.185   -0.080  10.908  1.00 32.23 ? 17  LEU D O   1 
ATOM   671 C  CB  . LEU D 1 41  ? 1.387   -1.981  10.440  1.00 32.31 ? 17  LEU D CB  1 
ATOM   672 C  CG  . LEU D 1 41  ? 1.324   -2.017  11.960  1.00 34.88 ? 17  LEU D CG  1 
ATOM   673 C  CD1 . LEU D 1 41  ? 0.353   -0.965  12.462  1.00 36.49 ? 17  LEU D CD1 1 
ATOM   674 C  CD2 . LEU D 1 41  ? 0.953   -3.408  12.461  1.00 37.18 ? 17  LEU D CD2 1 
ATOM   675 N  N   . VAL D 1 42  ? 4.218   -1.852  9.481   1.00 30.46 ? 18  VAL D N   1 
ATOM   676 C  CA  . VAL D 1 42  ? 5.602   -2.262  9.625   1.00 28.41 ? 18  VAL D CA  1 
ATOM   677 C  C   . VAL D 1 42  ? 6.527   -1.152  9.096   1.00 28.48 ? 18  VAL D C   1 
ATOM   678 O  O   . VAL D 1 42  ? 7.530   -0.808  9.757   1.00 23.94 ? 18  VAL D O   1 
ATOM   679 C  CB  . VAL D 1 42  ? 5.795   -3.613  8.899   1.00 28.72 ? 18  VAL D CB  1 
ATOM   680 C  CG1 . VAL D 1 42  ? 7.256   -3.989  8.732   1.00 32.32 ? 18  VAL D CG1 1 
ATOM   681 C  CG2 . VAL D 1 42  ? 5.057   -4.741  9.612   1.00 28.09 ? 18  VAL D CG2 1 
ATOM   682 N  N   . CYS D 1 43  ? 6.181   -0.584  7.924   1.00 27.24 ? 19  CYS D N   1 
ATOM   683 C  CA  . CYS D 1 43  ? 7.071   0.347   7.168   1.00 26.06 ? 19  CYS D CA  1 
ATOM   684 C  C   . CYS D 1 43  ? 6.799   1.820   7.519   1.00 26.98 ? 19  CYS D C   1 
ATOM   685 O  O   . CYS D 1 43  ? 7.714   2.609   7.639   1.00 26.93 ? 19  CYS D O   1 
ATOM   686 C  CB  . CYS D 1 43  ? 6.933   0.122   5.666   1.00 27.00 ? 19  CYS D CB  1 
ATOM   687 S  SG  . CYS D 1 43  ? 7.412   -1.545  5.115   1.00 26.05 ? 19  CYS D SG  1 
ATOM   688 N  N   . GLY D 1 44  ? 5.531   2.204   7.664   1.00 27.89 ? 20  GLY D N   1 
ATOM   689 C  CA  . GLY D 1 44  ? 5.178   3.587   8.004   1.00 29.81 ? 20  GLY D CA  1 
ATOM   690 C  C   . GLY D 1 44  ? 5.721   4.599   6.999   1.00 32.20 ? 20  GLY D C   1 
ATOM   691 O  O   . GLY D 1 44  ? 5.581   4.429   5.789   1.00 28.99 ? 20  GLY D O   1 
ATOM   692 N  N   . GLU D 1 45  ? 6.362   5.657   7.514   1.00 36.17 ? 21  GLU D N   1 
ATOM   693 C  CA  . GLU D 1 45  ? 6.828   6.762   6.684   1.00 39.50 ? 21  GLU D CA  1 
ATOM   694 C  C   . GLU D 1 45  ? 8.142   6.401   5.973   1.00 37.94 ? 21  GLU D C   1 
ATOM   695 O  O   . GLU D 1 45  ? 8.636   7.219   5.235   1.00 35.62 ? 21  GLU D O   1 
ATOM   696 C  CB  . GLU D 1 45  ? 6.956   8.081   7.465   1.00 45.83 ? 21  GLU D CB  1 
ATOM   697 C  CG  . GLU D 1 45  ? 7.594   8.010   8.850   1.00 50.60 ? 21  GLU D CG  1 
ATOM   698 C  CD  . GLU D 1 45  ? 8.918   7.286   9.030   1.00 55.80 ? 21  GLU D CD  1 
ATOM   699 O  OE1 . GLU D 1 45  ? 9.690   7.195   8.051   1.00 56.16 ? 21  GLU D OE1 1 
ATOM   700 O  OE2 . GLU D 1 45  ? 9.183   6.828   10.177  1.00 59.07 ? 21  GLU D OE2 1 
ATOM   701 N  N   . ARG D 1 46  ? 8.692   5.190   6.180   1.00 36.23 ? 22  ARG D N   1 
ATOM   702 C  CA  . ARG D 1 46  ? 9.739   4.661   5.284   1.00 32.90 ? 22  ARG D CA  1 
ATOM   703 C  C   . ARG D 1 46  ? 9.173   4.459   3.860   1.00 33.41 ? 22  ARG D C   1 
ATOM   704 O  O   . ARG D 1 46  ? 9.934   4.389   2.908   1.00 40.35 ? 22  ARG D O   1 
ATOM   705 C  CB  . ARG D 1 46  ? 10.300  3.321   5.782   1.00 35.80 ? 22  ARG D CB  1 
ATOM   706 C  CG  . ARG D 1 46  ? 10.910  3.343   7.180   1.00 37.26 ? 22  ARG D CG  1 
ATOM   707 C  CD  . ARG D 1 46  ? 11.453  1.984   7.610   1.00 38.08 ? 22  ARG D CD  1 
ATOM   708 N  NE  . ARG D 1 46  ? 12.635  1.611   6.836   1.00 41.01 ? 22  ARG D NE  1 
ATOM   709 C  CZ  . ARG D 1 46  ? 13.048  0.365   6.597   1.00 40.94 ? 22  ARG D CZ  1 
ATOM   710 N  NH1 . ARG D 1 46  ? 12.484  -0.656  7.222   1.00 41.71 ? 22  ARG D NH1 1 
ATOM   711 N  NH2 . ARG D 1 46  ? 14.009  0.146   5.711   1.00 36.27 ? 22  ARG D NH2 1 
ATOM   712 N  N   . GLY D 1 47  ? 7.847   4.344   3.709   1.00 28.18 ? 23  GLY D N   1 
ATOM   713 C  CA  . GLY D 1 47  ? 7.222   3.920   2.462   1.00 28.04 ? 23  GLY D CA  1 
ATOM   714 C  C   . GLY D 1 47  ? 7.407   2.425   2.215   1.00 26.97 ? 23  GLY D C   1 
ATOM   715 O  O   . GLY D 1 47  ? 8.154   1.763   2.944   1.00 29.00 ? 23  GLY D O   1 
ATOM   716 N  N   . PHE D 1 48  ? 6.726   1.894   1.190   1.00 25.83 ? 24  PHE D N   1 
ATOM   717 C  CA  . PHE D 1 48  ? 6.851   0.472   0.796   1.00 26.42 ? 24  PHE D CA  1 
ATOM   718 C  C   . PHE D 1 48  ? 6.438   0.256   -0.665  1.00 24.78 ? 24  PHE D C   1 
ATOM   719 O  O   . PHE D 1 48  ? 5.846   1.125   -1.293  1.00 24.72 ? 24  PHE D O   1 
ATOM   720 C  CB  . PHE D 1 48  ? 6.005   -0.426  1.704   1.00 26.38 ? 24  PHE D CB  1 
ATOM   721 C  CG  . PHE D 1 48  ? 4.515   -0.175  1.687   1.00 26.99 ? 24  PHE D CG  1 
ATOM   722 C  CD1 . PHE D 1 48  ? 3.687   -0.820  0.773   1.00 26.00 ? 24  PHE D CD1 1 
ATOM   723 C  CD2 . PHE D 1 48  ? 3.927   0.660   2.631   1.00 25.41 ? 24  PHE D CD2 1 
ATOM   724 C  CE1 . PHE D 1 48  ? 2.314   -0.606  0.786   1.00 26.93 ? 24  PHE D CE1 1 
ATOM   725 C  CE2 . PHE D 1 48  ? 2.556   0.867   2.644   1.00 25.02 ? 24  PHE D CE2 1 
ATOM   726 C  CZ  . PHE D 1 48  ? 1.751   0.243   1.721   1.00 25.99 ? 24  PHE D CZ  1 
ATOM   727 N  N   . PHE D 1 49  ? 6.731   -0.937  -1.189  1.00 24.24 ? 25  PHE D N   1 
ATOM   728 C  CA  . PHE D 1 49  ? 6.215   -1.325  -2.498  1.00 26.68 ? 25  PHE D CA  1 
ATOM   729 C  C   . PHE D 1 49  ? 5.341   -2.569  -2.326  1.00 27.56 ? 25  PHE D C   1 
ATOM   730 O  O   . PHE D 1 49  ? 5.711   -3.490  -1.593  1.00 25.15 ? 25  PHE D O   1 
ATOM   731 C  CB  . PHE D 1 49  ? 7.329   -1.536  -3.530  1.00 28.06 ? 25  PHE D CB  1 
ATOM   732 C  CG  . PHE D 1 49  ? 8.404   -2.523  -3.140  1.00 29.59 ? 25  PHE D CG  1 
ATOM   733 C  CD1 . PHE D 1 49  ? 9.378   -2.182  -2.221  1.00 29.11 ? 25  PHE D CD1 1 
ATOM   734 C  CD2 . PHE D 1 49  ? 8.426   -3.798  -3.684  1.00 29.54 ? 25  PHE D CD2 1 
ATOM   735 C  CE1 . PHE D 1 49  ? 10.345  -3.102  -1.844  1.00 31.65 ? 25  PHE D CE1 1 
ATOM   736 C  CE2 . PHE D 1 49  ? 9.394   -4.715  -3.306  1.00 30.65 ? 25  PHE D CE2 1 
ATOM   737 C  CZ  . PHE D 1 49  ? 10.361  -4.360  -2.398  1.00 30.33 ? 25  PHE D CZ  1 
ATOM   738 N  N   . TYR D 1 50  ? 4.186   -2.562  -3.005  1.00 28.04 ? 26  TYR D N   1 
ATOM   739 C  CA  . TYR D 1 50  ? 3.330   -3.740  -3.146  1.00 30.24 ? 26  TYR D CA  1 
ATOM   740 C  C   . TYR D 1 50  ? 3.292   -4.176  -4.613  1.00 30.81 ? 26  TYR D C   1 
ATOM   741 O  O   . TYR D 1 50  ? 2.694   -3.483  -5.446  1.00 31.09 ? 26  TYR D O   1 
ATOM   742 C  CB  . TYR D 1 50  ? 1.915   -3.455  -2.645  1.00 30.68 ? 26  TYR D CB  1 
ATOM   743 C  CG  . TYR D 1 50  ? 0.980   -4.627  -2.779  1.00 31.33 ? 26  TYR D CG  1 
ATOM   744 C  CD1 . TYR D 1 50  ? 1.181   -5.779  -2.035  1.00 32.05 ? 26  TYR D CD1 1 
ATOM   745 C  CD2 . TYR D 1 50  ? -0.094  -4.590  -3.656  1.00 31.52 ? 26  TYR D CD2 1 
ATOM   746 C  CE1 . TYR D 1 50  ? 0.344   -6.877  -2.162  1.00 31.60 ? 26  TYR D CE1 1 
ATOM   747 C  CE2 . TYR D 1 50  ? -0.941  -5.675  -3.797  1.00 33.13 ? 26  TYR D CE2 1 
ATOM   748 C  CZ  . TYR D 1 50  ? -0.725  -6.820  -3.042  1.00 31.88 ? 26  TYR D CZ  1 
ATOM   749 O  OH  . TYR D 1 50  ? -1.556  -7.889  -3.168  1.00 31.51 ? 26  TYR D OH  1 
ATOM   750 N  N   . THR D 1 51  ? 3.888   -5.341  -4.910  1.00 29.22 ? 27  THR D N   1 
ATOM   751 C  CA  . THR D 1 51  ? 4.067   -5.796  -6.298  1.00 32.50 ? 27  THR D CA  1 
ATOM   752 C  C   . THR D 1 51  ? 3.689   -7.277  -6.422  1.00 31.96 ? 27  THR D C   1 
ATOM   753 O  O   . THR D 1 51  ? 4.549   -8.145  -6.345  1.00 33.26 ? 27  THR D O   1 
ATOM   754 C  CB  . THR D 1 51  ? 5.481   -5.444  -6.792  1.00 33.08 ? 27  THR D CB  1 
ATOM   755 O  OG1 . THR D 1 51  ? 6.459   -5.866  -5.839  1.00 35.55 ? 27  THR D OG1 1 
ATOM   756 C  CG2 . THR D 1 51  ? 5.670   -3.958  -6.993  1.00 33.88 ? 27  THR D CG2 1 
ATOM   757 N  N   . PRO D 1 52  ? 2.390   -7.609  -6.622  1.00 33.05 ? 28  PRO D N   1 
ATOM   758 C  CA  . PRO D 1 52  ? 1.956   -8.988  -6.848  1.00 36.50 ? 28  PRO D CA  1 
ATOM   759 C  C   . PRO D 1 52  ? 2.688   -9.729  -7.982  1.00 40.50 ? 28  PRO D C   1 
ATOM   760 O  O   . PRO D 1 52  ? 2.943   -10.947 -7.858  1.00 37.55 ? 28  PRO D O   1 
ATOM   761 C  CB  . PRO D 1 52  ? 0.477   -8.849  -7.238  1.00 36.53 ? 28  PRO D CB  1 
ATOM   762 C  CG  . PRO D 1 52  ? 0.033   -7.571  -6.569  1.00 35.04 ? 28  PRO D CG  1 
ATOM   763 C  CD  . PRO D 1 52  ? 1.254   -6.672  -6.594  1.00 33.98 ? 28  PRO D CD  1 
ATOM   764 N  N   . LYS D 1 53  ? 3.040   -8.994  -9.050  1.00 40.76 ? 29  LYS D N   1 
ATOM   765 C  CA  . LYS D 1 53  ? 3.639   -9.574  -10.254 1.00 45.45 ? 29  LYS D CA  1 
ATOM   766 C  C   . LYS D 1 53  ? 5.065   -10.072 -9.966  1.00 45.54 ? 29  LYS D C   1 
ATOM   767 O  O   . LYS D 1 53  ? 5.536   -11.010 -10.604 1.00 50.19 ? 29  LYS D O   1 
ATOM   768 C  CB  . LYS D 1 53  ? 3.561   -8.559  -11.400 1.00 47.67 ? 29  LYS D CB  1 
ATOM   769 C  CG  . LYS D 1 53  ? 2.135   -8.265  -11.870 1.00 51.14 ? 29  LYS D CG  1 
ATOM   770 C  CD  . LYS D 1 53  ? 2.007   -7.033  -12.739 1.00 52.33 ? 29  LYS D CD  1 
ATOM   771 C  CE  . LYS D 1 53  ? 0.607   -6.837  -13.283 1.00 55.23 ? 29  LYS D CE  1 
ATOM   772 N  NZ  . LYS D 1 53  ? 0.588   -5.843  -14.385 1.00 55.23 ? 29  LYS D NZ  1 
ATOM   773 N  N   . ALA D 1 54  ? 5.741   -9.467  -8.984  1.00 44.67 ? 30  ALA D N   1 
ATOM   774 C  CA  . ALA D 1 54  ? 7.083   -9.877  -8.588  1.00 43.64 ? 30  ALA D CA  1 
ATOM   775 C  C   . ALA D 1 54  ? 7.037   -11.314 -8.056  1.00 46.46 ? 30  ALA D C   1 
ATOM   776 O  O   . ALA D 1 54  ? 5.985   -11.826 -7.629  1.00 43.23 ? 30  ALA D O   1 
ATOM   777 C  CB  . ALA D 1 54  ? 7.640   -8.922  -7.556  1.00 44.47 ? 30  ALA D CB  1 
HETATM 778 ZN ZN  . ZN  E 2 .   ? -9.431  5.376   10.400  0.33 28.75 ? 101 ZN  B ZN  1 
HETATM 779 CL CL  . CL  F 3 .   ? -9.225  7.377   11.188  0.33 36.59 ? 102 CL  B CL  1 
HETATM 780 ZN ZN  . ZN  G 2 .   ? -10.895 -8.810  4.815   0.33 27.84 ? 101 ZN  D ZN  1 
HETATM 781 CL CL  . CL  H 3 .   ? -11.086 -10.655 4.089   0.33 35.15 ? 102 CL  D CL  1 
HETATM 782 O  O   . HOH I 4 .   ? -4.775  8.852   -13.930 1.00 22.94 ? 101 HOH A O   1 
HETATM 783 O  O   . HOH I 4 .   ? -6.095  20.233  6.719   1.00 31.09 ? 102 HOH A O   1 
HETATM 784 O  O   . HOH I 4 .   ? -1.353  20.099  -1.731  1.00 44.68 ? 103 HOH A O   1 
HETATM 785 O  O   . HOH J 4 .   ? -10.545 -1.124  6.266   1.00 38.84 ? 201 HOH B O   1 
HETATM 786 O  O   . HOH J 4 .   ? -11.710 11.020  -7.613  1.00 26.29 ? 202 HOH B O   1 
HETATM 787 O  O   . HOH J 4 .   ? -12.112 9.390   3.090   1.00 36.47 ? 203 HOH B O   1 
HETATM 788 O  O   . HOH J 4 .   ? 2.646   6.835   -2.961  1.00 30.19 ? 204 HOH B O   1 
HETATM 789 O  O   . HOH J 4 .   ? -12.661 14.659  5.057   1.00 40.29 ? 205 HOH B O   1 
HETATM 790 O  O   . HOH J 4 .   ? -3.802  5.180   9.625   1.00 37.18 ? 206 HOH B O   1 
HETATM 791 O  O   . HOH J 4 .   ? -8.562  9.073   5.974   1.00 41.64 ? 207 HOH B O   1 
HETATM 792 O  O   . HOH J 4 .   ? -1.012  10.559  6.392   1.00 45.63 ? 208 HOH B O   1 
HETATM 793 O  O   . HOH J 4 .   ? 9.042   11.927  -1.450  1.00 45.91 ? 209 HOH B O   1 
HETATM 794 O  O   . HOH K 4 .   ? 8.264   -13.698 -6.690  1.00 28.59 ? 101 HOH C O   1 
HETATM 795 O  O   . HOH K 4 .   ? 9.848   -11.861 -2.539  1.00 38.04 ? 102 HOH C O   1 
HETATM 796 O  O   . HOH K 4 .   ? 3.924   -11.693 -5.312  1.00 33.49 ? 103 HOH C O   1 
HETATM 797 O  O   . HOH K 4 .   ? 7.731   -20.525 5.127   1.00 50.17 ? 104 HOH C O   1 
HETATM 798 O  O   . HOH K 4 .   ? 7.760   -9.037  16.201  1.00 48.48 ? 105 HOH C O   1 
HETATM 799 O  O   . HOH L 4 .   ? -5.380  -0.398  10.323  1.00 37.38 ? 201 HOH D O   1 
HETATM 800 O  O   . HOH L 4 .   ? 10.355  -0.714  9.290   1.00 32.23 ? 202 HOH D O   1 
HETATM 801 O  O   . HOH L 4 .   ? 5.722   -6.195  -2.737  1.00 24.89 ? 203 HOH D O   1 
HETATM 802 O  O   . HOH L 4 .   ? 6.996   -8.306  -3.937  1.00 26.10 ? 204 HOH D O   1 
HETATM 803 O  O   . HOH L 4 .   ? -8.749  -7.736  0.068   1.00 33.66 ? 205 HOH D O   1 
HETATM 804 O  O   . HOH L 4 .   ? -11.322 -12.942 3.188   0.33 25.80 ? 206 HOH D O   1 
# 
